data_4MXW
#
_entry.id   4MXW
#
_cell.length_a   211.201
_cell.length_b   52.428
_cell.length_c   253.241
_cell.angle_alpha   90.00
_cell.angle_beta   101.10
_cell.angle_gamma   90.00
#
_symmetry.space_group_name_H-M   'C 1 2 1'
#
loop_
_entity.id
_entity.type
_entity.pdbx_description
1 polymer 'Tumor necrosis factor receptor superfamily member 3'
2 polymer Lymphotoxin-alpha
3 polymer Lymphotoxin-beta
4 polymer 'anti-Lymphotoxin alpha antibody heavy chain'
5 polymer 'anti-Lymphotoxin alpha antibody light chain'
#
loop_
_entity_poly.entity_id
_entity_poly.type
_entity_poly.pdbx_seq_one_letter_code
_entity_poly.pdbx_strand_id
1 'polypeptide(L)'
;ADLGSHHHHHHSSGLVPRGSHMQTCRDQEKEYYEPQHRICCSRCPPGTYVSAKCSRIRDTVCATCAENSYNEHWNYLTIC
QLCRPCDPVMGLEEIAPCTSKRKTQCRCQPGMFCAAWALECTHCELLSDCPPGTEAELKDEVGKGNNHCVPCKAGHFQNT
SSPSARCQPHTRCENQGLVEAAPGTAQSDTTCK
;
S,R
2 'polypeptide(L)'
;ADLGSDYKDDDDKKPAAHLIGDPSKQNSLLWRANTDRAFLQDGFSLSNNSLLVPTSGIYFVYSQVVFSGKAYSPKATSSP
LYLAHEVQLFSSQYPFHVPLLSSQKMVYPGLQEPWLHSMYHGAAFQLTQGDQLSTHTDGIPHLVLSPSTVFFGAFAL
;
X,A
3 'polypeptide(L)'
;MLLVNQSHQGFNKEHTSKMVSAIVLYVLLAAAAHSAFAADLGSGLPAAHLIGAPLKGQGLGWETTKEQAFLTSGTQFSDA
EGLALPQDGLYYLYCLVGYRGRAPPGGGDPQGRSVTLRSSLYRAGGAYGPGTPELLLEGAETVTPVLDPARRQGYGPLWY
TSVGFGGLVQLRRGERVYVNISHPDMVDFARGKTFFGAVMVGHHHHHHHH
;
Y,Z,B,D
4 'polypeptide(L)'
;EVQLVESGGGLVQPGGSLRLSCAASGYTFTSYVIHWVRQAPGKGLEWVGYNNPYNAGTNYNEKFKGRFTISSDKSKNTAY
LQMNSLRAEDTAVYYCSRPTMLPWFAYWGQGTLVTVSSASTKGPSVFPLAPSGTAALGCLVKDYFPEPVTVSWNSGALTS
GVHTFPAVLQSSGLYSLSSVVTVPSSSLGTQTYICNVNHKPSNTKVDKKVEPK
;
W,H
5 'polypeptide(L)'
;DIQMTQSPSSLSASVGDRVTITCRASQAVSSAVAWYQQKPGKAPKLLIYSASHRYTGVPSRFSGSGSGTDFTLTISSLQP
EDFATYYCQESYSTPWTFGQGTKVEIKRTVAAPSVFIFPPSDEQLKSGTASVVCLLNNFYPREAKVQWKVDNALQSGNSQ
ESVTEQDSKDSTYSLSSTLTLSKADYEKHKVYACEVTHQGLSSPVTKSFNR
;
V,L
#
# COMPACT_ATOMS: atom_id res chain seq x y z
N CYS A 25 79.23 46.94 -10.84
CA CYS A 25 79.43 47.81 -12.00
C CYS A 25 80.92 48.08 -12.22
N ARG A 26 81.22 49.14 -12.99
CA ARG A 26 82.60 49.58 -13.25
C ARG A 26 83.10 50.40 -12.07
N ASP A 27 83.90 51.43 -12.35
CA ASP A 27 84.25 52.41 -11.34
C ASP A 27 83.02 53.21 -10.97
N GLN A 28 82.98 53.66 -9.72
CA GLN A 28 81.75 54.19 -9.14
C GLN A 28 81.64 55.72 -9.15
N GLU A 29 80.61 56.19 -8.47
CA GLU A 29 80.39 57.60 -8.16
C GLU A 29 80.31 58.54 -9.37
N LYS A 30 80.47 58.01 -10.57
CA LYS A 30 80.18 58.79 -11.78
C LYS A 30 79.28 57.94 -12.68
N GLU A 31 79.15 56.66 -12.32
CA GLU A 31 78.35 55.72 -13.08
C GLU A 31 77.37 55.02 -12.14
N TYR A 32 76.30 54.46 -12.68
CA TYR A 32 75.34 53.68 -11.90
C TYR A 32 74.75 52.64 -12.83
N TYR A 33 74.07 51.65 -12.25
CA TYR A 33 73.55 50.44 -12.94
C TYR A 33 72.11 50.61 -13.33
N GLU A 34 71.72 50.60 -14.62
CA GLU A 34 70.28 50.61 -14.95
C GLU A 34 69.79 49.25 -15.38
N PRO A 35 68.80 48.68 -14.66
CA PRO A 35 68.54 47.27 -14.92
C PRO A 35 67.64 46.99 -16.13
N GLN A 36 67.16 48.05 -16.77
CA GLN A 36 66.30 47.91 -17.94
C GLN A 36 67.14 47.54 -19.17
N HIS A 37 68.44 47.72 -19.05
CA HIS A 37 69.39 47.18 -20.00
C HIS A 37 70.53 46.52 -19.19
N ARG A 38 71.37 45.70 -19.79
CA ARG A 38 72.40 45.07 -18.98
C ARG A 38 73.77 45.73 -19.24
N ILE A 39 73.76 47.05 -19.22
CA ILE A 39 74.97 47.83 -19.34
C ILE A 39 74.86 49.01 -18.38
N CYS A 40 75.91 49.28 -17.62
CA CYS A 40 75.85 50.39 -16.66
C CYS A 40 76.41 51.68 -17.26
N CYS A 41 75.70 52.78 -16.97
CA CYS A 41 75.87 54.02 -17.73
C CYS A 41 76.11 55.20 -16.77
N SER A 42 76.10 56.42 -17.28
CA SER A 42 76.61 57.57 -16.50
C SER A 42 75.63 58.10 -15.47
N ARG A 43 76.16 58.51 -14.32
CA ARG A 43 75.39 59.22 -13.31
C ARG A 43 75.01 60.60 -13.84
N CYS A 44 74.30 61.37 -13.04
CA CYS A 44 74.05 62.76 -13.40
C CYS A 44 74.88 63.67 -12.51
N PRO A 45 75.30 64.82 -13.05
CA PRO A 45 76.17 65.72 -12.29
C PRO A 45 75.39 66.56 -11.28
N PRO A 46 76.04 66.94 -10.16
CA PRO A 46 75.40 67.81 -9.18
C PRO A 46 74.66 68.96 -9.86
N GLY A 47 73.40 69.18 -9.50
CA GLY A 47 72.68 70.33 -9.99
C GLY A 47 71.76 69.89 -11.08
N THR A 48 71.75 68.58 -11.32
CA THR A 48 70.86 68.03 -12.31
C THR A 48 70.13 66.78 -11.84
N TYR A 49 69.03 66.54 -12.55
CA TYR A 49 68.20 65.38 -12.37
C TYR A 49 68.11 64.65 -13.72
N VAL A 50 67.94 63.34 -13.70
CA VAL A 50 67.78 62.54 -14.92
C VAL A 50 66.51 62.85 -15.70
N SER A 51 66.67 63.32 -16.95
CA SER A 51 65.53 63.57 -17.83
C SER A 51 65.26 62.41 -18.82
N ALA A 52 66.14 61.41 -18.83
CA ALA A 52 66.04 60.22 -19.68
C ALA A 52 67.15 59.23 -19.36
N LYS A 53 66.87 57.93 -19.50
CA LYS A 53 67.83 56.90 -19.09
C LYS A 53 68.71 56.45 -20.24
N CYS A 54 69.70 55.64 -19.91
CA CYS A 54 70.48 54.92 -20.91
C CYS A 54 69.62 54.12 -21.87
N SER A 55 69.87 54.32 -23.15
CA SER A 55 69.55 53.33 -24.16
C SER A 55 70.82 52.50 -24.34
N ARG A 56 70.96 51.89 -25.50
CA ARG A 56 72.20 51.23 -25.84
C ARG A 56 72.69 51.94 -27.08
N ILE A 57 72.21 53.17 -27.21
CA ILE A 57 72.72 54.17 -28.15
C ILE A 57 72.77 55.53 -27.46
N ARG A 58 72.21 55.60 -26.26
CA ARG A 58 72.14 56.87 -25.51
C ARG A 58 72.78 56.79 -24.13
N ASP A 59 73.27 57.91 -23.64
CA ASP A 59 73.69 57.97 -22.24
C ASP A 59 72.67 58.80 -21.48
N THR A 60 72.53 58.50 -20.19
CA THR A 60 71.72 59.27 -19.25
C THR A 60 71.61 60.77 -19.56
N VAL A 61 70.42 61.22 -19.91
CA VAL A 61 70.23 62.65 -20.15
C VAL A 61 69.92 63.37 -18.82
N CYS A 62 70.58 64.48 -18.54
CA CYS A 62 70.27 65.26 -17.33
C CYS A 62 69.56 66.57 -17.64
N ALA A 63 69.22 67.30 -16.58
CA ALA A 63 68.63 68.63 -16.70
C ALA A 63 68.78 69.35 -15.36
N THR A 64 69.04 70.64 -15.41
CA THR A 64 69.32 71.44 -14.21
C THR A 64 68.05 71.69 -13.38
N CYS A 65 68.17 71.58 -12.05
CA CYS A 65 67.01 71.66 -11.13
C CYS A 65 66.49 73.11 -11.01
N ALA A 66 65.31 73.30 -10.43
CA ALA A 66 64.71 74.64 -10.39
C ALA A 66 65.05 75.52 -9.21
N GLU A 67 64.44 76.69 -9.21
CA GLU A 67 64.67 77.62 -8.15
C GLU A 67 64.13 77.03 -6.88
N ASN A 68 65.07 76.78 -5.97
CA ASN A 68 64.93 76.15 -4.66
C ASN A 68 65.10 74.66 -4.75
N SER A 69 65.39 74.17 -5.95
CA SER A 69 65.75 72.75 -6.11
C SER A 69 67.26 72.56 -6.10
N TYR A 70 67.74 71.58 -5.34
CA TYR A 70 69.17 71.33 -5.24
C TYR A 70 69.54 69.85 -5.10
N ASN A 71 70.75 69.47 -5.55
CA ASN A 71 71.30 68.14 -5.26
C ASN A 71 72.76 68.24 -4.86
N GLU A 72 73.31 67.16 -4.32
CA GLU A 72 74.61 67.28 -3.67
C GLU A 72 75.66 66.30 -4.11
N HIS A 73 75.28 65.39 -4.98
CA HIS A 73 76.17 64.38 -5.45
C HIS A 73 75.79 63.90 -6.82
N TRP A 74 76.72 63.23 -7.48
CA TRP A 74 76.36 62.48 -8.66
C TRP A 74 75.27 61.55 -8.22
N ASN A 75 74.12 61.66 -8.87
CA ASN A 75 72.92 60.94 -8.42
C ASN A 75 72.12 60.27 -9.55
N TYR A 76 71.72 59.01 -9.35
CA TYR A 76 70.71 58.42 -10.21
C TYR A 76 69.30 58.79 -9.79
N LEU A 77 69.13 59.90 -9.06
CA LEU A 77 67.80 60.40 -8.63
C LEU A 77 67.11 61.11 -9.79
N THR A 78 65.81 60.92 -9.96
CA THR A 78 65.07 61.52 -11.10
C THR A 78 64.37 62.84 -10.78
N ILE A 79 64.62 63.34 -9.57
CA ILE A 79 64.07 64.62 -9.07
C ILE A 79 65.03 65.25 -8.02
N CYS A 80 65.05 66.58 -7.96
CA CYS A 80 65.92 67.35 -7.06
C CYS A 80 65.32 67.55 -5.68
N GLN A 81 66.15 67.54 -4.64
CA GLN A 81 65.73 67.90 -3.27
C GLN A 81 65.21 69.36 -3.13
N LEU A 82 64.74 69.74 -1.94
CA LEU A 82 64.22 71.11 -1.71
C LEU A 82 65.09 71.98 -0.78
N CYS A 83 65.60 73.09 -1.33
CA CYS A 83 66.23 74.16 -0.55
C CYS A 83 65.26 74.71 0.48
N ARG A 84 65.61 74.61 1.76
CA ARG A 84 64.79 75.16 2.82
C ARG A 84 65.41 76.44 3.37
N PRO A 85 64.61 77.23 4.09
CA PRO A 85 65.24 78.36 4.80
C PRO A 85 65.79 77.86 6.12
N CYS A 86 66.38 78.76 6.87
CA CYS A 86 67.00 78.40 8.11
C CYS A 86 65.97 78.56 9.22
N ASP A 87 65.71 77.47 9.94
CA ASP A 87 64.66 77.39 10.95
C ASP A 87 65.26 77.84 12.23
N PRO A 88 64.71 78.91 12.82
CA PRO A 88 65.15 79.42 14.12
C PRO A 88 65.08 78.34 15.21
N VAL A 89 66.09 77.49 15.14
CA VAL A 89 66.38 76.45 16.12
C VAL A 89 67.59 76.91 16.92
N GLU A 94 73.13 81.77 9.75
CA GLU A 94 72.26 81.41 8.60
C GLU A 94 72.84 81.73 7.27
N ILE A 95 73.99 82.38 7.40
CA ILE A 95 75.07 82.49 6.40
C ILE A 95 74.86 81.61 5.18
N ALA A 96 75.02 82.19 4.00
CA ALA A 96 74.36 81.68 2.81
C ALA A 96 75.29 80.70 1.99
N PRO A 97 74.92 80.20 0.76
CA PRO A 97 73.68 80.45 0.03
C PRO A 97 72.64 79.32 0.04
N CYS A 98 72.23 79.04 -1.17
CA CYS A 98 71.50 77.87 -1.65
C CYS A 98 71.88 78.04 -3.13
N THR A 99 71.54 77.06 -3.97
CA THR A 99 71.64 77.04 -5.44
C THR A 99 71.58 75.61 -5.84
N SER A 100 71.56 75.38 -7.15
CA SER A 100 71.31 74.04 -7.66
C SER A 100 72.39 73.08 -7.35
N LYS A 101 73.45 73.57 -6.78
CA LYS A 101 74.62 72.72 -6.71
C LYS A 101 74.93 72.33 -5.28
N ARG A 102 74.84 73.27 -4.34
CA ARG A 102 74.78 72.86 -2.95
C ARG A 102 73.79 73.79 -2.25
N LYS A 103 73.64 73.60 -0.95
CA LYS A 103 72.34 73.83 -0.28
C LYS A 103 72.30 75.08 0.53
N THR A 104 71.21 75.22 1.28
CA THR A 104 71.22 76.06 2.42
C THR A 104 72.43 75.82 3.24
N GLN A 105 73.55 76.53 2.98
CA GLN A 105 74.75 76.35 3.83
C GLN A 105 74.67 77.07 5.19
N CYS A 106 73.50 76.94 5.82
CA CYS A 106 73.22 77.43 7.16
C CYS A 106 74.19 76.95 8.20
N ARG A 107 74.47 77.78 9.20
CA ARG A 107 75.31 77.38 10.33
C ARG A 107 75.26 78.33 11.55
N LYS B 13 36.84 43.26 -6.71
CA LYS B 13 36.19 43.51 -5.40
C LYS B 13 37.20 43.36 -4.25
N LYS B 14 37.38 44.46 -3.55
CA LYS B 14 38.26 44.51 -2.41
C LYS B 14 37.63 45.13 -1.17
N PRO B 15 37.56 44.34 -0.11
CA PRO B 15 36.92 44.68 1.15
C PRO B 15 37.66 45.77 1.93
N ALA B 16 36.88 46.57 2.65
CA ALA B 16 37.36 47.61 3.55
C ALA B 16 36.25 47.93 4.52
N ALA B 17 36.60 48.09 5.79
CA ALA B 17 35.66 48.51 6.81
C ALA B 17 36.19 49.74 7.51
N HIS B 18 35.30 50.63 7.87
CA HIS B 18 35.64 51.83 8.62
C HIS B 18 34.61 52.04 9.72
N LEU B 19 35.03 51.79 10.95
CA LEU B 19 34.10 51.89 12.07
C LEU B 19 34.40 53.11 12.95
N ILE B 20 33.35 53.85 13.31
CA ILE B 20 33.49 54.92 14.30
C ILE B 20 32.76 54.55 15.59
N GLY B 21 33.07 55.26 16.67
CA GLY B 21 32.45 54.98 17.95
C GLY B 21 31.09 55.64 18.02
N ASP B 22 30.20 55.05 18.80
CA ASP B 22 28.89 55.66 19.08
C ASP B 22 29.02 56.59 20.28
N PRO B 23 28.81 57.89 20.05
CA PRO B 23 28.99 58.96 21.04
C PRO B 23 27.89 58.99 22.11
N SER B 24 26.83 58.22 21.92
CA SER B 24 25.71 58.21 22.86
C SER B 24 26.07 57.44 24.13
N LYS B 25 27.04 56.54 24.00
CA LYS B 25 27.31 55.55 25.04
C LYS B 25 28.48 55.97 25.90
N GLN B 26 29.23 56.95 25.41
CA GLN B 26 30.39 57.59 26.04
C GLN B 26 31.19 56.78 27.06
N ASN B 27 30.51 56.00 27.90
CA ASN B 27 31.21 55.13 28.84
C ASN B 27 31.44 53.70 28.36
N SER B 28 31.59 53.55 27.04
CA SER B 28 31.98 52.27 26.41
C SER B 28 32.25 52.52 24.92
N LEU B 29 33.24 51.82 24.38
CA LEU B 29 33.68 52.06 23.01
C LEU B 29 32.95 51.10 22.09
N LEU B 30 31.77 51.51 21.67
CA LEU B 30 30.95 50.65 20.81
C LEU B 30 31.17 51.01 19.35
N TRP B 31 31.53 50.02 18.54
CA TRP B 31 31.80 50.27 17.12
C TRP B 31 30.52 50.17 16.31
N ARG B 32 30.33 51.17 15.43
CA ARG B 32 29.18 51.21 14.54
C ARG B 32 29.64 51.51 13.11
N ALA B 33 28.93 50.96 12.13
CA ALA B 33 29.23 51.14 10.71
C ALA B 33 27.97 51.50 9.94
N ASN B 34 27.25 52.52 10.40
CA ASN B 34 25.98 52.92 9.79
C ASN B 34 26.05 54.29 9.13
N THR B 35 26.91 55.19 9.63
CA THR B 35 26.89 56.60 9.19
C THR B 35 27.32 56.79 7.74
N ASP B 36 27.29 58.05 7.29
CA ASP B 36 27.71 58.36 5.94
C ASP B 36 29.19 58.11 5.78
N ARG B 37 29.95 58.35 6.86
CA ARG B 37 31.41 58.22 6.82
C ARG B 37 31.92 57.00 7.57
N ALA B 38 31.05 56.04 7.85
CA ALA B 38 31.44 54.78 8.48
C ALA B 38 30.68 53.66 7.80
N PHE B 39 31.38 52.58 7.45
CA PHE B 39 30.80 51.61 6.53
C PHE B 39 31.48 50.25 6.58
N LEU B 40 30.86 49.29 5.90
CA LEU B 40 31.46 48.00 5.59
C LEU B 40 31.45 47.86 4.09
N GLN B 41 32.54 47.43 3.48
CA GLN B 41 32.51 47.27 2.04
C GLN B 41 32.93 45.88 1.62
N ASP B 42 32.19 45.33 0.65
CA ASP B 42 32.64 44.15 -0.09
C ASP B 42 32.93 42.93 0.74
N GLY B 43 32.27 42.81 1.88
CA GLY B 43 32.38 41.60 2.65
C GLY B 43 32.70 41.75 4.12
N PHE B 44 33.11 42.94 4.56
CA PHE B 44 33.37 43.10 5.99
C PHE B 44 32.06 43.00 6.78
N SER B 45 32.18 42.46 7.99
CA SER B 45 31.04 42.16 8.84
C SER B 45 31.35 42.43 10.31
N LEU B 46 30.31 42.62 11.12
CA LEU B 46 30.52 42.83 12.56
C LEU B 46 29.99 41.64 13.38
N SER B 47 30.51 41.50 14.61
CA SER B 47 30.18 40.38 15.49
C SER B 47 30.60 40.63 16.94
N ASN B 48 29.68 41.15 17.74
CA ASN B 48 29.95 41.57 19.12
C ASN B 48 31.16 42.51 19.17
N ASN B 49 31.00 43.68 18.57
CA ASN B 49 32.04 44.72 18.54
C ASN B 49 33.39 44.27 17.96
N SER B 50 33.39 43.15 17.25
CA SER B 50 34.58 42.70 16.52
C SER B 50 34.34 42.75 15.02
N LEU B 51 35.40 42.96 14.26
CA LEU B 51 35.31 43.04 12.81
C LEU B 51 35.72 41.68 12.21
N LEU B 52 34.82 41.05 11.47
CA LEU B 52 35.12 39.71 10.95
C LEU B 52 35.78 39.75 9.60
N VAL B 53 37.05 39.36 9.59
CA VAL B 53 37.83 39.36 8.38
C VAL B 53 37.17 38.52 7.28
N PRO B 54 36.72 39.20 6.24
CA PRO B 54 35.89 38.66 5.17
C PRO B 54 36.58 37.61 4.34
N THR B 55 37.88 37.77 4.05
CA THR B 55 38.65 36.79 3.28
C THR B 55 40.08 36.66 3.76
N SER B 56 40.64 35.45 3.76
CA SER B 56 42.06 35.31 4.02
C SER B 56 42.93 36.13 3.02
N GLY B 57 43.84 36.95 3.55
CA GLY B 57 44.65 37.86 2.75
C GLY B 57 45.46 38.86 3.59
N ILE B 58 46.07 39.86 2.93
CA ILE B 58 46.86 40.90 3.61
C ILE B 58 46.08 42.21 3.76
N TYR B 59 45.86 42.61 5.00
CA TYR B 59 45.09 43.80 5.26
C TYR B 59 45.92 44.85 5.96
N PHE B 60 45.66 46.12 5.66
CA PHE B 60 46.16 47.20 6.48
C PHE B 60 45.07 47.56 7.50
N VAL B 61 45.33 47.33 8.79
CA VAL B 61 44.36 47.63 9.81
C VAL B 61 44.84 48.77 10.70
N TYR B 62 43.99 49.78 10.88
CA TYR B 62 44.34 50.97 11.61
C TYR B 62 43.29 51.39 12.64
N SER B 63 43.69 52.18 13.62
CA SER B 63 42.76 52.73 14.61
C SER B 63 43.38 53.89 15.35
N GLN B 64 42.56 54.86 15.73
CA GLN B 64 43.01 56.00 16.51
C GLN B 64 42.06 56.38 17.65
N VAL B 65 42.65 56.70 18.81
CA VAL B 65 41.87 57.22 19.92
C VAL B 65 42.42 58.57 20.34
N VAL B 66 41.53 59.41 20.88
CA VAL B 66 41.90 60.75 21.34
C VAL B 66 41.41 60.98 22.75
N PHE B 67 42.22 61.63 23.56
CA PHE B 67 41.90 61.75 24.96
C PHE B 67 41.89 63.20 25.45
N SER B 68 40.87 63.52 26.26
CA SER B 68 40.67 64.85 26.81
C SER B 68 40.24 64.77 28.28
N PRO B 80 47.71 59.43 39.32
CA PRO B 80 48.28 59.02 38.02
C PRO B 80 47.24 58.38 37.11
N LEU B 81 47.09 58.93 35.91
CA LEU B 81 46.13 58.42 34.93
C LEU B 81 46.83 57.64 33.82
N TYR B 82 46.31 56.45 33.54
CA TYR B 82 46.84 55.53 32.54
C TYR B 82 45.97 55.56 31.28
N LEU B 83 46.61 55.73 30.11
CA LEU B 83 45.90 55.66 28.83
C LEU B 83 46.47 54.64 27.88
N ALA B 84 45.59 53.84 27.29
CA ALA B 84 46.03 52.79 26.40
C ALA B 84 45.01 52.44 25.35
N HIS B 85 45.48 51.88 24.26
CA HIS B 85 44.55 51.50 23.20
C HIS B 85 45.13 50.47 22.26
N GLU B 86 44.64 49.25 22.33
CA GLU B 86 45.21 48.25 21.46
C GLU B 86 44.19 47.61 20.53
N VAL B 87 44.61 47.42 19.28
CA VAL B 87 43.87 46.62 18.31
C VAL B 87 44.43 45.21 18.35
N GLN B 88 43.59 44.25 18.73
CA GLN B 88 44.03 42.88 18.95
C GLN B 88 43.30 41.88 18.03
N LEU B 89 43.96 40.75 17.77
CA LEU B 89 43.39 39.65 17.00
C LEU B 89 43.08 38.42 17.87
N PHE B 90 41.85 37.95 17.81
CA PHE B 90 41.43 36.84 18.65
C PHE B 90 41.88 35.50 18.11
N SER B 91 42.43 34.66 18.98
CA SER B 91 42.99 33.37 18.57
C SER B 91 42.53 32.22 19.48
N SER B 92 42.49 31.01 18.92
CA SER B 92 42.11 29.82 19.68
C SER B 92 43.23 29.44 20.62
N GLN B 93 44.45 29.46 20.08
CA GLN B 93 45.61 28.93 20.78
C GLN B 93 46.09 29.86 21.88
N TYR B 94 47.24 29.49 22.44
CA TYR B 94 47.89 30.12 23.59
C TYR B 94 47.36 31.49 24.10
N PRO B 95 47.78 32.63 23.51
CA PRO B 95 47.42 33.77 24.38
C PRO B 95 45.95 34.25 24.29
N PHE B 96 45.16 33.66 23.40
CA PHE B 96 43.77 34.06 23.15
C PHE B 96 43.68 35.43 22.50
N HIS B 97 43.87 36.47 23.30
CA HIS B 97 43.82 37.84 22.80
C HIS B 97 45.22 38.31 22.42
N VAL B 98 45.53 38.24 21.14
CA VAL B 98 46.84 38.66 20.65
C VAL B 98 46.77 40.06 20.03
N PRO B 99 47.41 41.04 20.71
CA PRO B 99 47.46 42.41 20.21
C PRO B 99 48.36 42.56 18.99
N LEU B 100 47.97 43.48 18.12
CA LEU B 100 48.70 43.73 16.91
C LEU B 100 49.26 45.14 16.93
N LEU B 101 48.44 46.05 17.44
CA LEU B 101 48.84 47.45 17.50
C LEU B 101 48.58 47.95 18.90
N SER B 102 49.62 48.23 19.68
CA SER B 102 49.36 48.78 21.02
C SER B 102 50.18 50.02 21.30
N SER B 103 49.61 50.88 22.13
CA SER B 103 50.27 52.09 22.53
C SER B 103 49.73 52.61 23.87
N GLN B 104 50.64 53.13 24.68
CA GLN B 104 50.33 53.63 26.01
C GLN B 104 50.76 55.10 26.18
N LYS B 105 50.34 55.69 27.30
CA LYS B 105 50.64 57.07 27.63
C LYS B 105 50.27 57.34 29.08
N MET B 106 51.25 57.78 29.87
CA MET B 106 50.97 58.20 31.24
C MET B 106 50.75 59.71 31.32
N VAL B 107 49.65 60.11 31.97
CA VAL B 107 49.46 61.52 32.35
C VAL B 107 49.44 61.58 33.88
N TYR B 108 50.21 62.50 34.46
CA TYR B 108 50.37 62.55 35.90
C TYR B 108 49.76 63.81 36.51
N PRO B 109 49.23 63.69 37.74
CA PRO B 109 48.63 64.83 38.45
C PRO B 109 49.55 66.06 38.38
N GLY B 110 48.94 67.24 38.33
CA GLY B 110 49.66 68.48 38.06
C GLY B 110 48.93 69.12 36.90
N LEU B 111 47.74 68.58 36.67
CA LEU B 111 46.84 68.98 35.62
C LEU B 111 46.29 70.38 35.84
N GLN B 112 46.84 71.34 35.11
CA GLN B 112 46.33 72.71 35.12
C GLN B 112 45.73 73.14 33.77
N GLU B 113 46.13 72.46 32.70
CA GLU B 113 45.60 72.72 31.35
C GLU B 113 44.64 71.70 30.73
N PRO B 114 43.80 72.15 29.77
CA PRO B 114 43.04 71.26 28.88
C PRO B 114 43.99 70.42 28.03
N TRP B 115 44.73 69.53 28.68
CA TRP B 115 45.52 68.49 28.02
C TRP B 115 44.75 67.73 26.93
N LEU B 116 45.48 67.24 25.93
CA LEU B 116 44.89 66.44 24.85
C LEU B 116 45.93 65.44 24.28
N HIS B 117 45.46 64.35 23.68
CA HIS B 117 46.36 63.28 23.23
C HIS B 117 45.73 62.36 22.19
N SER B 118 46.51 61.98 21.19
CA SER B 118 46.02 61.19 20.07
C SER B 118 46.97 60.03 19.75
N MET B 119 46.62 58.86 20.23
CA MET B 119 47.35 57.65 19.85
C MET B 119 46.75 57.10 18.57
N TYR B 120 47.50 57.17 17.48
CA TYR B 120 47.09 56.53 16.22
C TYR B 120 48.02 55.40 15.92
N HIS B 121 47.52 54.34 15.28
CA HIS B 121 48.41 53.32 14.74
C HIS B 121 47.72 52.37 13.77
N GLY B 122 48.46 52.04 12.72
CA GLY B 122 48.00 51.13 11.70
C GLY B 122 49.18 50.31 11.27
N ALA B 123 48.91 49.24 10.53
CA ALA B 123 49.97 48.32 10.07
C ALA B 123 49.38 47.34 9.05
N ALA B 124 50.20 46.40 8.59
CA ALA B 124 49.72 45.39 7.63
C ALA B 124 49.91 44.01 8.22
N PHE B 125 48.86 43.20 8.15
CA PHE B 125 48.86 41.86 8.75
C PHE B 125 48.34 40.81 7.79
N GLN B 126 48.76 39.56 8.03
CA GLN B 126 48.22 38.38 7.36
C GLN B 126 47.06 37.85 8.18
N LEU B 127 45.87 37.76 7.57
CA LEU B 127 44.66 37.34 8.30
C LEU B 127 43.90 36.23 7.58
N THR B 128 43.31 35.31 8.35
CA THR B 128 42.54 34.24 7.77
C THR B 128 41.08 34.69 7.76
N GLN B 129 40.26 33.99 7.00
CA GLN B 129 38.84 34.33 6.95
C GLN B 129 38.15 34.11 8.27
N GLY B 130 37.30 35.03 8.66
CA GLY B 130 36.58 34.82 9.90
C GLY B 130 37.44 35.19 11.08
N ASP B 131 38.59 35.81 10.80
CA ASP B 131 39.39 36.36 11.87
C ASP B 131 38.64 37.50 12.55
N GLN B 132 38.89 37.67 13.84
CA GLN B 132 38.14 38.63 14.62
C GLN B 132 39.02 39.72 15.24
N LEU B 133 38.98 40.88 14.60
CA LEU B 133 39.66 42.06 15.08
C LEU B 133 38.80 42.80 16.10
N SER B 134 39.37 43.11 17.26
CA SER B 134 38.64 43.87 18.28
C SER B 134 39.55 44.84 18.99
N THR B 135 39.02 45.90 19.57
CA THR B 135 39.89 46.85 20.24
C THR B 135 39.54 47.07 21.69
N HIS B 136 40.58 47.11 22.50
CA HIS B 136 40.42 47.22 23.93
C HIS B 136 41.25 48.37 24.45
N THR B 137 40.61 49.31 25.13
CA THR B 137 41.30 50.56 25.44
C THR B 137 41.16 50.88 26.91
N ASP B 138 42.21 51.44 27.49
CA ASP B 138 42.15 51.95 28.84
C ASP B 138 42.00 53.45 28.79
N GLY B 139 41.12 53.98 29.63
CA GLY B 139 40.86 55.40 29.72
C GLY B 139 39.66 55.85 28.92
N ILE B 140 38.68 54.95 28.79
CA ILE B 140 37.44 55.18 28.04
C ILE B 140 36.73 56.52 28.33
N PRO B 141 36.48 56.84 29.62
CA PRO B 141 35.67 58.04 29.88
C PRO B 141 36.29 59.35 29.39
N HIS B 142 37.55 59.28 28.98
CA HIS B 142 38.27 60.42 28.43
C HIS B 142 38.18 60.52 26.90
N LEU B 143 37.65 59.47 26.28
CA LEU B 143 37.56 59.39 24.83
C LEU B 143 36.72 60.52 24.23
N VAL B 144 37.22 61.08 23.12
CA VAL B 144 36.58 62.17 22.40
C VAL B 144 35.81 61.60 21.21
N LEU B 145 34.68 60.94 21.49
CA LEU B 145 33.96 60.21 20.44
C LEU B 145 33.51 61.12 19.28
N SER B 146 33.91 60.73 18.07
CA SER B 146 33.67 61.49 16.85
C SER B 146 34.14 60.73 15.60
N PRO B 147 33.63 61.11 14.40
CA PRO B 147 34.08 60.54 13.12
C PRO B 147 35.46 61.06 12.73
N SER B 148 35.94 62.07 13.46
CA SER B 148 37.23 62.69 13.22
C SER B 148 38.32 62.03 14.02
N THR B 149 37.95 61.55 15.21
CA THR B 149 38.95 61.16 16.22
C THR B 149 39.06 59.69 16.54
N VAL B 150 38.04 59.15 17.19
CA VAL B 150 38.05 57.74 17.59
C VAL B 150 37.47 56.87 16.48
N PHE B 151 38.32 56.04 15.87
CA PHE B 151 37.89 55.12 14.82
C PHE B 151 38.77 53.88 14.70
N PHE B 152 38.36 52.96 13.83
CA PHE B 152 38.99 51.66 13.71
C PHE B 152 38.50 50.94 12.45
N GLY B 153 39.43 50.67 11.55
CA GLY B 153 39.07 50.08 10.28
C GLY B 153 40.24 49.36 9.64
N ALA B 154 39.99 48.71 8.50
CA ALA B 154 41.04 47.96 7.82
C ALA B 154 40.63 47.84 6.39
N PHE B 155 41.61 47.67 5.51
CA PHE B 155 41.32 47.46 4.09
C PHE B 155 42.24 46.38 3.52
N ALA B 156 41.70 45.58 2.61
CA ALA B 156 42.50 44.58 1.95
C ALA B 156 43.45 45.25 0.98
N LEU B 157 44.60 44.63 0.77
CA LEU B 157 45.46 45.05 -0.31
C LEU B 157 45.49 43.94 -1.34
N LEU C 45 45.85 53.95 -10.86
CA LEU C 45 45.98 54.15 -9.42
C LEU C 45 46.38 55.56 -9.05
N PRO C 46 45.37 56.41 -8.75
CA PRO C 46 45.57 57.80 -8.37
C PRO C 46 46.19 57.91 -7.00
N ALA C 47 47.17 58.80 -6.83
CA ALA C 47 47.85 58.93 -5.55
C ALA C 47 48.50 60.29 -5.43
N ALA C 48 48.81 60.65 -4.20
CA ALA C 48 49.49 61.90 -3.95
C ALA C 48 50.29 61.77 -2.67
N HIS C 49 51.46 62.40 -2.65
CA HIS C 49 52.27 62.58 -1.45
C HIS C 49 52.85 63.96 -1.53
N LEU C 50 52.58 64.77 -0.53
CA LEU C 50 53.01 66.17 -0.52
C LEU C 50 53.88 66.44 0.72
N ILE C 51 54.92 67.29 0.57
CA ILE C 51 55.75 67.67 1.73
C ILE C 51 55.52 69.11 2.22
N GLY C 52 55.58 69.31 3.53
CA GLY C 52 55.46 70.64 4.12
C GLY C 52 56.58 71.57 3.68
N ALA C 53 56.21 72.84 3.43
CA ALA C 53 57.15 73.85 3.00
C ALA C 53 56.85 75.18 3.66
N PRO C 54 57.90 75.91 4.04
CA PRO C 54 57.69 77.22 4.66
C PRO C 54 57.51 78.30 3.61
N LEU C 55 56.36 78.97 3.66
CA LEU C 55 56.03 80.09 2.76
C LEU C 55 55.49 81.26 3.58
N LYS C 56 55.68 82.46 3.03
CA LYS C 56 55.53 83.78 3.67
C LYS C 56 56.65 83.96 4.67
N GLY C 57 56.64 85.06 5.41
CA GLY C 57 57.68 85.32 6.40
C GLY C 57 57.15 86.23 7.50
N LEU C 60 52.56 78.45 5.90
CA LEU C 60 52.69 77.05 5.52
C LEU C 60 52.08 76.72 4.17
N GLY C 61 52.84 76.05 3.30
CA GLY C 61 52.35 75.57 2.02
C GLY C 61 52.73 74.13 1.77
N TRP C 62 52.32 73.59 0.62
CA TRP C 62 52.62 72.19 0.32
C TRP C 62 53.36 71.97 -1.01
N GLU C 63 54.47 71.26 -0.91
CA GLU C 63 55.34 70.93 -2.04
C GLU C 63 54.89 69.64 -2.70
N THR C 64 55.02 69.60 -4.02
CA THR C 64 54.47 68.54 -4.85
C THR C 64 55.48 67.85 -5.77
N THR C 65 56.72 68.36 -5.84
CA THR C 65 57.71 67.83 -6.79
C THR C 65 59.05 67.43 -6.19
N LYS C 66 59.55 68.14 -5.20
CA LYS C 66 60.89 67.94 -4.60
C LYS C 66 60.97 66.60 -3.85
N GLU C 67 62.17 66.17 -3.48
CA GLU C 67 62.37 64.97 -2.65
C GLU C 67 61.35 63.90 -2.95
N GLN C 68 60.38 63.76 -2.06
CA GLN C 68 59.47 62.62 -2.09
C GLN C 68 58.13 62.94 -2.66
N ALA C 69 57.79 64.21 -2.69
CA ALA C 69 56.48 64.61 -3.17
C ALA C 69 56.22 64.22 -4.63
N PHE C 70 54.96 63.97 -4.97
CA PHE C 70 54.55 63.60 -6.33
C PHE C 70 53.06 63.62 -6.52
N LEU C 71 52.64 63.85 -7.75
CA LEU C 71 51.24 63.65 -8.12
C LEU C 71 51.19 62.76 -9.33
N THR C 72 50.25 61.82 -9.33
CA THR C 72 50.18 60.86 -10.40
C THR C 72 49.33 61.40 -11.53
N SER C 73 48.79 60.48 -12.31
CA SER C 73 47.87 60.77 -13.39
C SER C 73 46.89 61.87 -13.02
N GLY C 74 47.09 63.06 -13.59
CA GLY C 74 46.15 64.17 -13.47
C GLY C 74 45.57 64.55 -12.11
N THR C 75 46.15 64.06 -11.03
CA THR C 75 45.72 64.49 -9.71
C THR C 75 46.14 65.95 -9.58
N GLN C 76 45.30 66.78 -8.98
CA GLN C 76 45.56 68.22 -8.97
C GLN C 76 45.90 68.76 -7.59
N PHE C 77 46.50 69.94 -7.58
CA PHE C 77 46.80 70.64 -6.35
C PHE C 77 47.08 72.12 -6.63
N SER C 78 46.78 72.95 -5.64
CA SER C 78 47.19 74.34 -5.61
C SER C 78 46.89 74.79 -4.20
N ASP C 79 47.89 75.36 -3.54
CA ASP C 79 47.88 75.68 -2.10
C ASP C 79 46.61 76.29 -1.53
N ALA C 80 46.00 77.19 -2.31
CA ALA C 80 44.80 77.89 -1.86
C ALA C 80 43.56 77.05 -2.14
N GLU C 81 43.75 75.87 -2.72
CA GLU C 81 42.61 75.07 -3.15
C GLU C 81 42.51 73.71 -2.50
N GLY C 82 43.63 73.01 -2.44
CA GLY C 82 43.68 71.68 -1.90
C GLY C 82 44.07 70.66 -2.95
N LEU C 83 43.83 69.39 -2.65
CA LEU C 83 44.25 68.28 -3.49
C LEU C 83 43.04 67.57 -4.10
N ALA C 84 42.99 67.53 -5.43
CA ALA C 84 41.85 66.89 -6.11
C ALA C 84 42.27 65.56 -6.74
N LEU C 85 41.36 64.60 -6.75
CA LEU C 85 41.66 63.27 -7.26
C LEU C 85 40.83 62.97 -8.50
N PRO C 86 41.41 62.23 -9.46
CA PRO C 86 40.83 62.04 -10.79
C PRO C 86 39.80 60.92 -10.87
N GLN C 87 39.59 60.18 -9.79
CA GLN C 87 38.71 59.02 -9.82
C GLN C 87 37.79 58.95 -8.61
N ASP C 88 36.53 58.57 -8.84
CA ASP C 88 35.63 58.27 -7.74
C ASP C 88 36.12 57.01 -7.05
N GLY C 89 36.18 57.01 -5.73
CA GLY C 89 36.58 55.80 -5.04
C GLY C 89 36.89 55.92 -3.57
N LEU C 90 37.26 54.80 -2.99
CA LEU C 90 37.68 54.78 -1.61
C LEU C 90 39.16 55.11 -1.56
N TYR C 91 39.53 56.16 -0.83
CA TYR C 91 40.94 56.50 -0.67
C TYR C 91 41.39 56.33 0.76
N TYR C 92 42.65 56.03 0.96
CA TYR C 92 43.25 56.09 2.27
C TYR C 92 44.01 57.40 2.35
N LEU C 93 43.57 58.28 3.24
CA LEU C 93 44.24 59.55 3.43
C LEU C 93 45.12 59.43 4.65
N TYR C 94 46.25 60.14 4.66
CA TYR C 94 47.07 60.24 5.87
C TYR C 94 47.69 61.63 5.99
N CYS C 95 48.08 61.97 7.21
CA CYS C 95 48.73 63.24 7.49
C CYS C 95 49.54 63.16 8.77
N LEU C 96 50.82 63.54 8.64
CA LEU C 96 51.72 63.59 9.77
C LEU C 96 52.41 64.91 9.83
N VAL C 97 52.42 65.52 11.02
CA VAL C 97 53.11 66.80 11.19
C VAL C 97 54.09 66.78 12.36
N GLY C 98 55.31 67.18 12.07
CA GLY C 98 56.34 67.30 13.09
C GLY C 98 56.38 68.72 13.62
N TYR C 99 56.56 68.85 14.93
CA TYR C 99 56.61 70.15 15.55
C TYR C 99 57.86 70.36 16.36
N ARG C 100 58.14 71.65 16.55
CA ARG C 100 59.26 72.16 17.31
C ARG C 100 58.77 73.18 18.35
N GLY C 101 58.52 72.66 19.55
CA GLY C 101 58.06 73.43 20.69
C GLY C 101 59.31 73.91 21.39
N ARG C 102 59.40 75.23 21.54
CA ARG C 102 60.54 75.84 22.21
C ARG C 102 60.12 77.04 23.05
N ALA C 103 58.96 76.99 23.68
CA ALA C 103 58.45 78.14 24.42
C ALA C 103 59.39 78.65 25.50
N PRO C 104 59.50 79.98 25.62
CA PRO C 104 60.12 80.72 26.72
C PRO C 104 59.16 80.83 27.89
N GLN C 111 52.28 77.92 30.04
CA GLN C 111 51.99 77.89 28.61
C GLN C 111 50.82 76.96 28.28
N GLY C 112 51.10 75.90 27.51
CA GLY C 112 50.05 74.95 27.14
C GLY C 112 49.62 75.07 25.69
N ARG C 113 50.49 74.61 24.79
CA ARG C 113 50.21 74.66 23.36
C ARG C 113 49.04 73.74 23.02
N SER C 114 48.12 74.29 22.24
CA SER C 114 46.93 73.57 21.79
C SER C 114 47.20 73.06 20.37
N VAL C 115 48.24 72.24 20.23
CA VAL C 115 48.68 71.87 18.89
C VAL C 115 47.77 70.81 18.27
N THR C 116 47.09 71.15 17.19
CA THR C 116 46.19 70.19 16.55
C THR C 116 46.51 70.04 15.08
N LEU C 117 45.71 69.20 14.44
CA LEU C 117 45.98 68.75 13.10
C LEU C 117 44.72 68.19 12.49
N ARG C 118 44.47 68.40 11.19
CA ARG C 118 43.26 67.85 10.56
C ARG C 118 43.22 68.00 9.03
N SER C 119 42.66 67.00 8.34
CA SER C 119 42.31 67.17 6.92
C SER C 119 40.77 67.18 6.70
N SER C 120 40.34 68.14 5.87
CA SER C 120 38.92 68.45 5.58
C SER C 120 38.53 68.40 4.10
N LEU C 121 37.20 68.37 3.91
CA LEU C 121 36.38 68.50 2.67
C LEU C 121 36.41 67.23 1.83
N THR C 132 30.73 74.71 2.41
CA THR C 132 30.73 74.41 3.84
C THR C 132 31.60 73.20 4.10
N PRO C 133 32.84 73.42 4.55
CA PRO C 133 33.85 72.36 4.67
C PRO C 133 33.40 71.20 5.56
N GLU C 134 33.98 70.02 5.35
CA GLU C 134 33.63 68.81 6.12
C GLU C 134 34.86 68.19 6.77
N LEU C 135 34.83 68.02 8.08
CA LEU C 135 35.99 67.45 8.77
C LEU C 135 36.03 65.93 8.55
N LEU C 136 37.20 65.42 8.18
CA LEU C 136 37.38 64.00 7.89
C LEU C 136 38.24 63.37 8.94
N LEU C 137 39.47 63.85 9.04
CA LEU C 137 40.41 63.24 10.00
C LEU C 137 41.13 64.27 10.86
N GLU C 138 41.32 63.94 12.13
CA GLU C 138 41.77 64.92 13.12
C GLU C 138 42.59 64.27 14.20
N GLY C 139 43.74 64.85 14.48
CA GLY C 139 44.59 64.40 15.57
C GLY C 139 45.03 65.61 16.38
N ALA C 140 45.47 65.39 17.62
CA ALA C 140 45.86 66.52 18.43
C ALA C 140 46.78 66.19 19.59
N GLU C 141 47.63 67.14 19.90
CA GLU C 141 48.42 67.07 21.10
C GLU C 141 48.65 68.46 21.70
N THR C 142 48.13 68.62 22.92
CA THR C 142 48.44 69.79 23.74
C THR C 142 49.62 69.48 24.65
N VAL C 143 50.61 70.38 24.65
CA VAL C 143 51.82 70.21 25.50
C VAL C 143 52.14 71.54 26.18
N THR C 144 52.36 71.54 27.49
CA THR C 144 52.56 72.82 28.18
C THR C 144 53.99 73.39 28.15
N PRO C 145 55.05 72.58 28.38
CA PRO C 145 55.26 71.17 28.72
C PRO C 145 55.23 70.94 30.23
N PRO C 157 63.45 75.85 25.98
CA PRO C 157 64.54 75.29 25.15
C PRO C 157 64.03 74.47 23.97
N LEU C 158 64.01 73.15 24.09
CA LEU C 158 63.68 72.29 22.95
C LEU C 158 62.53 71.35 23.35
N TRP C 159 61.53 71.22 22.47
CA TRP C 159 60.39 70.34 22.73
C TRP C 159 59.78 69.85 21.42
N TYR C 160 60.38 68.83 20.82
CA TYR C 160 59.87 68.29 19.56
C TYR C 160 58.78 67.22 19.81
N THR C 161 57.69 67.28 19.03
CA THR C 161 56.65 66.22 19.09
C THR C 161 56.05 66.03 17.69
N SER C 162 55.46 64.87 17.42
CA SER C 162 54.87 64.62 16.11
C SER C 162 53.49 64.01 16.25
N VAL C 163 52.58 64.43 15.40
CA VAL C 163 51.20 64.02 15.50
C VAL C 163 50.76 63.44 14.17
N GLY C 164 50.12 62.27 14.20
CA GLY C 164 49.77 61.63 12.96
C GLY C 164 48.47 60.86 12.90
N PHE C 165 47.95 60.73 11.69
CA PHE C 165 46.74 59.95 11.52
C PHE C 165 46.51 59.49 10.06
N GLY C 166 45.72 58.43 9.90
CA GLY C 166 45.32 57.96 8.58
C GLY C 166 43.94 57.34 8.67
N GLY C 167 43.24 57.28 7.54
CA GLY C 167 41.90 56.73 7.51
C GLY C 167 41.26 56.69 6.13
N LEU C 168 40.33 55.76 5.94
CA LEU C 168 39.63 55.57 4.69
C LEU C 168 38.53 56.56 4.54
N VAL C 169 38.53 57.30 3.45
CA VAL C 169 37.42 58.19 3.13
C VAL C 169 36.89 57.92 1.71
N GLN C 170 35.58 57.92 1.53
CA GLN C 170 35.05 57.69 0.20
C GLN C 170 34.95 59.00 -0.54
N LEU C 171 35.95 59.29 -1.35
CA LEU C 171 35.98 60.56 -2.04
C LEU C 171 35.44 60.42 -3.46
N ARG C 172 34.93 61.53 -3.98
CA ARG C 172 34.37 61.61 -5.32
C ARG C 172 35.28 62.47 -6.21
N ARG C 173 35.35 62.14 -7.51
CA ARG C 173 36.12 62.93 -8.48
C ARG C 173 35.89 64.44 -8.37
N GLY C 174 36.98 65.22 -8.40
CA GLY C 174 36.89 66.66 -8.38
C GLY C 174 36.85 67.27 -6.99
N GLU C 175 36.50 66.45 -6.01
CA GLU C 175 36.50 66.85 -4.60
C GLU C 175 37.92 67.18 -4.16
N ARG C 176 38.05 68.16 -3.29
CA ARG C 176 39.38 68.51 -2.82
C ARG C 176 39.57 68.26 -1.32
N VAL C 177 40.68 67.62 -0.96
CA VAL C 177 41.05 67.40 0.43
C VAL C 177 42.29 68.21 0.74
N TYR C 178 42.20 69.02 1.79
CA TYR C 178 43.31 69.85 2.21
C TYR C 178 43.68 69.55 3.66
N VAL C 179 44.74 70.18 4.13
CA VAL C 179 45.18 70.01 5.51
C VAL C 179 45.07 71.35 6.25
N ASN C 180 44.61 71.32 7.50
CA ASN C 180 44.53 72.52 8.30
C ASN C 180 45.34 72.33 9.59
N ILE C 181 46.34 73.19 9.83
CA ILE C 181 47.18 73.11 11.04
C ILE C 181 46.98 74.34 11.96
N SER C 182 46.89 74.12 13.28
CA SER C 182 46.61 75.23 14.18
C SER C 182 47.87 76.06 14.51
N HIS C 183 49.04 75.44 14.38
CA HIS C 183 50.24 76.09 14.90
C HIS C 183 51.42 76.14 13.91
N PRO C 184 51.21 76.78 12.74
CA PRO C 184 52.29 76.85 11.75
C PRO C 184 53.54 77.62 12.23
N ASP C 185 53.42 78.34 13.34
CA ASP C 185 54.57 79.02 13.90
C ASP C 185 55.61 78.01 14.36
N MET C 186 55.17 76.78 14.64
CA MET C 186 56.12 75.83 15.20
C MET C 186 56.10 74.44 14.57
N VAL C 187 55.94 74.41 13.25
CA VAL C 187 55.96 73.15 12.52
C VAL C 187 57.34 72.86 11.88
N ASP C 188 57.94 71.75 12.31
CA ASP C 188 59.24 71.29 11.83
C ASP C 188 59.19 70.98 10.34
N PHE C 189 60.25 71.36 9.63
CA PHE C 189 60.26 71.13 8.19
C PHE C 189 61.37 70.20 7.72
N ALA C 190 62.17 69.71 8.66
CA ALA C 190 63.24 68.76 8.33
C ALA C 190 62.72 67.44 7.73
N ARG C 191 62.66 67.40 6.40
CA ARG C 191 62.23 66.23 5.61
C ARG C 191 60.92 65.59 6.05
N GLY C 192 60.90 64.26 6.00
CA GLY C 192 59.72 63.49 6.34
C GLY C 192 59.22 63.73 7.75
N LYS C 193 58.88 64.98 8.06
CA LYS C 193 58.32 65.34 9.35
C LYS C 193 56.94 65.89 9.15
N THR C 194 56.70 66.57 8.03
CA THR C 194 55.34 67.01 7.74
C THR C 194 54.93 66.74 6.29
N PHE C 195 53.88 65.96 6.12
CA PHE C 195 53.45 65.51 4.82
C PHE C 195 52.05 64.99 4.88
N PHE C 196 51.37 65.03 3.75
CA PHE C 196 50.05 64.41 3.72
C PHE C 196 49.83 63.81 2.37
N GLY C 197 48.98 62.78 2.29
CA GLY C 197 48.77 62.09 1.03
C GLY C 197 47.59 61.16 0.91
N ALA C 198 47.40 60.64 -0.30
CA ALA C 198 46.23 59.85 -0.61
C ALA C 198 46.60 58.69 -1.51
N VAL C 199 45.89 57.58 -1.37
CA VAL C 199 45.97 56.47 -2.34
C VAL C 199 44.61 55.87 -2.53
N MET C 200 44.23 55.57 -3.76
CA MET C 200 43.01 54.83 -3.96
C MET C 200 43.24 53.42 -3.45
N VAL C 201 42.19 52.82 -2.89
CA VAL C 201 42.20 51.41 -2.55
C VAL C 201 41.07 50.73 -3.29
N GLY C 202 39.91 51.38 -3.34
CA GLY C 202 38.80 50.69 -3.98
C GLY C 202 37.67 51.45 -4.63
N HIS C 203 36.59 50.70 -4.86
CA HIS C 203 35.24 51.12 -5.28
C HIS C 203 34.96 50.73 -6.73
N HIS C 204 35.75 51.26 -7.66
CA HIS C 204 35.59 50.96 -9.10
C HIS C 204 34.19 51.32 -9.59
N LEU D 45 51.56 40.14 -4.28
CA LEU D 45 51.47 41.27 -3.35
C LEU D 45 52.64 41.25 -2.37
N PRO D 46 53.69 42.02 -2.69
CA PRO D 46 54.89 42.11 -1.88
C PRO D 46 54.57 42.86 -0.61
N ALA D 47 55.02 42.39 0.54
CA ALA D 47 54.75 43.09 1.79
C ALA D 47 55.65 42.62 2.93
N ALA D 48 55.77 43.44 3.96
CA ALA D 48 56.55 43.04 5.11
C ALA D 48 56.06 43.69 6.39
N HIS D 49 56.13 42.93 7.47
CA HIS D 49 55.87 43.46 8.77
C HIS D 49 56.85 42.78 9.68
N LEU D 50 57.65 43.60 10.36
CA LEU D 50 58.69 43.10 11.24
C LEU D 50 58.46 43.66 12.63
N ILE D 51 58.70 42.81 13.64
CA ILE D 51 58.54 43.23 15.03
C ILE D 51 59.87 43.52 15.71
N GLY D 52 59.90 44.51 16.59
CA GLY D 52 61.10 44.76 17.37
C GLY D 52 61.52 43.58 18.25
N ALA D 53 62.84 43.42 18.43
CA ALA D 53 63.42 42.39 19.30
C ALA D 53 64.67 42.95 20.01
N PRO D 54 64.88 42.58 21.28
CA PRO D 54 66.02 43.05 22.10
C PRO D 54 67.35 42.34 21.83
N LEU D 55 68.41 43.11 21.54
CA LEU D 55 69.71 42.52 21.22
C LEU D 55 70.88 43.04 22.07
N LYS D 56 71.77 42.10 22.41
CA LYS D 56 72.94 42.30 23.28
C LYS D 56 72.63 42.85 24.68
N GLY D 57 72.16 44.08 24.80
CA GLY D 57 71.76 44.54 26.12
C GLY D 57 71.09 45.87 25.98
N GLN D 58 71.55 46.56 24.95
CA GLN D 58 71.22 47.96 24.74
C GLN D 58 70.84 48.22 23.34
N GLY D 59 70.73 47.17 22.54
CA GLY D 59 70.39 47.41 21.17
C GLY D 59 69.06 46.90 20.66
N LEU D 60 69.03 46.72 19.34
CA LEU D 60 67.80 46.50 18.67
C LEU D 60 67.93 45.74 17.38
N GLY D 61 67.08 44.74 17.24
CA GLY D 61 66.98 44.02 16.00
C GLY D 61 65.54 43.90 15.57
N TRP D 62 65.33 43.26 14.43
CA TRP D 62 64.00 43.10 13.92
C TRP D 62 63.71 41.64 13.61
N GLU D 63 62.60 41.18 14.16
CA GLU D 63 62.07 39.82 14.00
C GLU D 63 61.20 39.72 12.74
N THR D 64 61.26 38.56 12.09
CA THR D 64 60.62 38.34 10.80
C THR D 64 59.63 37.17 10.72
N THR D 65 59.57 36.36 11.78
CA THR D 65 58.73 35.16 11.78
C THR D 65 57.82 35.06 13.00
N LYS D 66 58.29 35.53 14.16
CA LYS D 66 57.51 35.32 15.37
C LYS D 66 56.20 36.09 15.30
N GLU D 67 55.28 35.75 16.19
CA GLU D 67 54.00 36.45 16.33
C GLU D 67 53.41 36.85 15.01
N GLN D 68 53.55 38.12 14.69
CA GLN D 68 52.86 38.68 13.57
C GLN D 68 53.76 38.97 12.38
N ALA D 69 55.05 38.99 12.64
CA ALA D 69 55.99 39.30 11.60
C ALA D 69 55.88 38.30 10.46
N PHE D 70 56.17 38.76 9.26
CA PHE D 70 56.13 37.92 8.08
C PHE D 70 56.77 38.63 6.89
N LEU D 71 57.32 37.85 5.97
CA LEU D 71 57.75 38.39 4.69
C LEU D 71 57.11 37.57 3.60
N THR D 72 56.69 38.24 2.54
CA THR D 72 55.97 37.53 1.51
C THR D 72 56.90 36.96 0.45
N SER D 73 56.38 36.83 -0.76
CA SER D 73 57.14 36.37 -1.92
C SER D 73 58.52 36.98 -2.01
N GLY D 74 59.53 36.22 -1.61
CA GLY D 74 60.91 36.61 -1.78
C GLY D 74 61.35 38.00 -1.35
N THR D 75 60.56 38.67 -0.53
CA THR D 75 61.02 39.92 0.05
C THR D 75 62.15 39.58 1.02
N GLN D 76 63.18 40.42 1.07
CA GLN D 76 64.37 40.06 1.84
C GLN D 76 64.59 40.93 3.07
N PHE D 77 65.37 40.42 4.02
CA PHE D 77 65.76 41.17 5.20
C PHE D 77 66.94 40.51 5.91
N SER D 78 67.76 41.35 6.53
CA SER D 78 68.85 40.94 7.40
C SER D 78 69.23 42.19 8.20
N ASP D 79 69.25 42.05 9.52
CA ASP D 79 69.38 43.17 10.46
C ASP D 79 70.39 44.22 10.05
N ALA D 80 71.53 43.76 9.54
CA ALA D 80 72.62 44.64 9.20
C ALA D 80 72.45 45.25 7.81
N GLU D 81 71.36 44.92 7.13
CA GLU D 81 71.16 45.33 5.74
C GLU D 81 69.91 46.17 5.51
N GLY D 82 68.80 45.76 6.10
CA GLY D 82 67.51 46.43 5.91
C GLY D 82 66.49 45.52 5.25
N LEU D 83 65.43 46.11 4.69
CA LEU D 83 64.34 45.34 4.06
C LEU D 83 64.29 45.62 2.56
N ALA D 84 64.43 44.60 1.71
CA ALA D 84 64.38 44.80 0.27
C ALA D 84 63.12 44.21 -0.33
N LEU D 85 62.57 44.85 -1.34
CA LEU D 85 61.31 44.38 -1.91
C LEU D 85 61.49 43.91 -3.35
N PRO D 86 60.77 42.85 -3.73
CA PRO D 86 60.92 42.16 -5.02
C PRO D 86 60.25 42.85 -6.21
N GLN D 87 59.59 43.98 -6.02
CA GLN D 87 58.92 44.61 -7.14
C GLN D 87 59.14 46.11 -7.18
N ASP D 88 59.28 46.65 -8.39
CA ASP D 88 59.26 48.09 -8.61
C ASP D 88 57.86 48.60 -8.35
N GLY D 89 57.72 49.67 -7.56
CA GLY D 89 56.40 50.20 -7.34
C GLY D 89 56.24 51.25 -6.28
N LEU D 90 55.00 51.69 -6.08
CA LEU D 90 54.67 52.63 -5.04
C LEU D 90 54.32 51.85 -3.76
N TYR D 91 55.05 52.07 -2.68
CA TYR D 91 54.77 51.36 -1.44
C TYR D 91 54.31 52.30 -0.34
N TYR D 92 53.54 51.79 0.61
CA TYR D 92 53.28 52.51 1.85
C TYR D 92 54.21 51.91 2.91
N LEU D 93 55.09 52.73 3.45
CA LEU D 93 55.97 52.32 4.53
C LEU D 93 55.42 52.77 5.83
N TYR D 94 55.68 52.00 6.86
CA TYR D 94 55.27 52.48 8.14
C TYR D 94 56.21 52.08 9.23
N CYS D 95 56.15 52.83 10.34
CA CYS D 95 56.99 52.58 11.49
C CYS D 95 56.41 53.14 12.76
N LEU D 96 56.29 52.29 13.78
CA LEU D 96 55.83 52.74 15.10
C LEU D 96 56.71 52.15 16.20
N VAL D 97 57.12 52.98 17.16
CA VAL D 97 57.96 52.51 18.27
C VAL D 97 57.42 52.91 19.66
N GLY D 98 57.27 51.95 20.55
CA GLY D 98 56.84 52.25 21.90
C GLY D 98 58.01 52.34 22.85
N TYR D 99 57.96 53.35 23.71
CA TYR D 99 59.00 53.64 24.68
C TYR D 99 58.49 53.65 26.12
N ARG D 100 59.37 53.23 27.03
CA ARG D 100 59.15 53.37 28.46
C ARG D 100 60.03 54.50 29.00
N GLY D 101 59.49 55.74 29.05
CA GLY D 101 60.20 56.94 29.47
C GLY D 101 60.23 57.19 30.97
N ARG D 102 61.04 56.39 31.69
CA ARG D 102 61.16 56.42 33.15
C ARG D 102 62.56 56.91 33.55
N ALA D 103 62.63 58.18 33.93
CA ALA D 103 63.87 58.88 34.27
C ALA D 103 64.48 58.51 35.61
N PRO D 104 65.81 58.69 35.73
CA PRO D 104 66.42 58.52 37.06
C PRO D 104 65.82 59.49 38.08
N GLN D 111 66.70 66.02 33.32
CA GLN D 111 66.84 65.11 32.20
C GLN D 111 66.45 65.82 30.91
N GLY D 112 65.97 65.07 29.92
CA GLY D 112 65.54 65.64 28.66
C GLY D 112 65.81 64.72 27.48
N ARG D 113 65.04 63.65 27.36
CA ARG D 113 65.24 62.68 26.28
C ARG D 113 64.90 63.24 24.89
N SER D 114 65.84 63.06 23.97
CA SER D 114 65.67 63.51 22.61
C SER D 114 65.30 62.35 21.71
N VAL D 115 64.14 61.74 21.98
CA VAL D 115 63.68 60.51 21.31
C VAL D 115 63.21 60.72 19.86
N THR D 116 63.89 60.08 18.91
CA THR D 116 63.45 60.17 17.53
C THR D 116 63.29 58.83 16.82
N LEU D 117 62.86 58.90 15.56
CA LEU D 117 62.36 57.77 14.81
C LEU D 117 62.66 58.02 13.35
N ARG D 118 63.05 57.00 12.62
CA ARG D 118 63.43 57.18 11.21
C ARG D 118 63.43 55.93 10.37
N SER D 119 62.85 56.00 9.17
CA SER D 119 63.14 54.99 8.16
C SER D 119 63.86 55.70 7.01
N SER D 120 64.99 55.10 6.62
CA SER D 120 65.87 55.57 5.52
C SER D 120 66.17 54.42 4.54
N LEU D 121 66.56 54.76 3.32
CA LEU D 121 67.08 53.81 2.31
C LEU D 121 68.46 54.18 1.81
N TYR D 122 69.19 53.25 1.19
CA TYR D 122 70.46 53.60 0.53
C TYR D 122 70.32 53.61 -1.00
N GLY D 129 75.21 58.65 -4.60
CA GLY D 129 76.38 57.80 -4.37
C GLY D 129 76.22 56.75 -3.30
N PRO D 130 75.90 55.51 -3.70
CA PRO D 130 75.45 54.33 -2.95
C PRO D 130 75.53 54.36 -1.42
N GLY D 131 76.65 54.76 -0.82
CA GLY D 131 76.74 54.72 0.62
C GLY D 131 76.39 56.05 1.25
N THR D 132 75.35 56.67 0.71
CA THR D 132 74.85 57.98 1.14
C THR D 132 73.35 57.81 1.33
N PRO D 133 72.93 57.51 2.57
CA PRO D 133 71.55 57.15 2.93
C PRO D 133 70.59 58.29 2.60
N GLU D 134 69.33 57.96 2.36
CA GLU D 134 68.35 58.98 2.04
C GLU D 134 67.24 58.90 3.06
N LEU D 135 67.01 59.99 3.76
CA LEU D 135 65.99 59.96 4.77
C LEU D 135 64.65 60.09 4.06
N LEU D 136 63.71 59.22 4.48
CA LEU D 136 62.37 59.12 3.91
C LEU D 136 61.32 59.62 4.88
N LEU D 137 61.24 58.95 6.05
CA LEU D 137 60.22 59.36 7.02
C LEU D 137 60.83 59.47 8.40
N GLU D 138 60.31 60.40 9.18
CA GLU D 138 60.91 60.70 10.46
C GLU D 138 59.91 61.31 11.40
N GLY D 139 59.87 60.78 12.62
CA GLY D 139 59.01 61.38 13.64
C GLY D 139 59.84 61.52 14.90
N ALA D 140 59.42 62.39 15.81
CA ALA D 140 60.21 62.57 17.02
C ALA D 140 59.35 63.07 18.15
N GLU D 141 59.67 62.68 19.37
CA GLU D 141 59.04 63.23 20.56
C GLU D 141 60.08 63.37 21.64
N THR D 142 60.40 64.60 22.02
CA THR D 142 61.32 64.83 23.11
C THR D 142 60.52 64.88 24.39
N VAL D 143 60.90 64.08 25.37
CA VAL D 143 60.10 64.09 26.57
C VAL D 143 60.97 64.08 27.83
N THR D 144 60.69 65.04 28.72
CA THR D 144 61.32 65.18 30.04
C THR D 144 60.26 64.88 31.09
N PRO D 145 60.56 64.00 32.06
CA PRO D 145 59.56 63.51 33.01
C PRO D 145 59.02 64.60 33.95
N PRO D 157 60.32 57.95 38.85
CA PRO D 157 59.92 56.79 38.03
C PRO D 157 58.51 56.94 37.43
N LEU D 158 58.36 56.78 36.12
CA LEU D 158 57.10 57.13 35.48
C LEU D 158 56.77 56.56 34.08
N TRP D 159 57.11 57.37 33.07
CA TRP D 159 56.38 57.57 31.80
C TRP D 159 56.54 56.58 30.65
N TYR D 160 55.51 56.60 29.79
CA TYR D 160 55.40 55.78 28.59
C TYR D 160 55.03 56.70 27.42
N THR D 161 55.59 56.46 26.23
CA THR D 161 55.12 57.19 25.03
C THR D 161 55.35 56.34 23.78
N SER D 162 54.62 56.66 22.71
CA SER D 162 54.70 55.91 21.46
C SER D 162 54.85 56.89 20.30
N VAL D 163 55.68 56.54 19.32
CA VAL D 163 55.96 57.44 18.19
C VAL D 163 55.78 56.69 16.86
N GLY D 164 55.01 57.25 15.94
CA GLY D 164 54.69 56.54 14.71
C GLY D 164 54.51 57.43 13.49
N PHE D 165 54.68 56.82 12.33
CA PHE D 165 54.51 57.50 11.06
C PHE D 165 54.31 56.50 9.93
N GLY D 166 53.70 56.96 8.83
CA GLY D 166 53.63 56.12 7.66
C GLY D 166 53.60 57.01 6.43
N GLY D 167 53.96 56.50 5.26
CA GLY D 167 53.95 57.31 4.07
C GLY D 167 54.26 56.60 2.77
N LEU D 168 53.76 57.16 1.67
CA LEU D 168 53.95 56.59 0.33
C LEU D 168 55.31 56.95 -0.30
N VAL D 169 56.15 55.95 -0.50
CA VAL D 169 57.49 56.13 -1.06
C VAL D 169 57.52 55.33 -2.35
N GLN D 170 58.08 55.86 -3.43
CA GLN D 170 58.15 55.09 -4.67
C GLN D 170 59.45 54.29 -4.67
N LEU D 171 59.39 53.03 -4.24
CA LEU D 171 60.60 52.23 -4.12
C LEU D 171 60.88 51.39 -5.36
N ARG D 172 62.16 51.12 -5.58
CA ARG D 172 62.62 50.35 -6.72
C ARG D 172 63.15 49.01 -6.24
N ARG D 173 62.91 47.96 -7.04
CA ARG D 173 63.36 46.61 -6.76
C ARG D 173 64.79 46.56 -6.23
N GLY D 174 65.02 45.83 -5.16
CA GLY D 174 66.37 45.66 -4.66
C GLY D 174 66.85 46.73 -3.69
N GLU D 175 66.16 47.89 -3.67
CA GLU D 175 66.46 48.96 -2.72
C GLU D 175 66.20 48.48 -1.30
N ARG D 176 67.04 48.86 -0.35
CA ARG D 176 66.80 48.41 1.02
C ARG D 176 66.44 49.56 1.97
N VAL D 177 65.42 49.31 2.79
CA VAL D 177 64.93 50.27 3.78
C VAL D 177 65.13 49.78 5.21
N TYR D 178 65.70 50.63 6.07
CA TYR D 178 65.85 50.29 7.48
C TYR D 178 65.29 51.37 8.41
N VAL D 179 65.30 51.08 9.70
CA VAL D 179 64.82 52.02 10.69
C VAL D 179 65.95 52.39 11.66
N ASN D 180 66.03 53.67 12.01
CA ASN D 180 67.04 54.14 12.95
C ASN D 180 66.36 54.75 14.18
N ILE D 181 66.67 54.20 15.34
CA ILE D 181 66.10 54.68 16.59
C ILE D 181 67.15 55.34 17.46
N SER D 182 66.79 56.44 18.09
CA SER D 182 67.72 57.24 18.88
C SER D 182 68.02 56.57 20.21
N HIS D 183 67.01 56.01 20.85
CA HIS D 183 67.19 55.46 22.20
C HIS D 183 66.67 54.04 22.37
N PRO D 184 67.36 53.07 21.77
CA PRO D 184 67.07 51.66 22.03
C PRO D 184 67.36 51.26 23.48
N ASP D 185 67.96 52.13 24.27
CA ASP D 185 68.11 51.85 25.69
C ASP D 185 66.75 51.76 26.39
N MET D 186 65.75 52.42 25.81
CA MET D 186 64.42 52.56 26.42
C MET D 186 63.25 52.32 25.45
N VAL D 187 63.37 51.31 24.60
CA VAL D 187 62.33 50.97 23.64
C VAL D 187 61.48 49.79 24.15
N ASP D 188 60.16 50.01 24.27
CA ASP D 188 59.22 48.97 24.73
C ASP D 188 59.13 47.85 23.71
N PHE D 189 59.17 46.61 24.20
CA PHE D 189 59.15 45.44 23.34
C PHE D 189 57.89 44.58 23.53
N ALA D 190 57.01 45.01 24.43
CA ALA D 190 55.77 44.29 24.66
C ALA D 190 54.88 44.27 23.41
N ARG D 191 55.03 43.23 22.59
CA ARG D 191 54.25 43.00 21.37
C ARG D 191 54.09 44.19 20.45
N GLY D 192 52.86 44.34 19.93
CA GLY D 192 52.52 45.39 18.98
C GLY D 192 52.83 46.82 19.38
N LYS D 193 54.06 47.06 19.85
CA LYS D 193 54.49 48.38 20.29
C LYS D 193 55.57 48.87 19.36
N THR D 194 56.38 47.96 18.86
CA THR D 194 57.40 48.37 17.92
C THR D 194 57.42 47.47 16.72
N PHE D 195 57.32 48.10 15.56
CA PHE D 195 57.24 47.38 14.32
C PHE D 195 57.47 48.34 13.17
N PHE D 196 57.88 47.78 12.04
CA PHE D 196 57.93 48.58 10.83
C PHE D 196 57.61 47.67 9.64
N GLY D 197 57.09 48.26 8.56
CA GLY D 197 56.68 47.43 7.45
C GLY D 197 56.40 48.15 6.15
N ALA D 198 56.08 47.38 5.12
CA ALA D 198 55.84 47.93 3.80
C ALA D 198 54.74 47.15 3.07
N VAL D 199 53.97 47.83 2.23
CA VAL D 199 53.03 47.13 1.36
C VAL D 199 52.92 47.81 0.02
N MET D 200 52.85 47.03 -1.05
CA MET D 200 52.59 47.63 -2.35
C MET D 200 51.17 48.17 -2.37
N VAL D 201 50.93 49.20 -3.18
CA VAL D 201 49.58 49.72 -3.32
C VAL D 201 49.04 49.54 -4.74
N LYS E 13 -25.54 -50.91 -3.12
CA LYS E 13 -25.66 -49.52 -2.72
C LYS E 13 -27.14 -49.11 -2.71
N LYS E 14 -27.63 -48.65 -1.57
CA LYS E 14 -29.06 -48.29 -1.42
C LYS E 14 -29.27 -46.85 -0.97
N PRO E 15 -29.26 -45.92 -1.95
CA PRO E 15 -29.29 -44.47 -1.71
C PRO E 15 -30.64 -43.96 -1.21
N ALA E 16 -30.55 -43.01 -0.28
CA ALA E 16 -31.71 -42.41 0.36
C ALA E 16 -31.33 -41.08 0.94
N ALA E 17 -32.19 -40.09 0.77
CA ALA E 17 -32.03 -38.78 1.37
C ALA E 17 -33.27 -38.44 2.18
N HIS E 18 -33.08 -37.73 3.27
CA HIS E 18 -34.18 -37.24 4.09
C HIS E 18 -33.85 -35.81 4.45
N LEU E 19 -34.53 -34.88 3.81
CA LEU E 19 -34.25 -33.46 3.99
C LEU E 19 -35.34 -32.81 4.84
N ILE E 20 -34.93 -32.00 5.84
CA ILE E 20 -35.90 -31.20 6.61
C ILE E 20 -35.71 -29.70 6.36
N GLY E 21 -36.68 -28.88 6.76
CA GLY E 21 -36.56 -27.46 6.54
C GLY E 21 -35.68 -26.79 7.59
N ASP E 22 -35.04 -25.69 7.22
CA ASP E 22 -34.33 -24.88 8.20
C ASP E 22 -35.32 -23.88 8.75
N PRO E 23 -35.61 -24.00 10.05
CA PRO E 23 -36.62 -23.22 10.78
C PRO E 23 -36.21 -21.76 11.06
N SER E 24 -34.94 -21.44 10.84
CA SER E 24 -34.40 -20.11 11.10
C SER E 24 -34.84 -19.18 9.98
N LYS E 25 -35.12 -19.75 8.80
CA LYS E 25 -35.34 -18.96 7.59
C LYS E 25 -36.82 -18.70 7.40
N GLN E 26 -37.64 -19.46 8.13
CA GLN E 26 -39.11 -19.37 8.20
C GLN E 26 -39.89 -18.68 7.04
N ASN E 27 -39.31 -17.65 6.43
CA ASN E 27 -39.90 -17.05 5.23
C ASN E 27 -39.31 -17.59 3.92
N SER E 28 -38.91 -18.86 3.95
CA SER E 28 -38.45 -19.59 2.77
C SER E 28 -38.22 -21.03 3.18
N LEU E 29 -38.48 -21.95 2.28
CA LEU E 29 -38.35 -23.36 2.62
C LEU E 29 -36.98 -23.89 2.20
N LEU E 30 -36.00 -23.76 3.08
CA LEU E 30 -34.64 -24.18 2.75
C LEU E 30 -34.39 -25.60 3.21
N TRP E 31 -33.99 -26.47 2.27
CA TRP E 31 -33.74 -27.87 2.62
C TRP E 31 -32.32 -28.09 3.13
N ARG E 32 -32.22 -28.81 4.24
CA ARG E 32 -30.93 -29.12 4.83
C ARG E 32 -30.85 -30.61 5.13
N ALA E 33 -29.63 -31.13 5.11
CA ALA E 33 -29.35 -32.53 5.41
C ALA E 33 -28.17 -32.67 6.40
N ASN E 34 -28.19 -31.90 7.48
CA ASN E 34 -27.09 -31.92 8.43
C ASN E 34 -27.43 -32.49 9.79
N THR E 35 -28.68 -32.37 10.21
CA THR E 35 -29.09 -32.75 11.57
C THR E 35 -28.98 -34.26 11.80
N ASP E 36 -29.27 -34.67 13.04
CA ASP E 36 -29.24 -36.07 13.41
C ASP E 36 -30.33 -36.88 12.70
N ARG E 37 -31.47 -36.24 12.43
CA ARG E 37 -32.58 -36.92 11.78
C ARG E 37 -32.78 -36.47 10.32
N ALA E 38 -31.78 -35.84 9.73
CA ALA E 38 -31.83 -35.46 8.32
C ALA E 38 -30.47 -35.72 7.65
N PHE E 39 -30.46 -36.32 6.46
CA PHE E 39 -29.21 -36.89 5.93
C PHE E 39 -29.18 -37.16 4.44
N LEU E 40 -27.97 -37.46 3.96
CA LEU E 40 -27.76 -38.00 2.62
C LEU E 40 -27.09 -39.33 2.74
N GLN E 41 -27.59 -40.33 2.04
CA GLN E 41 -26.98 -41.66 2.11
C GLN E 41 -26.63 -42.27 0.75
N ASP E 42 -25.43 -42.84 0.66
CA ASP E 42 -25.04 -43.69 -0.46
C ASP E 42 -25.09 -42.99 -1.82
N GLY E 43 -24.94 -41.67 -1.86
CA GLY E 43 -24.85 -41.02 -3.17
C GLY E 43 -25.75 -39.81 -3.43
N PHE E 44 -26.69 -39.57 -2.54
CA PHE E 44 -27.54 -38.41 -2.70
C PHE E 44 -26.71 -37.15 -2.49
N SER E 45 -27.18 -36.13 -3.18
CA SER E 45 -26.52 -34.84 -3.25
C SER E 45 -27.51 -33.71 -3.31
N LEU E 46 -27.06 -32.55 -2.85
CA LEU E 46 -27.86 -31.33 -2.93
C LEU E 46 -27.25 -30.38 -3.99
N SER E 47 -28.06 -29.43 -4.45
CA SER E 47 -27.71 -28.51 -5.53
C SER E 47 -28.67 -27.35 -5.62
N ASN E 48 -28.37 -26.22 -4.98
CA ASN E 48 -29.34 -25.11 -4.95
C ASN E 48 -30.71 -25.63 -4.59
N ASN E 49 -30.85 -26.10 -3.35
CA ASN E 49 -32.12 -26.58 -2.85
C ASN E 49 -32.85 -27.64 -3.70
N SER E 50 -32.11 -28.32 -4.56
CA SER E 50 -32.65 -29.46 -5.30
C SER E 50 -31.97 -30.72 -4.82
N LEU E 51 -32.65 -31.84 -4.95
CA LEU E 51 -32.07 -33.10 -4.55
C LEU E 51 -31.58 -33.81 -5.82
N LEU E 52 -30.29 -34.13 -5.89
CA LEU E 52 -29.74 -34.73 -7.12
C LEU E 52 -29.81 -36.25 -7.12
N VAL E 53 -30.61 -36.80 -8.01
CA VAL E 53 -30.71 -38.24 -8.14
C VAL E 53 -29.40 -38.95 -8.47
N PRO E 54 -28.86 -39.70 -7.50
CA PRO E 54 -27.52 -40.28 -7.63
C PRO E 54 -27.40 -41.32 -8.74
N THR E 55 -28.39 -42.20 -8.94
CA THR E 55 -28.28 -43.19 -10.01
C THR E 55 -29.63 -43.44 -10.67
N SER E 56 -29.61 -43.68 -11.98
CA SER E 56 -30.83 -44.05 -12.70
C SER E 56 -31.45 -45.30 -12.10
N GLY E 57 -32.73 -45.21 -11.76
CA GLY E 57 -33.45 -46.29 -11.12
C GLY E 57 -34.80 -45.86 -10.54
N ILE E 58 -35.46 -46.76 -9.82
CA ILE E 58 -36.79 -46.46 -9.30
C ILE E 58 -36.75 -46.01 -7.82
N TYR E 59 -37.23 -44.78 -7.58
CA TYR E 59 -37.18 -44.17 -6.26
C TYR E 59 -38.56 -43.91 -5.71
N PHE E 60 -38.71 -44.06 -4.40
CA PHE E 60 -39.92 -43.57 -3.74
C PHE E 60 -39.55 -42.23 -3.22
N VAL E 61 -40.17 -41.19 -3.79
CA VAL E 61 -39.95 -39.81 -3.36
C VAL E 61 -41.21 -39.24 -2.68
N TYR E 62 -41.00 -38.68 -1.49
CA TYR E 62 -42.08 -38.18 -0.62
C TYR E 62 -41.85 -36.78 -0.07
N SER E 63 -42.92 -36.13 0.39
CA SER E 63 -42.77 -34.84 1.06
C SER E 63 -44.01 -34.44 1.82
N GLN E 64 -43.82 -33.76 2.96
CA GLN E 64 -44.97 -33.31 3.71
C GLN E 64 -44.81 -31.87 4.17
N VAL E 65 -45.88 -31.09 4.06
CA VAL E 65 -45.89 -29.73 4.61
C VAL E 65 -47.04 -29.56 5.59
N VAL E 66 -46.84 -28.69 6.56
CA VAL E 66 -47.86 -28.40 7.56
C VAL E 66 -48.08 -26.91 7.77
N PHE E 67 -49.34 -26.52 7.92
CA PHE E 67 -49.71 -25.11 7.90
C PHE E 67 -50.46 -24.70 9.16
N SER E 68 -50.11 -23.54 9.70
CA SER E 68 -50.77 -23.04 10.91
C SER E 68 -51.03 -21.53 10.79
N PRO E 80 -59.30 -14.78 1.04
CA PRO E 80 -59.10 -16.17 0.65
C PRO E 80 -57.63 -16.58 0.64
N LEU E 81 -57.27 -17.62 1.41
CA LEU E 81 -55.87 -18.08 1.47
C LEU E 81 -55.69 -19.37 0.66
N TYR E 82 -54.65 -19.37 -0.19
CA TYR E 82 -54.32 -20.50 -1.06
C TYR E 82 -53.11 -21.25 -0.49
N LEU E 83 -53.24 -22.57 -0.35
CA LEU E 83 -52.12 -23.41 0.11
C LEU E 83 -51.84 -24.52 -0.88
N ALA E 84 -50.57 -24.72 -1.17
CA ALA E 84 -50.20 -25.74 -2.12
C ALA E 84 -48.82 -26.23 -1.84
N HIS E 85 -48.50 -27.39 -2.37
CA HIS E 85 -47.16 -27.93 -2.19
C HIS E 85 -46.83 -28.98 -3.25
N GLU E 86 -45.91 -28.68 -4.15
CA GLU E 86 -45.63 -29.69 -5.15
C GLU E 86 -44.18 -30.11 -5.22
N VAL E 87 -43.98 -31.41 -5.39
CA VAL E 87 -42.68 -31.98 -5.67
C VAL E 87 -42.56 -32.14 -7.18
N GLN E 88 -41.59 -31.43 -7.77
CA GLN E 88 -41.43 -31.37 -9.21
C GLN E 88 -40.06 -31.86 -9.69
N LEU E 89 -40.02 -32.37 -10.92
CA LEU E 89 -38.78 -32.86 -11.54
C LEU E 89 -38.27 -31.93 -12.65
N PHE E 90 -37.02 -31.49 -12.56
CA PHE E 90 -36.53 -30.55 -13.54
C PHE E 90 -36.12 -31.25 -14.84
N SER E 91 -36.58 -30.69 -15.96
CA SER E 91 -36.33 -31.27 -17.30
C SER E 91 -35.93 -30.25 -18.34
N SER E 92 -35.24 -30.77 -19.36
CA SER E 92 -34.76 -30.00 -20.49
C SER E 92 -35.88 -29.58 -21.39
N GLN E 93 -36.69 -30.56 -21.75
CA GLN E 93 -37.68 -30.35 -22.79
C GLN E 93 -38.91 -29.61 -22.30
N TYR E 94 -39.91 -29.58 -23.18
CA TYR E 94 -41.18 -28.83 -23.04
C TYR E 94 -41.49 -28.16 -21.68
N PRO E 95 -42.12 -28.86 -20.71
CA PRO E 95 -42.61 -27.94 -19.67
C PRO E 95 -41.56 -27.42 -18.65
N PHE E 96 -40.30 -27.87 -18.75
CA PHE E 96 -39.22 -27.49 -17.82
C PHE E 96 -39.46 -28.06 -16.41
N HIS E 97 -40.37 -27.44 -15.65
CA HIS E 97 -40.72 -27.90 -14.31
C HIS E 97 -41.91 -28.86 -14.39
N VAL E 98 -41.63 -30.15 -14.33
CA VAL E 98 -42.70 -31.14 -14.38
C VAL E 98 -43.04 -31.60 -12.97
N PRO E 99 -44.24 -31.24 -12.46
CA PRO E 99 -44.57 -31.75 -11.13
C PRO E 99 -44.93 -33.22 -11.13
N LEU E 100 -44.64 -33.82 -9.99
CA LEU E 100 -44.83 -35.24 -9.74
C LEU E 100 -45.87 -35.43 -8.66
N LEU E 101 -45.80 -34.61 -7.60
CA LEU E 101 -46.74 -34.77 -6.49
C LEU E 101 -47.32 -33.42 -6.15
N SER E 102 -48.59 -33.19 -6.45
CA SER E 102 -49.13 -31.89 -6.12
C SER E 102 -50.42 -31.94 -5.34
N SER E 103 -50.58 -30.96 -4.47
CA SER E 103 -51.77 -30.88 -3.65
C SER E 103 -52.05 -29.44 -3.24
N GLN E 104 -53.35 -29.14 -3.21
CA GLN E 104 -53.83 -27.81 -2.87
C GLN E 104 -54.77 -27.90 -1.69
N LYS E 105 -55.14 -26.73 -1.19
CA LYS E 105 -56.09 -26.58 -0.10
C LYS E 105 -56.45 -25.13 0.00
N MET E 106 -57.74 -24.84 -0.17
CA MET E 106 -58.25 -23.49 0.05
C MET E 106 -58.72 -23.35 1.48
N VAL E 107 -58.25 -22.31 2.14
CA VAL E 107 -58.81 -21.93 3.42
C VAL E 107 -59.48 -20.55 3.18
N TYR E 108 -60.68 -20.33 3.71
CA TYR E 108 -61.41 -19.08 3.49
C TYR E 108 -61.60 -18.29 4.78
N PRO E 109 -61.62 -16.94 4.68
CA PRO E 109 -61.85 -16.04 5.82
C PRO E 109 -63.08 -16.47 6.61
N GLY E 110 -63.12 -16.18 7.91
CA GLY E 110 -64.19 -16.67 8.74
C GLY E 110 -63.76 -17.35 10.02
N LEU E 111 -63.53 -16.51 11.03
CA LEU E 111 -63.16 -16.88 12.40
C LEU E 111 -61.74 -17.39 12.53
N GLN E 112 -61.13 -17.08 13.67
CA GLN E 112 -59.77 -17.53 13.95
C GLN E 112 -59.77 -18.64 14.99
N GLU E 113 -59.93 -19.86 14.50
CA GLU E 113 -59.71 -21.02 15.32
C GLU E 113 -58.25 -21.22 14.95
N PRO E 114 -57.42 -21.74 15.87
CA PRO E 114 -56.09 -22.18 15.45
C PRO E 114 -56.13 -23.34 14.46
N TRP E 115 -56.68 -23.07 13.28
CA TRP E 115 -56.66 -23.98 12.13
C TRP E 115 -55.30 -24.63 11.88
N LEU E 116 -55.32 -25.80 11.26
CA LEU E 116 -54.11 -26.55 10.95
C LEU E 116 -54.29 -27.41 9.71
N HIS E 117 -53.20 -27.83 9.09
CA HIS E 117 -53.30 -28.63 7.88
C HIS E 117 -52.02 -29.35 7.46
N SER E 118 -52.15 -30.58 6.99
CA SER E 118 -50.99 -31.42 6.67
C SER E 118 -51.14 -32.08 5.31
N MET E 119 -50.55 -31.48 4.30
CA MET E 119 -50.50 -32.15 3.00
C MET E 119 -49.27 -33.06 2.94
N TYR E 120 -49.48 -34.37 2.93
CA TYR E 120 -48.39 -35.32 2.70
C TYR E 120 -48.57 -36.06 1.38
N HIS E 121 -47.48 -36.33 0.68
CA HIS E 121 -47.60 -37.20 -0.49
C HIS E 121 -46.28 -37.78 -0.99
N GLY E 122 -46.35 -39.05 -1.34
CA GLY E 122 -45.23 -39.75 -1.88
C GLY E 122 -45.67 -40.75 -2.93
N ALA E 123 -44.69 -41.21 -3.70
CA ALA E 123 -44.95 -42.15 -4.78
C ALA E 123 -43.65 -42.70 -5.34
N ALA E 124 -43.75 -43.56 -6.34
CA ALA E 124 -42.56 -44.15 -6.92
C ALA E 124 -42.43 -43.77 -8.40
N PHE E 125 -41.22 -43.31 -8.74
CA PHE E 125 -40.91 -42.77 -10.05
C PHE E 125 -39.65 -43.39 -10.64
N GLN E 126 -39.58 -43.33 -11.97
CA GLN E 126 -38.40 -43.71 -12.71
C GLN E 126 -37.55 -42.46 -12.82
N LEU E 127 -36.30 -42.50 -12.37
CA LEU E 127 -35.43 -41.31 -12.42
C LEU E 127 -34.05 -41.59 -13.03
N THR E 128 -33.50 -40.63 -13.77
CA THR E 128 -32.17 -40.81 -14.36
C THR E 128 -31.13 -40.18 -13.45
N GLN E 129 -29.87 -40.51 -13.66
CA GLN E 129 -28.82 -39.93 -12.84
C GLN E 129 -28.71 -38.43 -13.03
N GLY E 130 -28.63 -37.69 -11.94
CA GLY E 130 -28.48 -36.25 -12.04
C GLY E 130 -29.78 -35.50 -12.27
N ASP E 131 -30.89 -36.20 -12.16
CA ASP E 131 -32.20 -35.53 -12.20
C ASP E 131 -32.36 -34.69 -10.94
N GLN E 132 -33.08 -33.59 -11.06
CA GLN E 132 -33.11 -32.65 -9.96
C GLN E 132 -34.51 -32.47 -9.43
N LEU E 133 -34.79 -33.12 -8.31
CA LEU E 133 -36.09 -32.99 -7.65
C LEU E 133 -36.05 -31.76 -6.79
N SER E 134 -37.09 -30.94 -6.90
CA SER E 134 -37.20 -29.74 -6.06
C SER E 134 -38.63 -29.54 -5.65
N THR E 135 -38.86 -28.76 -4.62
CA THR E 135 -40.24 -28.56 -4.21
C THR E 135 -40.60 -27.09 -4.13
N HIS E 136 -41.79 -26.79 -4.66
CA HIS E 136 -42.29 -25.43 -4.76
C HIS E 136 -43.63 -25.33 -4.07
N THR E 137 -43.71 -24.47 -3.07
CA THR E 137 -44.87 -24.53 -2.21
C THR E 137 -45.52 -23.15 -2.09
N ASP E 138 -46.84 -23.12 -2.09
CA ASP E 138 -47.53 -21.87 -1.86
C ASP E 138 -48.00 -21.84 -0.41
N GLY E 139 -47.82 -20.68 0.22
CA GLY E 139 -48.23 -20.47 1.59
C GLY E 139 -47.11 -20.62 2.60
N ILE E 140 -45.89 -20.31 2.15
CA ILE E 140 -44.70 -20.47 2.99
C ILE E 140 -44.75 -19.91 4.41
N PRO E 141 -45.15 -18.63 4.58
CA PRO E 141 -45.04 -18.09 5.94
C PRO E 141 -45.91 -18.83 6.96
N HIS E 142 -46.79 -19.71 6.47
CA HIS E 142 -47.64 -20.49 7.36
C HIS E 142 -47.01 -21.82 7.75
N LEU E 143 -45.92 -22.20 7.08
CA LEU E 143 -45.25 -23.47 7.34
C LEU E 143 -44.80 -23.61 8.79
N VAL E 144 -45.05 -24.79 9.35
CA VAL E 144 -44.70 -25.07 10.72
C VAL E 144 -43.37 -25.86 10.67
N LEU E 145 -42.27 -25.15 10.44
CA LEU E 145 -40.99 -25.84 10.20
C LEU E 145 -40.53 -26.70 11.39
N SER E 146 -40.27 -27.97 11.11
CA SER E 146 -39.90 -28.94 12.14
C SER E 146 -39.45 -30.25 11.50
N PRO E 147 -38.72 -31.10 12.26
CA PRO E 147 -38.29 -32.42 11.78
C PRO E 147 -39.46 -33.39 11.72
N SER E 148 -40.56 -32.96 12.33
CA SER E 148 -41.77 -33.75 12.44
C SER E 148 -42.75 -33.48 11.31
N THR E 149 -42.75 -32.25 10.82
CA THR E 149 -43.83 -31.78 9.95
C THR E 149 -43.43 -31.56 8.49
N VAL E 150 -42.60 -30.53 8.24
CA VAL E 150 -42.15 -30.22 6.88
C VAL E 150 -40.85 -30.93 6.51
N PHE E 151 -40.93 -31.86 5.57
CA PHE E 151 -39.75 -32.58 5.09
C PHE E 151 -39.97 -33.06 3.66
N PHE E 152 -38.94 -33.70 3.12
CA PHE E 152 -38.88 -34.04 1.72
C PHE E 152 -37.72 -34.99 1.58
N GLY E 153 -37.99 -36.20 1.09
CA GLY E 153 -36.95 -37.20 1.00
C GLY E 153 -37.24 -38.18 -0.10
N ALA E 154 -36.32 -39.10 -0.34
CA ALA E 154 -36.49 -40.13 -1.36
C ALA E 154 -35.56 -41.29 -1.06
N PHE E 155 -35.93 -42.51 -1.41
CA PHE E 155 -35.06 -43.69 -1.22
C PHE E 155 -35.15 -44.59 -2.43
N ALA E 156 -34.04 -45.21 -2.78
CA ALA E 156 -34.05 -46.13 -3.91
C ALA E 156 -34.81 -47.41 -3.55
N LEU E 157 -35.37 -48.05 -4.56
CA LEU E 157 -35.87 -49.41 -4.38
C LEU E 157 -35.07 -50.36 -5.30
N LEU F 45 -36.21 -59.47 5.53
CA LEU F 45 -36.70 -58.11 5.28
C LEU F 45 -37.71 -57.70 6.37
N PRO F 46 -37.22 -57.04 7.42
CA PRO F 46 -38.11 -56.76 8.56
C PRO F 46 -39.20 -55.85 8.11
N ALA F 47 -40.41 -56.10 8.57
CA ALA F 47 -41.55 -55.33 8.17
C ALA F 47 -42.63 -55.46 9.21
N ALA F 48 -43.56 -54.51 9.20
CA ALA F 48 -44.69 -54.54 10.11
C ALA F 48 -45.81 -53.75 9.52
N HIS F 49 -47.03 -54.23 9.76
CA HIS F 49 -48.24 -53.49 9.44
C HIS F 49 -49.24 -53.77 10.54
N LEU F 50 -49.71 -52.74 11.21
CA LEU F 50 -50.64 -52.95 12.32
C LEU F 50 -51.95 -52.20 12.05
N ILE F 51 -53.11 -52.84 12.33
CA ILE F 51 -54.43 -52.19 12.10
C ILE F 51 -55.05 -51.72 13.39
N GLY F 52 -55.75 -50.60 13.34
CA GLY F 52 -56.44 -50.08 14.51
C GLY F 52 -57.56 -50.93 15.06
N ALA F 53 -57.63 -51.00 16.39
CA ALA F 53 -58.66 -51.80 17.05
C ALA F 53 -59.18 -51.08 18.28
N PRO F 54 -60.49 -51.14 18.52
CA PRO F 54 -61.08 -50.41 19.66
C PRO F 54 -61.04 -51.17 21.00
N LEU F 55 -60.30 -50.64 21.98
CA LEU F 55 -60.25 -51.21 23.33
C LEU F 55 -60.26 -50.11 24.42
N LYS F 56 -61.30 -50.11 25.26
CA LYS F 56 -61.50 -49.09 26.30
C LYS F 56 -62.96 -49.13 26.80
N GLY F 57 -63.36 -48.07 27.49
CA GLY F 57 -64.71 -47.91 27.96
C GLY F 57 -65.05 -46.43 28.07
N LEU F 60 -57.87 -47.19 22.33
CA LEU F 60 -57.28 -47.59 21.07
C LEU F 60 -56.11 -48.53 21.27
N GLY F 61 -56.13 -49.63 20.52
CA GLY F 61 -55.03 -50.58 20.49
C GLY F 61 -54.64 -50.92 19.06
N TRP F 62 -53.64 -51.79 18.93
CA TRP F 62 -53.20 -52.18 17.61
C TRP F 62 -53.20 -53.71 17.37
N GLU F 63 -53.85 -54.10 16.28
CA GLU F 63 -53.95 -55.50 15.87
C GLU F 63 -52.78 -55.90 14.99
N THR F 64 -52.33 -57.15 15.20
CA THR F 64 -51.10 -57.63 14.62
C THR F 64 -51.33 -58.93 13.81
N THR F 65 -52.53 -59.47 13.83
CA THR F 65 -52.75 -60.76 13.17
C THR F 65 -53.95 -60.81 12.21
N LYS F 66 -55.02 -60.08 12.51
CA LYS F 66 -56.25 -60.16 11.69
C LYS F 66 -56.03 -59.51 10.31
N GLU F 67 -56.94 -59.77 9.38
CA GLU F 67 -56.96 -59.15 8.04
C GLU F 67 -55.59 -58.96 7.46
N GLN F 68 -55.09 -57.73 7.52
CA GLN F 68 -53.90 -57.36 6.78
C GLN F 68 -52.69 -57.23 7.68
N ALA F 69 -52.93 -57.15 8.98
CA ALA F 69 -51.85 -56.99 9.96
C ALA F 69 -50.87 -58.18 9.91
N PHE F 70 -49.61 -57.93 10.24
CA PHE F 70 -48.55 -58.95 10.29
C PHE F 70 -47.28 -58.41 10.91
N LEU F 71 -46.48 -59.29 11.48
CA LEU F 71 -45.12 -58.95 11.87
C LEU F 71 -44.19 -59.99 11.28
N THR F 72 -43.03 -59.61 10.75
CA THR F 72 -42.20 -60.63 10.13
C THR F 72 -41.25 -61.26 11.13
N SER F 73 -40.15 -61.77 10.59
CA SER F 73 -39.06 -62.36 11.36
C SER F 73 -38.83 -61.63 12.68
N GLY F 74 -39.29 -62.22 13.77
CA GLY F 74 -39.04 -61.74 15.10
C GLY F 74 -39.24 -60.26 15.44
N THR F 75 -39.94 -59.53 14.57
CA THR F 75 -40.31 -58.16 14.90
C THR F 75 -41.32 -58.25 16.05
N GLN F 76 -41.23 -57.34 17.00
CA GLN F 76 -42.03 -57.48 18.20
C GLN F 76 -43.09 -56.40 18.32
N PHE F 77 -44.09 -56.65 19.16
CA PHE F 77 -45.08 -55.64 19.48
C PHE F 77 -45.81 -55.97 20.76
N SER F 78 -46.23 -54.89 21.43
CA SER F 78 -47.11 -54.96 22.58
C SER F 78 -47.65 -53.56 22.83
N ASP F 79 -48.97 -53.47 22.90
CA ASP F 79 -49.70 -52.20 22.95
C ASP F 79 -49.14 -51.16 23.91
N ALA F 80 -48.77 -51.63 25.10
CA ALA F 80 -48.28 -50.76 26.14
C ALA F 80 -46.81 -50.48 25.95
N GLU F 81 -46.24 -51.01 24.86
CA GLU F 81 -44.82 -50.88 24.61
C GLU F 81 -44.49 -50.25 23.24
N GLY F 82 -45.16 -50.74 22.21
CA GLY F 82 -44.89 -50.30 20.85
C GLY F 82 -44.34 -51.41 19.97
N LEU F 83 -43.78 -51.02 18.82
CA LEU F 83 -43.30 -51.93 17.79
C LEU F 83 -41.79 -51.92 17.68
N ALA F 84 -41.14 -53.07 17.89
CA ALA F 84 -39.67 -53.13 17.81
C ALA F 84 -39.20 -53.92 16.58
N LEU F 85 -38.05 -53.53 16.04
CA LEU F 85 -37.54 -54.14 14.83
C LEU F 85 -36.23 -54.87 15.12
N PRO F 86 -36.02 -56.02 14.47
CA PRO F 86 -34.92 -56.95 14.76
C PRO F 86 -33.59 -56.58 14.13
N GLN F 87 -33.56 -55.52 13.34
CA GLN F 87 -32.36 -55.16 12.61
C GLN F 87 -32.08 -53.68 12.72
N ASP F 88 -30.80 -53.33 12.85
CA ASP F 88 -30.38 -51.94 12.70
C ASP F 88 -30.56 -51.56 11.23
N GLY F 89 -31.14 -50.39 10.94
CA GLY F 89 -31.30 -49.98 9.55
C GLY F 89 -32.10 -48.73 9.26
N LEU F 90 -32.24 -48.42 7.97
CA LEU F 90 -33.08 -47.29 7.58
C LEU F 90 -34.45 -47.85 7.32
N TYR F 91 -35.46 -47.41 8.08
CA TYR F 91 -36.82 -47.87 7.84
C TYR F 91 -37.72 -46.75 7.35
N TYR F 92 -38.70 -47.13 6.55
CA TYR F 92 -39.74 -46.22 6.21
C TYR F 92 -40.92 -46.51 7.11
N LEU F 93 -41.27 -45.52 7.91
CA LEU F 93 -42.43 -45.62 8.78
C LEU F 93 -43.58 -44.95 8.05
N TYR F 94 -44.80 -45.41 8.27
CA TYR F 94 -45.96 -44.70 7.79
C TYR F 94 -47.08 -44.82 8.77
N CYS F 95 -48.02 -43.89 8.70
CA CYS F 95 -49.17 -43.92 9.58
C CYS F 95 -50.31 -43.12 9.00
N LEU F 96 -51.47 -43.76 8.92
CA LEU F 96 -52.69 -43.11 8.46
C LEU F 96 -53.83 -43.39 9.39
N VAL F 97 -54.60 -42.38 9.77
CA VAL F 97 -55.74 -42.55 10.65
C VAL F 97 -57.00 -41.95 10.04
N GLY F 98 -58.04 -42.76 9.90
CA GLY F 98 -59.31 -42.26 9.38
C GLY F 98 -60.23 -41.84 10.51
N TYR F 99 -60.92 -40.72 10.32
CA TYR F 99 -61.79 -40.18 11.37
C TYR F 99 -63.27 -40.02 10.98
N ARG F 100 -64.11 -39.96 12.01
CA ARG F 100 -65.57 -39.77 11.91
C ARG F 100 -65.91 -38.63 12.85
N GLY F 101 -65.48 -37.42 12.46
CA GLY F 101 -65.64 -36.26 13.32
C GLY F 101 -66.93 -35.54 13.08
N ARG F 102 -67.95 -36.05 13.79
CA ARG F 102 -69.32 -35.56 13.77
C ARG F 102 -69.79 -35.23 15.19
N ALA F 103 -70.28 -34.01 15.40
CA ALA F 103 -70.75 -33.53 16.73
C ALA F 103 -71.91 -32.55 16.60
N PRO F 104 -72.85 -32.60 17.58
CA PRO F 104 -73.92 -31.62 17.76
C PRO F 104 -73.43 -30.38 18.50
N GLN F 111 -67.25 -24.97 17.46
CA GLN F 111 -66.61 -26.25 17.75
C GLN F 111 -65.09 -26.16 17.55
N GLY F 112 -64.53 -26.96 16.65
CA GLY F 112 -63.09 -26.92 16.44
C GLY F 112 -62.28 -28.07 16.97
N ARG F 113 -62.37 -29.21 16.30
CA ARG F 113 -61.60 -30.40 16.63
C ARG F 113 -60.13 -30.17 16.32
N SER F 114 -59.27 -30.49 17.30
CA SER F 114 -57.82 -30.35 17.17
C SER F 114 -57.18 -31.70 16.91
N VAL F 115 -57.57 -32.32 15.80
CA VAL F 115 -57.23 -33.71 15.55
C VAL F 115 -55.79 -33.86 15.08
N THR F 116 -54.94 -34.54 15.84
CA THR F 116 -53.57 -34.74 15.38
C THR F 116 -53.09 -36.20 15.42
N LEU F 117 -51.87 -36.42 14.97
CA LEU F 117 -51.33 -37.74 14.69
C LEU F 117 -49.85 -37.74 14.82
N ARG F 118 -49.25 -38.79 15.37
CA ARG F 118 -47.79 -38.83 15.38
C ARG F 118 -47.18 -40.13 15.88
N SER F 119 -46.14 -40.60 15.20
CA SER F 119 -45.36 -41.74 15.72
C SER F 119 -44.08 -41.23 16.35
N SER F 120 -43.82 -41.80 17.53
CA SER F 120 -42.74 -41.43 18.40
C SER F 120 -41.90 -42.67 18.73
N LEU F 121 -40.68 -42.47 19.21
CA LEU F 121 -39.86 -43.56 19.83
C LEU F 121 -39.28 -43.13 21.19
N THR F 132 -37.28 -40.56 27.74
CA THR F 132 -37.66 -39.31 27.10
C THR F 132 -37.95 -39.52 25.62
N PRO F 133 -39.23 -39.64 25.25
CA PRO F 133 -39.67 -40.00 23.90
C PRO F 133 -39.20 -39.03 22.83
N GLU F 134 -39.07 -39.48 21.59
CA GLU F 134 -38.56 -38.62 20.53
C GLU F 134 -39.60 -38.56 19.41
N LEU F 135 -40.06 -37.35 19.08
CA LEU F 135 -41.09 -37.22 18.05
C LEU F 135 -40.49 -37.39 16.68
N LEU F 136 -41.07 -38.27 15.88
CA LEU F 136 -40.50 -38.60 14.58
C LEU F 136 -41.35 -38.09 13.44
N LEU F 137 -42.60 -38.54 13.38
CA LEU F 137 -43.43 -38.08 12.26
C LEU F 137 -44.78 -37.62 12.78
N GLU F 138 -45.34 -36.59 12.18
CA GLU F 138 -46.51 -35.91 12.74
C GLU F 138 -47.32 -35.25 11.66
N GLY F 139 -48.62 -35.47 11.70
CA GLY F 139 -49.53 -34.77 10.80
C GLY F 139 -50.70 -34.31 11.63
N ALA F 140 -51.42 -33.31 11.17
CA ALA F 140 -52.54 -32.87 11.97
C ALA F 140 -53.57 -32.16 11.11
N GLU F 141 -54.82 -32.27 11.50
CA GLU F 141 -55.88 -31.53 10.86
C GLU F 141 -56.91 -31.10 11.90
N THR F 142 -57.07 -29.79 12.00
CA THR F 142 -58.15 -29.24 12.80
C THR F 142 -59.35 -28.99 11.86
N VAL F 143 -60.53 -29.43 12.32
CA VAL F 143 -61.78 -29.24 11.59
C VAL F 143 -62.81 -28.78 12.61
N THR F 144 -63.55 -27.69 12.35
CA THR F 144 -64.55 -27.19 13.32
C THR F 144 -65.99 -27.79 13.21
N PRO F 145 -66.58 -27.92 12.01
CA PRO F 145 -66.29 -27.65 10.60
C PRO F 145 -66.54 -26.20 10.23
N TRP F 159 -69.28 -36.07 9.94
CA TRP F 159 -68.24 -35.76 8.96
C TRP F 159 -67.27 -36.93 8.78
N TYR F 160 -66.36 -36.76 7.82
CA TYR F 160 -65.28 -37.72 7.53
C TYR F 160 -63.95 -37.01 7.20
N THR F 161 -62.83 -37.48 7.75
CA THR F 161 -61.52 -37.01 7.29
C THR F 161 -60.47 -38.07 7.59
N SER F 162 -59.38 -38.04 6.85
CA SER F 162 -58.28 -39.00 7.04
C SER F 162 -56.96 -38.25 7.07
N VAL F 163 -56.05 -38.66 7.96
CA VAL F 163 -54.78 -37.96 8.11
C VAL F 163 -53.63 -38.96 7.99
N GLY F 164 -52.66 -38.69 7.12
CA GLY F 164 -51.60 -39.66 6.86
C GLY F 164 -50.25 -39.06 6.56
N PHE F 165 -49.21 -39.84 6.85
CA PHE F 165 -47.83 -39.40 6.67
C PHE F 165 -46.88 -40.60 6.63
N GLY F 166 -45.69 -40.40 6.07
CA GLY F 166 -44.67 -41.44 6.00
C GLY F 166 -43.31 -40.79 6.10
N GLY F 167 -42.25 -41.55 6.33
CA GLY F 167 -40.93 -40.95 6.37
C GLY F 167 -39.78 -41.89 6.66
N LEU F 168 -38.59 -41.55 6.17
CA LEU F 168 -37.42 -42.39 6.47
C LEU F 168 -36.84 -42.08 7.84
N VAL F 169 -36.80 -43.08 8.70
CA VAL F 169 -36.14 -42.96 9.99
C VAL F 169 -35.09 -44.07 10.16
N GLN F 170 -33.90 -43.69 10.62
CA GLN F 170 -32.83 -44.65 10.85
C GLN F 170 -33.00 -45.18 12.25
N LEU F 171 -33.61 -46.36 12.34
CA LEU F 171 -33.90 -46.99 13.64
C LEU F 171 -32.85 -48.06 13.99
N ARG F 172 -32.66 -48.24 15.29
CA ARG F 172 -31.67 -49.17 15.79
C ARG F 172 -32.40 -50.36 16.41
N ARG F 173 -31.83 -51.56 16.26
CA ARG F 173 -32.40 -52.79 16.83
C ARG F 173 -32.85 -52.60 18.27
N GLY F 174 -34.03 -53.11 18.61
CA GLY F 174 -34.47 -53.03 20.00
C GLY F 174 -35.20 -51.75 20.33
N GLU F 175 -35.05 -50.74 19.47
CA GLU F 175 -35.82 -49.51 19.61
C GLU F 175 -37.29 -49.85 19.35
N ARG F 176 -38.18 -49.21 20.11
CA ARG F 176 -39.60 -49.32 19.85
C ARG F 176 -40.18 -47.99 19.39
N VAL F 177 -41.05 -48.07 18.39
CA VAL F 177 -41.81 -46.92 17.92
C VAL F 177 -43.29 -47.14 18.15
N TYR F 178 -43.96 -46.16 18.74
CA TYR F 178 -45.39 -46.24 18.97
C TYR F 178 -46.11 -45.08 18.29
N VAL F 179 -47.43 -45.09 18.38
CA VAL F 179 -48.28 -44.03 17.83
C VAL F 179 -49.08 -43.31 18.94
N ASN F 180 -49.17 -41.99 18.84
CA ASN F 180 -49.99 -41.17 19.72
C ASN F 180 -51.01 -40.41 18.87
N ILE F 181 -52.27 -40.68 19.19
CA ILE F 181 -53.39 -40.04 18.54
C ILE F 181 -54.14 -39.17 19.54
N SER F 182 -54.58 -38.01 19.06
CA SER F 182 -55.19 -37.04 19.93
C SER F 182 -56.61 -37.38 20.30
N HIS F 183 -57.41 -37.85 19.35
CA HIS F 183 -58.83 -38.02 19.68
C HIS F 183 -59.39 -39.40 19.32
N PRO F 184 -59.04 -40.41 20.14
CA PRO F 184 -59.51 -41.78 19.92
C PRO F 184 -61.02 -41.91 20.06
N ASP F 185 -61.66 -40.90 20.59
CA ASP F 185 -63.10 -40.91 20.69
C ASP F 185 -63.72 -40.92 19.31
N MET F 186 -62.97 -40.46 18.30
CA MET F 186 -63.57 -40.31 16.98
C MET F 186 -62.72 -40.86 15.82
N VAL F 187 -62.08 -41.99 16.06
CA VAL F 187 -61.28 -42.67 15.05
C VAL F 187 -62.04 -43.83 14.34
N ASP F 188 -62.20 -43.73 13.03
CA ASP F 188 -62.90 -44.73 12.23
C ASP F 188 -62.12 -46.05 12.30
N PHE F 189 -62.79 -47.20 12.39
CA PHE F 189 -62.09 -48.48 12.44
C PHE F 189 -62.38 -49.37 11.23
N ALA F 190 -63.29 -48.93 10.38
CA ALA F 190 -63.64 -49.66 9.15
C ALA F 190 -62.43 -49.96 8.24
N ARG F 191 -61.79 -51.09 8.54
CA ARG F 191 -60.64 -51.58 7.78
C ARG F 191 -59.57 -50.53 7.52
N GLY F 192 -59.02 -50.60 6.30
CA GLY F 192 -57.94 -49.73 5.86
C GLY F 192 -58.24 -48.26 6.02
N LYS F 193 -58.51 -47.87 7.26
CA LYS F 193 -58.76 -46.49 7.62
C LYS F 193 -57.77 -46.02 8.68
N THR F 194 -57.33 -46.93 9.55
CA THR F 194 -56.22 -46.61 10.48
C THR F 194 -55.20 -47.72 10.61
N PHE F 195 -53.95 -47.38 10.38
CA PHE F 195 -52.87 -48.36 10.39
C PHE F 195 -51.53 -47.67 10.46
N PHE F 196 -50.54 -48.39 10.98
CA PHE F 196 -49.20 -47.84 10.95
C PHE F 196 -48.24 -48.98 10.70
N GLY F 197 -47.12 -48.70 10.02
CA GLY F 197 -46.23 -49.78 9.66
C GLY F 197 -44.86 -49.36 9.25
N ALA F 198 -43.99 -50.35 9.05
CA ALA F 198 -42.58 -50.10 8.81
C ALA F 198 -41.99 -51.10 7.83
N VAL F 199 -40.99 -50.66 7.07
CA VAL F 199 -40.19 -51.57 6.25
C VAL F 199 -38.74 -51.16 6.23
N MET F 200 -37.85 -52.14 6.28
CA MET F 200 -36.48 -51.80 6.04
C MET F 200 -36.33 -51.46 4.56
N VAL F 201 -35.43 -50.50 4.28
CA VAL F 201 -35.11 -50.14 2.91
C VAL F 201 -33.66 -50.37 2.54
N LEU G 45 -37.16 -55.63 -11.01
CA LEU G 45 -38.01 -54.97 -10.01
C LEU G 45 -39.34 -54.43 -10.53
N PRO G 46 -40.44 -55.15 -10.23
CA PRO G 46 -41.81 -54.81 -10.59
C PRO G 46 -42.35 -53.65 -9.76
N ALA G 47 -42.96 -52.68 -10.43
CA ALA G 47 -43.53 -51.51 -9.80
C ALA G 47 -44.47 -50.89 -10.81
N ALA G 48 -45.36 -50.01 -10.38
CA ALA G 48 -46.21 -49.32 -11.33
C ALA G 48 -46.61 -47.99 -10.76
N HIS G 49 -46.80 -47.02 -11.64
CA HIS G 49 -47.34 -45.74 -11.25
C HIS G 49 -48.28 -45.28 -12.35
N LEU G 50 -49.55 -45.06 -12.01
CA LEU G 50 -50.56 -44.71 -13.02
C LEU G 50 -51.17 -43.36 -12.69
N ILE G 51 -51.44 -42.53 -13.72
CA ILE G 51 -52.06 -41.21 -13.50
C ILE G 51 -53.54 -41.16 -13.87
N GLY G 52 -54.30 -40.28 -13.23
CA GLY G 52 -55.69 -40.07 -13.59
C GLY G 52 -55.94 -39.56 -15.01
N ALA G 53 -57.01 -40.07 -15.65
CA ALA G 53 -57.40 -39.60 -16.98
C ALA G 53 -58.91 -39.53 -17.10
N PRO G 54 -59.44 -38.44 -17.70
CA PRO G 54 -60.88 -38.35 -17.88
C PRO G 54 -61.31 -39.06 -19.15
N LEU G 55 -62.09 -40.12 -18.99
CA LEU G 55 -62.63 -40.91 -20.08
C LEU G 55 -64.11 -41.11 -19.73
N LYS G 56 -64.97 -41.14 -20.75
CA LYS G 56 -66.43 -41.01 -20.63
C LYS G 56 -66.73 -39.58 -20.21
N GLY G 57 -67.66 -38.95 -20.92
CA GLY G 57 -68.09 -37.58 -20.64
C GLY G 57 -67.73 -37.01 -19.29
N GLN G 58 -68.07 -37.73 -18.22
CA GLN G 58 -67.55 -37.42 -16.89
C GLN G 58 -67.17 -38.65 -16.04
N GLY G 59 -66.36 -39.55 -16.62
CA GLY G 59 -65.87 -40.67 -15.85
C GLY G 59 -64.38 -40.65 -15.57
N LEU G 60 -63.79 -41.82 -15.37
CA LEU G 60 -62.41 -41.94 -14.88
C LEU G 60 -61.68 -43.21 -15.28
N GLY G 61 -60.51 -43.05 -15.89
CA GLY G 61 -59.66 -44.16 -16.25
C GLY G 61 -58.25 -43.88 -15.76
N TRP G 62 -57.34 -44.80 -16.01
CA TRP G 62 -55.97 -44.65 -15.56
C TRP G 62 -54.98 -44.75 -16.70
N GLU G 63 -54.12 -43.75 -16.79
CA GLU G 63 -53.08 -43.66 -17.80
C GLU G 63 -51.81 -44.39 -17.33
N THR G 64 -51.13 -45.02 -18.30
CA THR G 64 -50.01 -45.91 -18.04
C THR G 64 -48.73 -45.54 -18.80
N THR G 65 -48.81 -44.55 -19.69
CA THR G 65 -47.65 -44.19 -20.48
C THR G 65 -47.35 -42.71 -20.46
N LYS G 66 -48.38 -41.86 -20.37
CA LYS G 66 -48.12 -40.42 -20.47
C LYS G 66 -47.30 -39.90 -19.27
N GLU G 67 -46.76 -38.69 -19.42
CA GLU G 67 -46.03 -37.99 -18.36
C GLU G 67 -45.19 -38.92 -17.53
N GLN G 68 -45.71 -39.25 -16.37
CA GLN G 68 -44.93 -39.98 -15.37
C GLN G 68 -45.33 -41.43 -15.24
N ALA G 69 -46.48 -41.79 -15.78
CA ALA G 69 -46.95 -43.14 -15.66
C ALA G 69 -45.99 -44.14 -16.30
N PHE G 70 -45.98 -45.36 -15.76
CA PHE G 70 -45.13 -46.42 -16.30
C PHE G 70 -45.47 -47.76 -15.69
N LEU G 71 -45.23 -48.81 -16.46
CA LEU G 71 -45.30 -50.13 -15.88
C LEU G 71 -44.02 -50.81 -16.22
N THR G 72 -43.55 -51.65 -15.30
CA THR G 72 -42.29 -52.36 -15.45
C THR G 72 -42.31 -53.73 -16.18
N SER G 73 -41.32 -54.54 -15.83
CA SER G 73 -41.21 -55.90 -16.34
C SER G 73 -42.53 -56.59 -16.28
N GLY G 74 -43.23 -56.63 -17.39
CA GLY G 74 -44.46 -57.39 -17.48
C GLY G 74 -45.56 -57.21 -16.44
N THR G 75 -45.54 -56.13 -15.66
CA THR G 75 -46.70 -55.84 -14.82
C THR G 75 -47.80 -55.43 -15.78
N GLN G 76 -49.05 -55.79 -15.47
CA GLN G 76 -50.18 -55.59 -16.38
C GLN G 76 -51.19 -54.57 -15.86
N PHE G 77 -52.02 -54.06 -16.77
CA PHE G 77 -53.14 -53.19 -16.41
C PHE G 77 -54.13 -53.07 -17.57
N SER G 78 -55.39 -52.85 -17.23
CA SER G 78 -56.45 -52.53 -18.17
C SER G 78 -57.62 -52.02 -17.35
N ASP G 79 -58.14 -50.84 -17.71
CA ASP G 79 -59.09 -50.09 -16.90
C ASP G 79 -60.19 -50.91 -16.24
N ALA G 80 -60.75 -51.86 -16.98
CA ALA G 80 -61.89 -52.62 -16.47
C ALA G 80 -61.42 -53.78 -15.59
N GLU G 81 -60.12 -53.90 -15.42
CA GLU G 81 -59.54 -55.07 -14.75
C GLU G 81 -58.75 -54.73 -13.50
N GLY G 82 -57.88 -53.73 -13.59
CA GLY G 82 -57.03 -53.35 -12.48
C GLY G 82 -55.56 -53.53 -12.81
N LEU G 83 -54.73 -53.56 -11.77
CA LEU G 83 -53.27 -53.64 -11.92
C LEU G 83 -52.65 -54.94 -11.37
N ALA G 84 -51.99 -55.73 -12.22
CA ALA G 84 -51.38 -56.99 -11.75
C ALA G 84 -49.86 -56.97 -11.75
N LEU G 85 -49.27 -57.61 -10.74
CA LEU G 85 -47.81 -57.61 -10.57
C LEU G 85 -47.28 -59.04 -10.77
N PRO G 86 -46.12 -59.14 -11.43
CA PRO G 86 -45.53 -60.40 -11.91
C PRO G 86 -44.79 -61.20 -10.85
N GLN G 87 -44.72 -60.68 -9.62
CA GLN G 87 -43.95 -61.33 -8.58
C GLN G 87 -44.76 -61.40 -7.30
N ASP G 88 -44.72 -62.55 -6.65
CA ASP G 88 -45.26 -62.69 -5.31
C ASP G 88 -44.36 -61.87 -4.41
N GLY G 89 -44.97 -61.07 -3.55
CA GLY G 89 -44.15 -60.29 -2.64
C GLY G 89 -44.89 -59.29 -1.77
N LEU G 90 -44.12 -58.58 -0.96
CA LEU G 90 -44.70 -57.54 -0.14
C LEU G 90 -44.61 -56.26 -0.97
N TYR G 91 -45.74 -55.63 -1.24
CA TYR G 91 -45.73 -54.39 -1.99
C TYR G 91 -46.19 -53.25 -1.16
N TYR G 92 -45.71 -52.07 -1.50
CA TYR G 92 -46.25 -50.86 -0.93
C TYR G 92 -47.19 -50.29 -1.99
N LEU G 93 -48.48 -50.20 -1.63
CA LEU G 93 -49.51 -49.62 -2.50
C LEU G 93 -49.81 -48.19 -2.07
N TYR G 94 -50.03 -47.32 -3.06
CA TYR G 94 -50.39 -45.97 -2.72
C TYR G 94 -51.41 -45.38 -3.65
N CYS G 95 -52.11 -44.38 -3.15
CA CYS G 95 -53.10 -43.69 -3.93
C CYS G 95 -53.39 -42.31 -3.40
N LEU G 96 -53.27 -41.33 -4.28
CA LEU G 96 -53.64 -39.97 -3.95
C LEU G 96 -54.53 -39.43 -5.04
N VAL G 97 -55.65 -38.82 -4.62
CA VAL G 97 -56.60 -38.20 -5.54
C VAL G 97 -56.91 -36.77 -5.13
N GLY G 98 -56.70 -35.86 -6.09
CA GLY G 98 -57.02 -34.44 -5.93
C GLY G 98 -58.39 -34.08 -6.49
N TYR G 99 -59.12 -33.26 -5.74
CA TYR G 99 -60.46 -32.86 -6.11
C TYR G 99 -60.66 -31.34 -6.19
N ARG G 100 -61.56 -30.97 -7.10
CA ARG G 100 -61.95 -29.60 -7.34
C ARG G 100 -63.47 -29.49 -7.46
N GLY G 101 -64.09 -28.61 -6.71
CA GLY G 101 -65.53 -28.44 -6.82
C GLY G 101 -65.90 -26.98 -6.69
N ARG G 102 -67.11 -26.60 -7.11
CA ARG G 102 -67.56 -25.22 -6.98
C ARG G 102 -68.82 -25.28 -6.11
N ALA G 103 -69.99 -25.05 -6.72
CA ALA G 103 -71.27 -25.11 -6.01
C ALA G 103 -72.41 -24.78 -6.97
N PRO G 104 -73.58 -25.43 -6.78
CA PRO G 104 -74.76 -25.03 -7.55
C PRO G 104 -75.43 -23.77 -6.96
N PRO G 105 -76.25 -23.07 -7.76
CA PRO G 105 -76.87 -21.84 -7.24
C PRO G 105 -77.89 -22.11 -6.12
N GLN G 111 -75.22 -28.44 0.71
CA GLN G 111 -74.54 -29.49 -0.03
C GLN G 111 -74.15 -30.68 0.86
N GLY G 112 -72.85 -30.92 0.96
CA GLY G 112 -72.24 -31.95 1.79
C GLY G 112 -71.71 -33.16 1.02
N ARG G 113 -70.66 -32.96 0.22
CA ARG G 113 -70.04 -34.03 -0.58
C ARG G 113 -69.30 -35.04 0.29
N SER G 114 -69.52 -36.31 -0.01
CA SER G 114 -68.88 -37.38 0.73
C SER G 114 -67.70 -38.01 -0.02
N VAL G 115 -66.63 -37.25 -0.31
CA VAL G 115 -65.60 -37.75 -1.23
C VAL G 115 -64.74 -38.86 -0.56
N THR G 116 -64.78 -40.07 -1.11
CA THR G 116 -63.96 -41.14 -0.53
C THR G 116 -63.04 -41.78 -1.58
N LEU G 117 -62.20 -42.70 -1.09
CA LEU G 117 -61.04 -43.21 -1.83
C LEU G 117 -60.70 -44.59 -1.36
N ARG G 118 -60.36 -45.48 -2.29
CA ARG G 118 -59.92 -46.81 -1.84
C ARG G 118 -59.39 -47.74 -2.93
N SER G 119 -58.35 -48.50 -2.58
CA SER G 119 -57.86 -49.58 -3.43
C SER G 119 -58.20 -50.91 -2.78
N SER G 120 -58.73 -51.78 -3.63
CA SER G 120 -59.16 -53.11 -3.23
C SER G 120 -58.49 -54.11 -4.17
N LEU G 121 -58.44 -55.37 -3.77
CA LEU G 121 -58.08 -56.49 -4.68
C LEU G 121 -59.18 -57.54 -4.67
N TYR G 128 -58.63 -66.56 -3.64
CA TYR G 128 -58.97 -66.44 -2.22
C TYR G 128 -60.48 -66.46 -2.01
N GLY G 129 -61.13 -65.37 -2.39
CA GLY G 129 -62.57 -65.25 -2.25
C GLY G 129 -63.30 -65.47 -3.56
N PRO G 130 -64.37 -66.28 -3.51
CA PRO G 130 -65.16 -66.57 -4.72
C PRO G 130 -65.15 -65.46 -5.77
N GLY G 131 -66.17 -64.60 -5.75
CA GLY G 131 -66.25 -63.45 -6.64
C GLY G 131 -66.34 -62.15 -5.85
N THR G 132 -65.55 -62.04 -4.78
CA THR G 132 -65.79 -61.07 -3.72
C THR G 132 -64.62 -60.17 -3.36
N PRO G 133 -64.71 -58.88 -3.74
CA PRO G 133 -63.60 -57.94 -3.56
C PRO G 133 -63.19 -57.75 -2.10
N GLU G 134 -61.90 -57.47 -1.87
CA GLU G 134 -61.32 -57.33 -0.54
C GLU G 134 -60.76 -55.94 -0.42
N LEU G 135 -61.26 -55.17 0.54
CA LEU G 135 -60.82 -53.79 0.72
C LEU G 135 -59.51 -53.76 1.49
N LEU G 136 -58.56 -53.01 0.95
CA LEU G 136 -57.20 -52.92 1.48
C LEU G 136 -56.95 -51.57 2.11
N LEU G 137 -57.05 -50.53 1.28
CA LEU G 137 -56.75 -49.20 1.78
C LEU G 137 -57.85 -48.24 1.43
N GLU G 138 -58.15 -47.34 2.36
CA GLU G 138 -59.28 -46.44 2.24
C GLU G 138 -59.10 -45.19 3.06
N GLY G 139 -59.35 -44.05 2.42
CA GLY G 139 -59.36 -42.79 3.14
C GLY G 139 -60.58 -42.04 2.67
N ALA G 140 -61.03 -41.04 3.42
CA ALA G 140 -62.21 -40.27 3.01
C ALA G 140 -62.21 -38.86 3.61
N GLU G 141 -62.79 -37.92 2.88
CA GLU G 141 -62.98 -36.56 3.38
C GLU G 141 -64.34 -36.08 2.87
N THR G 142 -65.23 -35.82 3.83
CA THR G 142 -66.50 -35.21 3.54
C THR G 142 -66.32 -33.71 3.73
N VAL G 143 -66.77 -32.92 2.76
CA VAL G 143 -66.69 -31.46 2.85
C VAL G 143 -68.06 -30.94 2.46
N THR G 144 -68.62 -30.03 3.27
CA THR G 144 -69.97 -29.51 3.00
C THR G 144 -70.03 -28.29 2.07
N PRO G 145 -69.18 -27.25 2.27
CA PRO G 145 -69.43 -26.07 1.45
C PRO G 145 -69.31 -26.34 -0.03
N PRO G 157 -68.36 -21.76 -4.92
CA PRO G 157 -67.20 -21.61 -5.78
C PRO G 157 -65.87 -22.03 -5.15
N LEU G 158 -65.36 -23.18 -5.62
CA LEU G 158 -63.97 -23.64 -5.48
C LEU G 158 -63.62 -24.38 -4.18
N TRP G 159 -64.00 -25.67 -4.18
CA TRP G 159 -63.66 -26.64 -3.16
C TRP G 159 -62.38 -27.41 -3.50
N TYR G 160 -61.22 -26.94 -3.02
CA TYR G 160 -59.97 -27.72 -3.21
C TYR G 160 -59.67 -28.67 -2.07
N THR G 161 -59.47 -29.95 -2.40
CA THR G 161 -58.97 -30.87 -1.36
C THR G 161 -58.28 -32.06 -1.99
N SER G 162 -57.35 -32.67 -1.24
CA SER G 162 -56.63 -33.85 -1.71
C SER G 162 -56.60 -34.92 -0.63
N VAL G 163 -56.84 -36.15 -1.06
CA VAL G 163 -56.95 -37.26 -0.14
C VAL G 163 -56.02 -38.36 -0.60
N GLY G 164 -55.23 -38.88 0.33
CA GLY G 164 -54.22 -39.87 0.02
C GLY G 164 -53.90 -40.85 1.12
N PHE G 165 -53.37 -42.01 0.71
CA PHE G 165 -52.96 -43.06 1.63
C PHE G 165 -51.96 -44.01 0.94
N GLY G 166 -51.13 -44.64 1.75
CA GLY G 166 -50.25 -45.67 1.22
C GLY G 166 -50.07 -46.69 2.33
N GLY G 167 -49.72 -47.92 1.94
CA GLY G 167 -49.57 -49.00 2.90
C GLY G 167 -49.10 -50.32 2.31
N LEU G 168 -48.49 -51.15 3.16
CA LEU G 168 -47.94 -52.46 2.76
C LEU G 168 -48.97 -53.59 2.72
N VAL G 169 -49.12 -54.19 1.55
CA VAL G 169 -49.99 -55.34 1.32
C VAL G 169 -49.17 -56.47 0.72
N GLN G 170 -49.33 -57.69 1.23
CA GLN G 170 -48.58 -58.80 0.67
C GLN G 170 -49.37 -59.35 -0.51
N LEU G 171 -48.98 -58.96 -1.72
CA LEU G 171 -49.71 -59.40 -2.89
C LEU G 171 -49.11 -60.64 -3.53
N ARG G 172 -49.97 -61.38 -4.21
CA ARG G 172 -49.56 -62.59 -4.87
C ARG G 172 -49.63 -62.39 -6.38
N ARG G 173 -48.71 -63.04 -7.09
CA ARG G 173 -48.65 -62.99 -8.55
C ARG G 173 -50.00 -63.12 -9.14
N GLY G 174 -50.31 -62.29 -10.13
CA GLY G 174 -51.55 -62.43 -10.85
C GLY G 174 -52.72 -61.75 -10.20
N GLU G 175 -52.64 -61.48 -8.89
CA GLU G 175 -53.70 -60.75 -8.21
C GLU G 175 -53.82 -59.40 -8.84
N ARG G 176 -55.02 -58.86 -8.93
CA ARG G 176 -55.16 -57.51 -9.44
C ARG G 176 -55.71 -56.59 -8.37
N VAL G 177 -55.14 -55.39 -8.31
CA VAL G 177 -55.57 -54.33 -7.42
C VAL G 177 -56.07 -53.20 -8.25
N TYR G 178 -57.22 -52.68 -7.87
CA TYR G 178 -57.78 -51.52 -8.55
C TYR G 178 -58.16 -50.40 -7.57
N VAL G 179 -58.56 -49.27 -8.13
CA VAL G 179 -59.01 -48.18 -7.30
C VAL G 179 -60.48 -47.80 -7.59
N ASN G 180 -61.23 -47.57 -6.52
CA ASN G 180 -62.60 -47.06 -6.59
C ASN G 180 -62.64 -45.75 -5.85
N ILE G 181 -63.10 -44.75 -6.59
CA ILE G 181 -63.25 -43.39 -6.15
C ILE G 181 -64.75 -43.07 -6.08
N SER G 182 -65.14 -42.28 -5.09
CA SER G 182 -66.55 -41.93 -4.89
C SER G 182 -67.07 -40.89 -5.88
N HIS G 183 -66.26 -39.89 -6.19
CA HIS G 183 -66.78 -38.77 -6.98
C HIS G 183 -65.92 -38.33 -8.17
N PRO G 184 -65.86 -39.14 -9.24
CA PRO G 184 -65.17 -38.68 -10.45
C PRO G 184 -65.80 -37.45 -11.11
N ASP G 185 -66.99 -37.06 -10.67
CA ASP G 185 -67.60 -35.86 -11.21
C ASP G 185 -66.73 -34.65 -10.89
N MET G 186 -65.93 -34.77 -9.83
CA MET G 186 -65.16 -33.64 -9.32
C MET G 186 -63.68 -33.95 -9.00
N VAL G 187 -63.06 -34.78 -9.83
CA VAL G 187 -61.68 -35.19 -9.59
C VAL G 187 -60.68 -34.38 -10.41
N ASP G 188 -59.76 -33.71 -9.74
CA ASP G 188 -58.77 -32.86 -10.42
C ASP G 188 -57.83 -33.69 -11.26
N PHE G 189 -57.57 -33.25 -12.49
CA PHE G 189 -56.70 -34.04 -13.38
C PHE G 189 -55.40 -33.31 -13.69
N ALA G 190 -55.25 -32.11 -13.14
CA ALA G 190 -54.03 -31.31 -13.32
C ALA G 190 -52.78 -32.01 -12.82
N ARG G 191 -52.21 -32.87 -13.66
CA ARG G 191 -50.96 -33.56 -13.36
C ARG G 191 -50.95 -34.27 -12.02
N GLY G 192 -49.77 -34.37 -11.42
CA GLY G 192 -49.56 -35.07 -10.17
C GLY G 192 -50.54 -34.75 -9.06
N LYS G 193 -51.82 -34.95 -9.36
CA LYS G 193 -52.90 -34.72 -8.40
C LYS G 193 -53.68 -36.02 -8.20
N THR G 194 -53.77 -36.84 -9.24
CA THR G 194 -54.40 -38.17 -9.10
C THR G 194 -53.61 -39.31 -9.73
N PHE G 195 -53.28 -40.27 -8.88
CA PHE G 195 -52.41 -41.34 -9.25
C PHE G 195 -52.48 -42.47 -8.24
N PHE G 196 -52.16 -43.68 -8.69
CA PHE G 196 -52.01 -44.79 -7.76
C PHE G 196 -50.94 -45.75 -8.31
N GLY G 197 -50.23 -46.42 -7.40
CA GLY G 197 -49.15 -47.28 -7.81
C GLY G 197 -48.59 -48.21 -6.76
N ALA G 198 -47.68 -49.07 -7.18
CA ALA G 198 -47.18 -50.15 -6.36
C ALA G 198 -45.70 -50.37 -6.54
N VAL G 199 -45.01 -50.77 -5.48
CA VAL G 199 -43.60 -51.15 -5.62
C VAL G 199 -43.30 -52.31 -4.71
N MET G 200 -42.50 -53.26 -5.16
CA MET G 200 -42.04 -54.30 -4.24
C MET G 200 -41.06 -53.72 -3.24
N VAL G 201 -41.06 -54.27 -2.02
CA VAL G 201 -40.11 -53.88 -0.99
C VAL G 201 -39.21 -55.06 -0.55
N CYS H 25 -60.12 -73.28 -13.49
CA CYS H 25 -60.22 -74.48 -12.64
C CYS H 25 -61.47 -75.32 -12.94
N ARG H 26 -61.81 -76.17 -11.99
CA ARG H 26 -62.98 -77.04 -12.03
C ARG H 26 -64.21 -76.19 -11.72
N ASP H 27 -65.12 -76.70 -10.88
CA ASP H 27 -66.24 -75.91 -10.40
C ASP H 27 -65.78 -75.04 -9.23
N GLN H 28 -66.43 -73.90 -9.04
CA GLN H 28 -65.92 -72.87 -8.16
C GLN H 28 -66.51 -72.90 -6.75
N GLU H 29 -66.42 -71.75 -6.08
CA GLU H 29 -66.79 -71.55 -4.65
C GLU H 29 -66.23 -72.51 -3.61
N LYS H 30 -65.85 -73.72 -3.98
CA LYS H 30 -65.44 -74.70 -2.98
C LYS H 30 -64.04 -75.16 -3.29
N GLU H 31 -63.55 -74.76 -4.46
CA GLU H 31 -62.19 -75.08 -4.84
C GLU H 31 -61.46 -73.79 -5.20
N TYR H 32 -60.14 -73.87 -5.28
CA TYR H 32 -59.38 -72.74 -5.73
C TYR H 32 -58.40 -73.28 -6.75
N TYR H 33 -57.24 -72.65 -6.88
CA TYR H 33 -56.22 -73.06 -7.82
C TYR H 33 -54.90 -72.62 -7.21
N GLU H 34 -54.06 -73.57 -6.78
CA GLU H 34 -52.80 -73.23 -6.13
C GLU H 34 -51.64 -73.37 -7.11
N PRO H 35 -50.92 -72.26 -7.42
CA PRO H 35 -49.94 -72.37 -8.52
C PRO H 35 -48.62 -73.07 -8.18
N GLN H 36 -48.41 -73.46 -6.92
CA GLN H 36 -47.16 -74.13 -6.52
C GLN H 36 -47.20 -75.61 -6.87
N HIS H 37 -48.40 -76.08 -7.19
CA HIS H 37 -48.56 -77.31 -7.95
C HIS H 37 -49.53 -77.04 -9.09
N ARG H 38 -49.72 -78.01 -9.96
CA ARG H 38 -50.48 -77.77 -11.19
C ARG H 38 -51.80 -78.49 -11.12
N ILE H 39 -52.39 -78.45 -9.92
CA ILE H 39 -53.63 -79.10 -9.62
C ILE H 39 -54.41 -78.15 -8.71
N CYS H 40 -55.72 -78.04 -8.90
CA CYS H 40 -56.49 -77.10 -8.12
C CYS H 40 -57.21 -77.83 -6.96
N CYS H 41 -56.99 -77.39 -5.73
CA CYS H 41 -57.61 -78.05 -4.58
C CYS H 41 -58.51 -77.15 -3.72
N SER H 42 -58.90 -77.67 -2.56
CA SER H 42 -60.10 -77.20 -1.83
C SER H 42 -60.01 -75.81 -1.24
N ARG H 43 -61.12 -75.10 -1.25
CA ARG H 43 -61.23 -73.88 -0.46
C ARG H 43 -61.19 -74.26 1.04
N CYS H 44 -61.27 -73.25 1.90
CA CYS H 44 -61.49 -73.50 3.34
C CYS H 44 -62.92 -73.10 3.69
N PRO H 45 -63.54 -73.82 4.61
CA PRO H 45 -64.91 -73.46 4.97
C PRO H 45 -64.96 -72.24 5.87
N PRO H 46 -66.05 -71.49 5.73
CA PRO H 46 -66.37 -70.33 6.58
C PRO H 46 -66.02 -70.57 8.04
N GLY H 47 -65.24 -69.69 8.64
CA GLY H 47 -64.90 -69.85 10.03
C GLY H 47 -63.47 -70.32 10.17
N THR H 48 -62.90 -70.73 9.05
CA THR H 48 -61.53 -71.23 9.05
C THR H 48 -60.56 -70.42 8.19
N TYR H 49 -59.29 -70.54 8.52
CA TYR H 49 -58.22 -70.10 7.63
C TYR H 49 -57.37 -71.29 7.21
N VAL H 50 -56.80 -71.22 6.02
CA VAL H 50 -55.78 -72.18 5.62
C VAL H 50 -54.63 -72.21 6.62
N SER H 51 -54.23 -73.40 7.01
CA SER H 51 -53.08 -73.58 7.88
C SER H 51 -52.02 -74.45 7.20
N ALA H 52 -52.34 -74.89 5.97
CA ALA H 52 -51.42 -75.64 5.10
C ALA H 52 -52.04 -75.74 3.71
N LYS H 53 -51.25 -75.85 2.67
CA LYS H 53 -51.87 -75.98 1.35
C LYS H 53 -51.85 -77.40 0.88
N CYS H 54 -52.53 -77.60 -0.24
CA CYS H 54 -52.51 -78.88 -0.92
C CYS H 54 -51.12 -79.39 -1.11
N SER H 55 -50.95 -80.69 -0.98
CA SER H 55 -49.87 -81.36 -1.67
C SER H 55 -50.57 -82.02 -2.84
N ARG H 56 -49.95 -83.03 -3.41
CA ARG H 56 -50.56 -83.81 -4.45
C ARG H 56 -50.96 -85.12 -3.81
N ILE H 57 -51.00 -85.08 -2.49
CA ILE H 57 -51.27 -86.21 -1.60
C ILE H 57 -52.06 -85.70 -0.40
N ARG H 58 -52.21 -84.37 -0.32
CA ARG H 58 -52.99 -83.74 0.73
C ARG H 58 -53.78 -82.62 0.16
N ASP H 59 -54.74 -82.20 0.95
CA ASP H 59 -55.63 -81.14 0.58
C ASP H 59 -55.53 -80.07 1.66
N THR H 60 -55.87 -78.87 1.24
CA THR H 60 -55.80 -77.66 2.04
C THR H 60 -56.33 -77.82 3.48
N VAL H 61 -55.41 -78.01 4.41
CA VAL H 61 -55.70 -78.08 5.84
C VAL H 61 -56.26 -76.77 6.38
N CYS H 62 -57.37 -76.77 7.10
CA CYS H 62 -57.89 -75.51 7.64
C CYS H 62 -57.87 -75.48 9.18
N ALA H 63 -58.18 -74.33 9.77
CA ALA H 63 -58.21 -74.20 11.25
C ALA H 63 -59.11 -73.06 11.68
N THR H 64 -59.86 -73.28 12.75
CA THR H 64 -60.93 -72.35 13.11
C THR H 64 -60.32 -71.06 13.66
N CYS H 65 -60.93 -69.93 13.33
CA CYS H 65 -60.43 -68.64 13.75
C CYS H 65 -60.80 -68.41 15.21
N ALA H 66 -59.90 -67.83 16.00
CA ALA H 66 -60.20 -67.59 17.44
C ALA H 66 -60.66 -66.18 17.72
N GLU H 67 -61.15 -65.94 18.93
CA GLU H 67 -62.04 -64.84 19.17
C GLU H 67 -61.82 -63.49 18.44
N ASN H 68 -62.96 -62.91 18.08
CA ASN H 68 -63.11 -61.67 17.31
C ASN H 68 -62.58 -61.80 15.89
N SER H 69 -62.06 -62.96 15.53
CA SER H 69 -61.77 -63.25 14.13
C SER H 69 -62.95 -63.92 13.43
N TYR H 70 -63.10 -63.60 12.14
CA TYR H 70 -64.27 -64.06 11.41
C TYR H 70 -64.06 -64.18 9.92
N ASN H 71 -64.62 -65.26 9.35
CA ASN H 71 -64.51 -65.54 7.91
C ASN H 71 -65.77 -66.23 7.36
N GLU H 72 -66.35 -65.95 6.19
CA GLU H 72 -67.05 -64.80 5.77
C GLU H 72 -67.53 -65.43 4.44
N HIS H 73 -66.68 -66.29 3.88
CA HIS H 73 -67.01 -67.09 2.68
C HIS H 73 -65.99 -68.18 2.56
N TRP H 74 -66.16 -69.02 1.56
CA TRP H 74 -65.19 -70.08 1.29
C TRP H 74 -63.91 -69.45 0.80
N ASN H 75 -62.85 -69.53 1.59
CA ASN H 75 -61.61 -68.86 1.30
C ASN H 75 -60.43 -69.75 1.29
N TYR H 76 -59.34 -69.32 0.64
CA TYR H 76 -58.04 -69.78 1.11
C TYR H 76 -57.38 -68.50 1.57
N LEU H 77 -57.57 -68.18 2.84
CA LEU H 77 -57.20 -66.90 3.37
C LEU H 77 -56.24 -67.27 4.43
N THR H 78 -54.98 -67.03 4.21
CA THR H 78 -54.02 -67.54 5.17
C THR H 78 -54.27 -66.97 6.58
N ILE H 79 -55.22 -66.03 6.70
CA ILE H 79 -55.65 -65.40 7.98
C ILE H 79 -57.12 -64.87 8.00
N CYS H 80 -57.76 -64.78 9.17
CA CYS H 80 -59.13 -64.25 9.34
C CYS H 80 -59.26 -62.72 9.53
N GLN H 81 -60.41 -62.17 9.09
CA GLN H 81 -60.79 -60.76 9.33
C GLN H 81 -61.09 -60.45 10.81
N LEU H 82 -61.30 -59.17 11.17
CA LEU H 82 -61.58 -58.82 12.58
C LEU H 82 -63.01 -58.31 12.89
N CYS H 83 -63.62 -58.92 13.89
CA CYS H 83 -64.92 -58.50 14.41
C CYS H 83 -64.87 -57.11 15.03
N ARG H 84 -65.68 -56.18 14.53
CA ARG H 84 -65.75 -54.83 15.08
C ARG H 84 -67.09 -54.48 15.70
N PRO H 85 -67.05 -53.90 16.93
CA PRO H 85 -68.23 -53.38 17.62
C PRO H 85 -69.04 -52.41 16.76
N CYS H 86 -70.22 -52.07 17.25
CA CYS H 86 -71.08 -51.13 16.56
C CYS H 86 -70.65 -49.69 16.81
N ASP H 87 -70.03 -49.11 15.79
CA ASP H 87 -69.60 -47.72 15.82
C ASP H 87 -70.81 -46.79 15.79
N PRO H 88 -71.05 -46.07 16.90
CA PRO H 88 -72.10 -45.05 16.94
C PRO H 88 -72.03 -44.06 15.76
N VAL H 89 -72.46 -44.55 14.60
CA VAL H 89 -72.61 -43.72 13.42
C VAL H 89 -74.11 -43.51 13.20
N GLU H 94 -77.79 -50.90 16.68
CA GLU H 94 -76.54 -51.63 16.96
C GLU H 94 -76.79 -53.13 16.80
N ILE H 95 -76.42 -53.87 17.87
CA ILE H 95 -76.62 -55.30 18.23
C ILE H 95 -75.33 -56.10 17.92
N ALA H 96 -75.55 -57.40 17.84
CA ALA H 96 -74.56 -58.44 17.94
C ALA H 96 -75.05 -59.62 17.08
N PRO H 97 -74.43 -60.80 17.17
CA PRO H 97 -73.27 -61.36 17.88
C PRO H 97 -71.98 -60.93 17.22
N CYS H 98 -71.42 -61.84 16.42
CA CYS H 98 -70.09 -61.85 15.84
C CYS H 98 -69.44 -63.10 16.33
N THR H 99 -69.52 -64.12 15.48
CA THR H 99 -68.85 -65.39 15.74
C THR H 99 -68.10 -65.78 14.50
N SER H 100 -67.38 -66.91 14.58
CA SER H 100 -66.33 -67.20 13.61
C SER H 100 -66.82 -67.36 12.18
N LYS H 101 -68.12 -67.36 11.93
CA LYS H 101 -68.50 -67.58 10.56
C LYS H 101 -69.31 -66.39 10.04
N ARG H 102 -69.78 -65.52 10.94
CA ARG H 102 -70.61 -64.41 10.55
C ARG H 102 -70.08 -63.20 11.30
N LYS H 103 -70.28 -62.06 10.64
CA LYS H 103 -69.71 -60.79 11.06
C LYS H 103 -70.73 -60.04 11.87
N THR H 104 -70.22 -59.20 12.77
CA THR H 104 -71.03 -58.20 13.45
C THR H 104 -72.21 -57.84 12.57
N GLN H 105 -73.37 -58.50 12.72
CA GLN H 105 -74.53 -58.04 11.98
C GLN H 105 -75.04 -56.95 12.90
N CYS H 106 -74.55 -55.78 12.59
CA CYS H 106 -75.08 -54.51 12.98
C CYS H 106 -76.10 -54.01 12.00
N ARG H 107 -77.19 -53.52 12.57
CA ARG H 107 -78.28 -53.12 11.70
C ARG H 107 -78.91 -51.80 12.09
N CYS H 108 -79.18 -50.96 11.08
CA CYS H 108 -79.67 -49.59 11.27
C CYS H 108 -79.86 -48.84 9.95
N CYS H 114 -84.78 -43.71 15.20
CA CYS H 114 -85.26 -45.05 14.87
C CYS H 114 -84.19 -46.10 15.14
N CYS H 121 -75.13 -44.26 10.29
CA CYS H 121 -76.19 -45.23 10.03
C CYS H 121 -76.78 -44.98 8.64
N THR H 122 -76.89 -46.06 7.86
CA THR H 122 -77.36 -46.03 6.46
C THR H 122 -78.53 -45.09 6.28
N HIS H 123 -79.74 -45.61 6.41
CA HIS H 123 -80.86 -44.74 6.69
C HIS H 123 -81.69 -45.31 7.82
N CYS H 124 -82.31 -44.39 8.54
CA CYS H 124 -82.81 -44.46 9.91
C CYS H 124 -81.89 -43.55 10.69
N GLU H 125 -82.22 -43.29 11.96
CA GLU H 125 -81.43 -42.41 12.83
C GLU H 125 -81.29 -40.97 12.26
N LEU H 126 -80.63 -40.83 11.10
CA LEU H 126 -80.46 -39.54 10.40
C LEU H 126 -81.79 -38.86 10.04
N LEU H 127 -82.89 -39.53 10.38
CA LEU H 127 -84.24 -39.06 10.09
C LEU H 127 -84.45 -38.78 8.61
N SER H 128 -85.56 -38.14 8.32
CA SER H 128 -85.91 -37.66 7.00
C SER H 128 -87.18 -36.86 7.18
N ASP H 129 -87.90 -36.59 6.10
CA ASP H 129 -89.17 -35.89 6.23
C ASP H 129 -90.09 -36.24 5.06
N CYS H 130 -91.39 -36.03 5.25
CA CYS H 130 -92.37 -36.25 4.20
C CYS H 130 -93.41 -35.12 4.16
N PRO H 131 -93.61 -34.52 2.98
CA PRO H 131 -94.54 -33.40 2.77
C PRO H 131 -96.01 -33.77 3.03
N PRO H 132 -96.90 -32.77 3.13
CA PRO H 132 -98.30 -33.08 3.43
C PRO H 132 -99.08 -33.54 2.19
N GLY H 133 -99.65 -34.75 2.28
CA GLY H 133 -100.34 -35.37 1.17
C GLY H 133 -99.54 -36.55 0.67
N THR H 134 -98.67 -37.06 1.55
CA THR H 134 -97.70 -38.11 1.20
C THR H 134 -97.35 -39.04 2.36
N GLU H 135 -96.81 -40.21 2.03
CA GLU H 135 -96.52 -41.27 2.99
C GLU H 135 -95.21 -42.00 2.71
N ALA H 136 -94.60 -42.56 3.75
CA ALA H 136 -93.31 -43.27 3.66
C ALA H 136 -93.30 -44.45 2.67
N VAL H 142 -88.67 -46.57 6.93
CA VAL H 142 -88.75 -47.91 6.37
C VAL H 142 -87.55 -48.77 6.82
N GLY H 143 -86.43 -48.11 7.12
CA GLY H 143 -85.22 -48.81 7.50
C GLY H 143 -84.65 -49.57 6.32
N LYS H 144 -83.71 -48.92 5.61
CA LYS H 144 -83.13 -49.33 4.31
C LYS H 144 -83.88 -48.75 3.10
N GLY H 145 -83.13 -48.26 2.11
CA GLY H 145 -83.68 -47.77 0.85
C GLY H 145 -84.48 -46.47 0.94
N ASN H 146 -84.40 -45.79 2.09
CA ASN H 146 -85.09 -44.54 2.38
C ASN H 146 -86.62 -44.59 2.32
N ASN H 147 -87.27 -43.44 2.54
CA ASN H 147 -88.73 -43.34 2.40
C ASN H 147 -89.08 -42.53 1.15
N HIS H 148 -89.87 -43.14 0.27
CA HIS H 148 -90.31 -42.48 -0.96
C HIS H 148 -91.80 -42.11 -0.88
N CYS H 149 -92.01 -40.80 -0.79
CA CYS H 149 -93.31 -40.18 -0.52
C CYS H 149 -94.30 -40.34 -1.66
N VAL H 150 -95.28 -41.23 -1.46
CA VAL H 150 -96.32 -41.49 -2.43
C VAL H 150 -97.58 -40.66 -2.09
N PRO H 151 -98.26 -40.10 -3.11
CA PRO H 151 -99.46 -39.30 -2.82
C PRO H 151 -100.52 -40.07 -2.07
N CYS H 152 -101.21 -39.39 -1.16
CA CYS H 152 -102.29 -39.98 -0.38
C CYS H 152 -103.36 -40.64 -1.24
N LYS H 153 -103.80 -41.80 -0.80
CA LYS H 153 -104.80 -42.58 -1.54
C LYS H 153 -106.14 -41.86 -1.56
N ALA H 154 -107.00 -42.27 -2.48
CA ALA H 154 -108.31 -41.65 -2.64
C ALA H 154 -109.14 -41.76 -1.36
N GLY H 155 -109.27 -40.66 -0.65
CA GLY H 155 -110.08 -40.63 0.55
C GLY H 155 -109.27 -40.71 1.84
N HIS H 156 -107.99 -40.41 1.75
CA HIS H 156 -107.12 -40.37 2.92
C HIS H 156 -106.38 -39.04 2.98
N PHE H 157 -105.86 -38.68 4.15
CA PHE H 157 -105.09 -37.44 4.31
C PHE H 157 -103.96 -37.53 5.36
N GLN H 158 -102.95 -36.65 5.20
CA GLN H 158 -101.90 -36.42 6.20
C GLN H 158 -101.55 -34.94 6.20
N ASN H 159 -102.00 -34.19 7.21
CA ASN H 159 -101.89 -32.72 7.15
C ASN H 159 -100.51 -32.14 7.49
N THR H 160 -99.82 -32.76 8.44
CA THR H 160 -98.48 -32.28 8.80
C THR H 160 -97.43 -32.70 7.79
N SER H 161 -96.19 -32.41 8.15
CA SER H 161 -95.05 -32.91 7.43
C SER H 161 -94.10 -33.39 8.51
N SER H 162 -93.68 -34.64 8.40
CA SER H 162 -92.91 -35.26 9.46
C SER H 162 -92.34 -36.62 9.05
N PRO H 163 -91.31 -37.07 9.78
CA PRO H 163 -90.95 -38.49 9.72
C PRO H 163 -92.02 -39.30 10.43
N SER H 164 -92.16 -40.59 10.11
CA SER H 164 -93.15 -41.49 10.73
C SER H 164 -94.60 -41.03 10.53
N ALA H 165 -94.84 -40.31 9.45
CA ALA H 165 -96.19 -39.92 9.04
C ALA H 165 -96.97 -41.10 8.48
N ARG H 166 -98.27 -40.93 8.31
CA ARG H 166 -99.16 -41.97 7.79
C ARG H 166 -100.43 -41.40 7.18
N CYS H 167 -100.78 -41.85 5.98
CA CYS H 167 -102.02 -41.42 5.35
C CYS H 167 -103.23 -42.20 5.88
N GLN H 168 -104.10 -41.50 6.60
CA GLN H 168 -105.26 -42.10 7.27
C GLN H 168 -106.60 -41.54 6.74
N PRO H 169 -107.72 -42.27 6.96
CA PRO H 169 -108.97 -41.99 6.23
C PRO H 169 -109.71 -40.69 6.58
N HIS H 170 -110.39 -40.15 5.57
CA HIS H 170 -111.27 -38.99 5.75
C HIS H 170 -112.32 -39.24 6.82
N THR H 171 -112.68 -38.18 7.55
CA THR H 171 -113.84 -38.25 8.44
C THR H 171 -115.07 -38.40 7.57
N ARG H 172 -115.79 -39.51 7.76
CA ARG H 172 -117.09 -39.61 7.13
C ARG H 172 -118.08 -39.00 8.10
N CYS H 173 -118.39 -37.73 7.87
CA CYS H 173 -119.25 -36.99 8.77
C CYS H 173 -120.70 -37.46 8.68
N GLU H 174 -120.96 -38.39 7.75
CA GLU H 174 -122.21 -39.14 7.76
C GLU H 174 -122.50 -39.73 9.15
N ASN H 175 -121.46 -40.24 9.83
CA ASN H 175 -121.61 -40.93 11.13
C ASN H 175 -121.26 -40.12 12.35
N GLN H 176 -120.64 -38.97 12.14
CA GLN H 176 -120.50 -37.98 13.20
C GLN H 176 -121.89 -37.49 13.50
N GLY H 177 -122.71 -37.42 12.46
CA GLY H 177 -124.10 -37.04 12.63
C GLY H 177 -124.55 -35.99 11.63
N LEU H 178 -123.74 -35.72 10.59
CA LEU H 178 -124.10 -34.70 9.59
C LEU H 178 -123.53 -34.87 8.16
N VAL H 179 -123.38 -33.77 7.42
CA VAL H 179 -123.24 -33.82 5.95
C VAL H 179 -122.02 -33.10 5.36
N GLU H 180 -121.35 -33.73 4.38
CA GLU H 180 -120.21 -33.13 3.68
C GLU H 180 -120.47 -31.75 3.11
N ALA H 181 -119.47 -30.89 3.24
CA ALA H 181 -119.58 -29.47 2.87
C ALA H 181 -118.38 -29.06 2.02
N ALA H 182 -117.28 -29.78 2.22
CA ALA H 182 -116.01 -29.54 1.53
C ALA H 182 -115.27 -30.87 1.41
N PRO H 183 -115.13 -31.40 0.18
CA PRO H 183 -114.55 -32.73 -0.01
C PRO H 183 -113.13 -32.83 0.54
N GLY H 184 -112.88 -33.80 1.41
CA GLY H 184 -111.55 -33.97 1.96
C GLY H 184 -110.54 -34.18 0.85
N THR H 185 -109.30 -33.77 1.08
CA THR H 185 -108.24 -33.91 0.08
C THR H 185 -107.02 -34.62 0.67
N ALA H 186 -105.81 -34.24 0.23
CA ALA H 186 -104.58 -34.85 0.74
C ALA H 186 -103.91 -34.04 1.86
N GLN H 187 -104.21 -32.74 1.93
CA GLN H 187 -103.66 -31.87 2.98
C GLN H 187 -104.70 -31.41 4.00
N SER H 188 -105.87 -32.03 3.99
CA SER H 188 -106.94 -31.67 4.90
C SER H 188 -108.03 -32.75 4.99
N ASP H 189 -108.81 -32.70 6.06
CA ASP H 189 -109.88 -33.67 6.31
C ASP H 189 -111.17 -33.19 5.69
N THR H 190 -112.12 -34.11 5.52
CA THR H 190 -113.45 -33.76 5.08
C THR H 190 -114.10 -32.81 6.09
N THR H 191 -114.35 -31.60 5.65
CA THR H 191 -114.90 -30.59 6.53
C THR H 191 -116.41 -30.68 6.36
N CYS H 192 -117.08 -30.96 7.48
CA CYS H 192 -118.49 -31.35 7.53
C CYS H 192 -119.43 -30.27 8.07
N LYS H 193 -120.68 -30.23 7.58
CA LYS H 193 -121.64 -29.17 7.96
C LYS H 193 -123.02 -29.67 8.36
N GLU I 1 35.16 21.11 -9.43
CA GLU I 1 34.18 22.12 -9.04
C GLU I 1 33.71 21.89 -7.63
N VAL I 2 33.02 22.86 -7.05
CA VAL I 2 32.72 22.84 -5.61
C VAL I 2 31.54 21.96 -5.22
N GLN I 3 31.78 21.10 -4.24
CA GLN I 3 30.76 20.17 -3.81
C GLN I 3 30.67 19.99 -2.29
N LEU I 4 29.55 20.41 -1.74
CA LEU I 4 29.29 20.19 -0.34
C LEU I 4 28.24 19.10 -0.17
N VAL I 5 28.50 18.17 0.76
CA VAL I 5 27.55 17.06 0.96
C VAL I 5 27.29 16.76 2.43
N GLU I 6 26.13 17.17 2.98
CA GLU I 6 25.79 16.79 4.36
C GLU I 6 25.54 15.31 4.44
N SER I 7 25.56 14.77 5.67
CA SER I 7 25.19 13.37 5.94
C SER I 7 25.05 13.16 7.43
N GLY I 8 24.22 12.18 7.81
CA GLY I 8 24.09 11.79 9.21
C GLY I 8 22.89 12.33 9.96
N GLY I 9 21.99 12.96 9.23
CA GLY I 9 20.72 13.38 9.79
C GLY I 9 19.80 12.18 9.94
N GLY I 10 18.80 12.27 10.80
CA GLY I 10 17.89 11.14 10.99
C GLY I 10 17.08 11.30 12.24
N LEU I 11 16.83 10.19 12.93
CA LEU I 11 16.01 10.18 14.15
C LEU I 11 16.83 10.35 15.43
N VAL I 12 16.39 11.28 16.28
CA VAL I 12 16.97 11.50 17.62
C VAL I 12 15.90 11.79 18.67
N GLN I 13 15.96 11.10 19.82
CA GLN I 13 14.96 11.34 20.88
C GLN I 13 15.30 12.57 21.74
N PRO I 14 14.28 13.24 22.27
CA PRO I 14 14.49 14.52 22.97
C PRO I 14 15.54 14.41 24.06
N GLY I 15 16.43 15.39 24.15
CA GLY I 15 17.51 15.34 25.12
C GLY I 15 18.70 14.54 24.64
N GLY I 16 18.53 13.91 23.48
CA GLY I 16 19.56 13.09 22.84
C GLY I 16 20.69 13.89 22.22
N SER I 17 21.54 13.20 21.48
CA SER I 17 22.65 13.88 20.82
C SER I 17 22.82 13.36 19.39
N LEU I 18 23.27 14.23 18.49
CA LEU I 18 23.53 13.81 17.12
C LEU I 18 24.57 14.70 16.48
N ARG I 19 25.39 14.12 15.62
CA ARG I 19 26.42 14.86 14.94
C ARG I 19 26.25 14.68 13.43
N LEU I 20 26.36 15.80 12.73
CA LEU I 20 26.24 15.92 11.29
C LEU I 20 27.58 16.16 10.67
N SER I 21 27.82 15.52 9.54
CA SER I 21 29.06 15.71 8.81
C SER I 21 28.86 16.31 7.42
N CYS I 22 29.75 17.23 7.04
CA CYS I 22 29.70 17.95 5.76
C CYS I 22 30.99 17.75 4.95
N ALA I 23 30.92 16.99 3.86
CA ALA I 23 32.12 16.65 3.09
C ALA I 23 32.39 17.66 1.97
N ALA I 24 33.61 18.20 1.95
CA ALA I 24 33.99 19.24 0.97
C ALA I 24 34.97 18.77 -0.11
N SER I 25 34.90 19.44 -1.25
CA SER I 25 35.66 19.00 -2.41
C SER I 25 35.56 19.94 -3.58
N GLY I 26 36.70 20.30 -4.16
CA GLY I 26 36.67 21.18 -5.32
C GLY I 26 37.04 22.61 -5.01
N TYR I 27 37.77 22.80 -3.90
CA TYR I 27 38.30 24.09 -3.49
C TYR I 27 39.27 23.78 -2.37
N THR I 28 40.39 24.49 -2.27
CA THR I 28 41.34 24.14 -1.20
C THR I 28 40.74 24.31 0.21
N PHE I 29 40.30 23.18 0.78
CA PHE I 29 39.43 23.14 1.98
C PHE I 29 39.84 24.04 3.12
N THR I 30 41.14 24.24 3.28
CA THR I 30 41.63 24.92 4.48
C THR I 30 41.75 26.45 4.38
N SER I 31 41.30 27.05 3.28
CA SER I 31 41.29 28.50 3.23
C SER I 31 39.86 29.06 3.04
N TYR I 32 38.88 28.35 3.58
CA TYR I 32 37.49 28.78 3.58
C TYR I 32 36.69 28.18 4.75
N VAL I 33 35.88 29.02 5.38
CA VAL I 33 35.09 28.66 6.55
C VAL I 33 33.81 27.87 6.20
N ILE I 34 33.40 26.94 7.07
CA ILE I 34 32.11 26.27 6.84
C ILE I 34 31.01 26.76 7.79
N HIS I 35 29.88 27.18 7.21
CA HIS I 35 28.72 27.61 7.96
C HIS I 35 27.79 26.43 8.16
N TRP I 36 26.95 26.54 9.18
CA TRP I 36 25.81 25.66 9.37
C TRP I 36 24.59 26.53 9.49
N VAL I 37 23.61 26.30 8.63
CA VAL I 37 22.35 27.02 8.66
C VAL I 37 21.25 25.98 8.74
N ARG I 38 20.20 26.27 9.51
CA ARG I 38 19.09 25.32 9.58
C ARG I 38 17.71 25.92 9.21
N GLN I 39 16.71 25.07 9.00
CA GLN I 39 15.36 25.62 8.86
C GLN I 39 14.29 24.64 9.29
N ALA I 40 13.56 25.05 10.31
CA ALA I 40 12.44 24.26 10.81
C ALA I 40 11.44 24.06 9.68
N PRO I 41 10.81 22.87 9.58
CA PRO I 41 9.93 22.52 8.47
C PRO I 41 9.05 23.68 7.98
N GLY I 42 9.28 24.11 6.74
CA GLY I 42 8.56 25.22 6.14
C GLY I 42 8.64 26.50 6.92
N LYS I 43 9.84 26.88 7.33
CA LYS I 43 10.06 28.16 8.02
C LYS I 43 11.33 28.81 7.51
N GLY I 44 11.70 29.89 8.19
CA GLY I 44 12.83 30.70 7.81
C GLY I 44 14.16 30.00 7.88
N LEU I 45 15.21 30.75 7.55
CA LEU I 45 16.57 30.27 7.65
C LEU I 45 17.22 30.85 8.91
N GLU I 46 18.01 30.01 9.58
CA GLU I 46 18.70 30.38 10.80
C GLU I 46 20.16 29.97 10.73
N TRP I 47 21.04 30.95 10.91
CA TRP I 47 22.47 30.66 10.95
C TRP I 47 22.93 30.10 12.31
N VAL I 48 23.64 28.97 12.30
CA VAL I 48 24.00 28.35 13.57
C VAL I 48 25.36 28.81 14.00
N GLY I 49 26.32 28.70 13.10
CA GLY I 49 27.66 29.15 13.38
C GLY I 49 28.60 28.80 12.27
N TYR I 50 29.88 29.06 12.47
CA TYR I 50 30.89 28.68 11.49
C TYR I 50 32.20 28.24 12.12
N ASN I 51 33.00 27.56 11.31
CA ASN I 51 34.27 27.05 11.75
C ASN I 51 35.32 27.27 10.66
N ASN I 52 36.50 27.78 11.02
CA ASN I 52 37.60 27.88 10.05
C ASN I 52 38.46 26.63 10.18
N PRO I 53 38.49 25.79 9.15
CA PRO I 53 39.19 24.50 9.20
C PRO I 53 40.70 24.63 9.38
N TYR I 54 41.25 25.82 9.19
CA TYR I 54 42.67 26.00 9.36
C TYR I 54 43.04 26.23 10.82
N ASN I 55 42.35 27.17 11.47
CA ASN I 55 42.66 27.57 12.85
C ASN I 55 41.55 27.31 13.90
N ALA I 56 40.54 26.56 13.52
CA ALA I 56 39.43 26.15 14.39
C ALA I 56 38.67 27.33 15.01
N GLY I 57 38.85 28.53 14.47
CA GLY I 57 38.31 29.75 15.06
C GLY I 57 36.82 29.91 14.94
N THR I 58 36.10 29.04 15.62
CA THR I 58 34.66 28.97 15.49
C THR I 58 33.97 30.20 16.05
N ASN I 59 32.84 30.53 15.41
CA ASN I 59 31.99 31.63 15.84
C ASN I 59 30.54 31.25 15.76
N TYR I 60 29.89 31.28 16.91
CA TYR I 60 28.53 30.76 17.09
C TYR I 60 27.49 31.85 17.09
N ASN I 61 26.33 31.51 16.56
CA ASN I 61 25.08 32.18 16.92
C ASN I 61 24.80 31.82 18.37
N GLU I 62 24.81 32.79 19.28
CA GLU I 62 24.77 32.46 20.70
C GLU I 62 23.58 31.57 21.09
N LYS I 63 22.48 31.65 20.36
CA LYS I 63 21.34 30.73 20.53
C LYS I 63 21.77 29.24 20.73
N PHE I 64 22.94 28.88 20.22
CA PHE I 64 23.38 27.50 20.34
C PHE I 64 24.74 27.38 21.06
N LYS I 65 25.20 28.47 21.67
CA LYS I 65 26.51 28.49 22.33
C LYS I 65 26.53 27.58 23.54
N GLY I 66 27.51 26.67 23.59
CA GLY I 66 27.59 25.76 24.71
C GLY I 66 26.51 24.70 24.68
N ARG I 67 25.87 24.56 23.52
CA ARG I 67 24.89 23.49 23.28
C ARG I 67 25.12 22.85 21.92
N PHE I 68 25.65 23.65 21.00
CA PHE I 68 26.15 23.13 19.75
C PHE I 68 27.67 23.33 19.66
N THR I 69 28.37 22.38 19.03
CA THR I 69 29.81 22.56 18.78
C THR I 69 30.24 22.13 17.38
N ILE I 70 30.72 23.14 16.66
CA ILE I 70 31.20 22.97 15.31
C ILE I 70 32.72 22.70 15.32
N SER I 71 33.09 21.54 14.75
CA SER I 71 34.47 21.12 14.61
C SER I 71 34.80 20.86 13.14
N SER I 72 36.02 20.46 12.83
CA SER I 72 36.38 20.12 11.46
C SER I 72 37.64 19.22 11.43
N ASP I 73 37.80 18.48 10.33
CA ASP I 73 38.90 17.53 10.18
C ASP I 73 39.55 17.72 8.82
N LYS I 74 40.47 18.68 8.73
CA LYS I 74 41.11 19.08 7.46
C LYS I 74 41.88 17.94 6.75
N SER I 75 42.08 16.85 7.47
CA SER I 75 42.66 15.63 6.95
C SER I 75 41.66 14.84 6.13
N LYS I 76 40.40 15.28 6.17
CA LYS I 76 39.30 14.61 5.49
C LYS I 76 38.30 15.59 4.87
N ASN I 77 38.75 16.80 4.57
CA ASN I 77 37.88 17.84 4.02
C ASN I 77 36.46 17.80 4.54
N THR I 78 36.29 17.81 5.85
CA THR I 78 34.97 17.63 6.45
C THR I 78 34.71 18.61 7.59
N ALA I 79 33.49 19.13 7.66
CA ALA I 79 33.06 19.97 8.78
C ALA I 79 32.07 19.21 9.62
N TYR I 80 32.06 19.46 10.92
CA TYR I 80 31.17 18.75 11.84
C TYR I 80 30.31 19.69 12.71
N LEU I 81 29.04 19.33 12.87
CA LEU I 81 28.15 19.98 13.82
C LEU I 81 27.64 18.93 14.77
N GLN I 82 28.04 19.01 16.03
CA GLN I 82 27.40 18.12 17.00
C GLN I 82 26.44 18.91 17.86
N MET I 83 25.27 18.33 18.04
CA MET I 83 24.21 18.99 18.72
C MET I 83 23.78 18.14 19.90
N ASN I 84 23.88 18.73 21.10
CA ASN I 84 23.55 18.05 22.34
C ASN I 84 22.18 18.47 22.88
N SER I 85 21.54 17.57 23.61
CA SER I 85 20.20 17.79 24.20
C SER I 85 19.21 18.45 23.22
N LEU I 86 18.94 17.71 22.14
CA LEU I 86 18.05 18.13 21.06
C LEU I 86 16.59 18.21 21.55
N ARG I 87 15.74 18.90 20.80
CA ARG I 87 14.38 19.21 21.22
C ARG I 87 13.44 19.31 20.03
N ALA I 88 12.23 19.79 20.27
CA ALA I 88 11.32 20.11 19.18
C ALA I 88 11.90 21.23 18.32
N GLU I 89 12.16 22.40 18.92
CA GLU I 89 12.66 23.54 18.16
C GLU I 89 13.75 23.12 17.18
N ASP I 90 14.58 22.18 17.62
CA ASP I 90 15.77 21.83 16.85
C ASP I 90 15.50 20.88 15.69
N THR I 91 14.27 20.35 15.55
CA THR I 91 13.98 19.49 14.38
C THR I 91 13.93 20.31 13.07
N ALA I 92 14.76 19.97 12.08
CA ALA I 92 14.95 20.87 10.91
C ALA I 92 15.74 20.28 9.73
N VAL I 93 15.92 21.10 8.68
CA VAL I 93 16.86 20.70 7.64
C VAL I 93 18.15 21.37 8.03
N TYR I 94 19.27 20.66 7.97
CA TYR I 94 20.55 21.27 8.38
C TYR I 94 21.48 21.37 7.18
N TYR I 95 21.76 22.60 6.80
CA TYR I 95 22.63 22.92 5.67
C TYR I 95 24.07 23.31 6.10
N CYS I 96 25.05 22.85 5.34
CA CYS I 96 26.40 23.39 5.45
C CYS I 96 26.73 24.17 4.21
N SER I 97 27.31 25.35 4.41
CA SER I 97 27.62 26.20 3.25
C SER I 97 28.91 27.02 3.41
N ARG I 98 29.70 27.02 2.34
CA ARG I 98 30.96 27.72 2.31
C ARG I 98 30.80 28.92 1.38
N PRO I 99 31.28 30.09 1.82
CA PRO I 99 31.02 31.35 1.13
C PRO I 99 32.13 31.79 0.20
N THR I 100 31.97 33.03 -0.25
CA THR I 100 33.01 33.77 -0.92
C THR I 100 33.67 34.65 0.16
N MET I 101 33.21 35.89 0.36
CA MET I 101 33.54 36.62 1.58
C MET I 101 32.70 35.99 2.67
N LEU I 102 33.06 36.20 3.93
CA LEU I 102 32.38 35.53 5.03
C LEU I 102 30.85 35.58 4.97
N PRO I 103 30.23 36.79 4.86
CA PRO I 103 28.76 36.80 5.05
C PRO I 103 27.89 36.51 3.81
N TRP I 104 28.50 35.97 2.76
CA TRP I 104 27.77 35.72 1.52
C TRP I 104 27.62 34.26 1.26
N PHE I 105 26.64 33.62 1.86
CA PHE I 105 26.48 32.18 1.65
C PHE I 105 26.30 31.89 0.19
N ALA I 106 27.37 31.41 -0.43
CA ALA I 106 27.42 31.24 -1.87
C ALA I 106 27.05 29.82 -2.30
N TYR I 107 27.81 28.86 -1.81
CA TYR I 107 27.62 27.47 -2.16
C TYR I 107 26.92 26.79 -1.01
N TRP I 108 25.87 26.01 -1.31
CA TRP I 108 25.16 25.27 -0.26
C TRP I 108 25.35 23.79 -0.49
N GLY I 109 25.02 23.01 0.54
CA GLY I 109 24.96 21.57 0.43
C GLY I 109 23.55 21.24 0.03
N GLN I 110 23.19 19.97 0.08
CA GLN I 110 21.82 19.56 -0.22
C GLN I 110 20.94 19.58 1.02
N GLY I 111 21.58 19.64 2.19
CA GLY I 111 20.88 19.65 3.46
C GLY I 111 20.58 18.25 3.95
N THR I 112 20.48 18.08 5.27
CA THR I 112 20.11 16.77 5.85
C THR I 112 19.12 16.87 7.04
N LEU I 113 18.22 15.88 7.19
CA LEU I 113 17.10 16.05 8.14
C LEU I 113 17.26 15.41 9.49
N VAL I 114 17.26 16.24 10.52
CA VAL I 114 17.19 15.68 11.85
C VAL I 114 15.74 15.85 12.32
N THR I 115 15.12 14.72 12.66
CA THR I 115 13.77 14.73 13.23
C THR I 115 13.94 14.45 14.69
N VAL I 116 13.39 15.32 15.53
CA VAL I 116 13.45 15.07 16.96
C VAL I 116 12.08 14.71 17.49
N SER I 117 11.92 13.42 17.79
CA SER I 117 10.70 12.85 18.32
C SER I 117 11.08 11.71 19.28
N SER I 118 10.08 11.08 19.90
CA SER I 118 10.33 9.98 20.84
C SER I 118 10.19 8.67 20.13
N ALA I 119 9.42 8.67 19.06
CA ALA I 119 8.99 7.44 18.43
C ALA I 119 10.16 6.75 17.76
N SER I 120 9.95 5.49 17.39
CA SER I 120 11.00 4.67 16.82
C SER I 120 11.00 4.67 15.31
N THR I 121 12.14 4.33 14.73
CA THR I 121 12.24 4.27 13.28
C THR I 121 11.24 3.30 12.75
N LYS I 122 11.00 3.35 11.45
CA LYS I 122 10.27 2.32 10.76
C LYS I 122 10.47 2.39 9.25
N GLY I 123 10.74 1.24 8.66
CA GLY I 123 10.88 1.12 7.23
C GLY I 123 9.52 1.10 6.58
N PRO I 124 9.46 1.57 5.34
CA PRO I 124 8.25 1.71 4.55
C PRO I 124 7.97 0.49 3.71
N SER I 125 6.72 0.29 3.33
CA SER I 125 6.35 -0.74 2.35
C SER I 125 6.07 -0.10 1.00
N VAL I 126 6.48 -0.80 -0.06
CA VAL I 126 6.30 -0.29 -1.42
C VAL I 126 5.35 -1.12 -2.30
N PHE I 127 4.26 -0.48 -2.69
CA PHE I 127 3.22 -1.11 -3.47
C PHE I 127 3.08 -0.40 -4.80
N PRO I 128 2.85 -1.15 -5.91
CA PRO I 128 2.77 -0.51 -7.22
C PRO I 128 1.41 0.10 -7.45
N LEU I 129 1.36 1.12 -8.31
CA LEU I 129 0.11 1.71 -8.74
C LEU I 129 -0.03 1.50 -10.26
N ALA I 130 -0.63 0.36 -10.64
CA ALA I 130 -0.67 -0.10 -12.02
C ALA I 130 -1.69 0.69 -12.82
N PRO I 131 -1.33 1.01 -14.09
CA PRO I 131 -2.13 1.84 -15.00
C PRO I 131 -3.43 1.18 -15.61
N SER I 132 -4.48 1.97 -15.90
CA SER I 132 -5.76 1.47 -16.46
C SER I 132 -6.10 2.06 -17.84
N THR I 134 -1.84 8.24 -23.58
CA THR I 134 -1.10 8.68 -22.40
C THR I 134 -1.68 8.10 -21.12
N ALA I 135 -0.93 7.20 -20.49
CA ALA I 135 -1.37 6.54 -19.24
C ALA I 135 -0.61 7.09 -18.00
N ALA I 136 -1.11 6.89 -16.78
CA ALA I 136 -0.36 7.36 -15.58
C ALA I 136 -0.24 6.29 -14.47
N LEU I 137 1.01 6.01 -14.06
CA LEU I 137 1.31 4.93 -13.07
C LEU I 137 2.17 5.41 -11.85
N GLY I 138 2.37 4.56 -10.85
CA GLY I 138 3.07 5.04 -9.68
C GLY I 138 3.56 4.07 -8.61
N CYS I 139 3.97 4.65 -7.49
CA CYS I 139 4.54 3.91 -6.38
C CYS I 139 3.96 4.43 -5.07
N LEU I 140 3.35 3.54 -4.31
CA LEU I 140 2.85 3.91 -3.00
C LEU I 140 3.85 3.47 -1.97
N VAL I 141 4.45 4.47 -1.32
CA VAL I 141 5.38 4.23 -0.21
C VAL I 141 4.66 4.52 1.10
N LYS I 142 4.33 3.48 1.86
CA LYS I 142 3.41 3.65 2.99
C LYS I 142 3.99 3.19 4.34
N ASP I 143 3.59 3.91 5.39
CA ASP I 143 3.90 3.59 6.79
C ASP I 143 5.40 3.61 7.06
N TYR I 144 5.99 4.80 7.07
CA TYR I 144 7.39 4.97 7.42
C TYR I 144 7.62 6.15 8.36
N PHE I 145 8.75 6.10 9.07
CA PHE I 145 9.14 7.16 10.01
C PHE I 145 10.64 7.04 10.26
N PRO I 146 11.33 8.18 10.30
CA PRO I 146 10.80 9.52 10.02
C PRO I 146 11.04 9.93 8.60
N GLU I 147 10.72 11.18 8.33
CA GLU I 147 11.19 11.77 7.11
C GLU I 147 12.70 11.69 7.09
N PRO I 148 13.29 11.65 5.89
CA PRO I 148 12.61 11.64 4.60
C PRO I 148 12.80 10.39 3.75
N VAL I 149 11.98 10.28 2.70
CA VAL I 149 12.15 9.22 1.72
C VAL I 149 12.47 9.76 0.30
N THR I 150 13.27 8.98 -0.42
CA THR I 150 13.75 9.27 -1.75
C THR I 150 13.03 8.38 -2.75
N VAL I 151 12.46 9.00 -3.79
CA VAL I 151 11.86 8.26 -4.87
C VAL I 151 12.46 8.86 -6.13
N SER I 152 12.93 7.99 -7.02
CA SER I 152 13.42 8.41 -8.35
C SER I 152 13.04 7.32 -9.31
N TRP I 153 12.88 7.59 -10.59
CA TRP I 153 12.43 6.53 -11.52
C TRP I 153 13.51 6.10 -12.54
N ASN I 154 13.55 4.80 -12.80
CA ASN I 154 14.56 4.19 -13.66
C ASN I 154 15.96 4.66 -13.34
N SER I 155 16.24 4.88 -12.06
CA SER I 155 17.53 5.35 -11.56
C SER I 155 17.88 6.75 -12.04
N GLY I 156 16.90 7.66 -12.04
CA GLY I 156 17.11 9.06 -12.39
C GLY I 156 17.00 9.38 -13.87
N ALA I 157 16.63 8.37 -14.65
CA ALA I 157 16.39 8.53 -16.08
C ALA I 157 15.01 9.14 -16.30
N LEU I 158 13.94 8.39 -16.04
CA LEU I 158 12.62 8.97 -16.20
C LEU I 158 12.39 10.15 -15.24
N THR I 159 12.81 11.35 -15.65
CA THR I 159 12.74 12.52 -14.79
C THR I 159 11.56 13.42 -15.07
N SER I 160 11.06 13.35 -16.31
CA SER I 160 9.99 14.26 -16.77
C SER I 160 8.59 13.68 -16.49
N GLY I 161 7.64 14.55 -16.14
CA GLY I 161 6.27 14.10 -15.91
C GLY I 161 6.06 13.42 -14.56
N VAL I 162 7.14 13.22 -13.82
CA VAL I 162 7.04 12.58 -12.52
C VAL I 162 6.67 13.57 -11.42
N HIS I 163 5.77 13.16 -10.54
CA HIS I 163 5.40 13.93 -9.40
C HIS I 163 5.50 13.04 -8.16
N THR I 164 6.52 13.26 -7.34
CA THR I 164 6.64 12.57 -6.07
C THR I 164 6.05 13.49 -5.02
N PHE I 165 4.93 13.07 -4.44
CA PHE I 165 4.15 13.93 -3.57
C PHE I 165 4.83 14.21 -2.23
N PRO I 166 4.51 15.37 -1.64
CA PRO I 166 4.83 15.62 -0.25
C PRO I 166 4.15 14.53 0.59
N ALA I 167 4.87 13.97 1.55
CA ALA I 167 4.34 12.88 2.38
C ALA I 167 3.21 13.41 3.25
N VAL I 168 2.42 12.49 3.77
CA VAL I 168 1.28 12.82 4.61
C VAL I 168 1.53 12.28 6.00
N LEU I 169 1.06 12.97 7.05
CA LEU I 169 1.10 12.36 8.38
C LEU I 169 -0.23 11.62 8.66
N GLN I 170 -0.19 10.29 8.51
CA GLN I 170 -1.33 9.42 8.79
C GLN I 170 -1.62 9.47 10.30
N SER I 171 -2.85 9.17 10.72
CA SER I 171 -3.18 9.19 12.15
C SER I 171 -2.44 8.11 12.92
N SER I 172 -1.84 7.19 12.18
CA SER I 172 -1.07 6.11 12.79
C SER I 172 0.25 6.59 13.33
N GLY I 173 0.64 7.80 12.96
CA GLY I 173 1.92 8.36 13.38
C GLY I 173 3.04 8.07 12.40
N LEU I 174 2.69 7.46 11.27
CA LEU I 174 3.66 7.15 10.21
C LEU I 174 3.42 7.97 8.95
N TYR I 175 4.49 8.20 8.19
CA TYR I 175 4.39 8.96 6.96
C TYR I 175 4.11 8.07 5.75
N SER I 176 3.49 8.66 4.72
CA SER I 176 3.21 7.95 3.49
C SER I 176 3.13 8.94 2.34
N LEU I 177 3.65 8.52 1.20
CA LEU I 177 3.54 9.30 -0.02
C LEU I 177 3.52 8.37 -1.23
N SER I 178 3.20 8.98 -2.37
CA SER I 178 3.13 8.27 -3.62
C SER I 178 3.88 9.08 -4.65
N SER I 179 4.41 8.36 -5.63
CA SER I 179 5.18 8.95 -6.71
C SER I 179 4.58 8.49 -8.02
N VAL I 180 3.88 9.42 -8.70
CA VAL I 180 3.18 9.11 -9.95
C VAL I 180 3.87 9.71 -11.17
N VAL I 181 3.86 8.99 -12.28
CA VAL I 181 4.44 9.52 -13.49
C VAL I 181 3.61 9.06 -14.69
N THR I 182 3.47 10.01 -15.61
CA THR I 182 2.73 9.84 -16.84
C THR I 182 3.68 9.44 -17.95
N VAL I 183 3.28 8.39 -18.66
CA VAL I 183 4.08 7.87 -19.75
C VAL I 183 3.20 7.68 -21.01
N PRO I 184 3.84 7.39 -22.15
CA PRO I 184 3.03 7.07 -23.32
C PRO I 184 2.21 5.77 -23.12
N SER I 185 0.89 5.86 -23.28
CA SER I 185 0.02 4.70 -23.13
C SER I 185 0.35 3.60 -24.13
N SER I 186 0.93 3.98 -25.26
CA SER I 186 1.31 3.04 -26.29
C SER I 186 2.39 2.10 -25.74
N SER I 187 3.47 2.66 -25.22
CA SER I 187 4.62 1.83 -24.85
C SER I 187 4.68 1.41 -23.36
N LEU I 188 3.64 0.70 -22.91
CA LEU I 188 3.63 0.05 -21.60
C LEU I 188 4.12 -1.37 -21.73
N GLY I 189 4.52 -1.74 -22.94
CA GLY I 189 5.02 -3.06 -23.22
C GLY I 189 6.49 -2.97 -23.58
N THR I 190 6.91 -1.84 -24.13
CA THR I 190 8.33 -1.66 -24.43
C THR I 190 9.11 -1.35 -23.17
N GLN I 191 8.74 -0.25 -22.51
CA GLN I 191 9.53 0.29 -21.41
C GLN I 191 9.22 -0.35 -20.09
N THR I 192 10.30 -0.55 -19.34
CA THR I 192 10.24 -1.00 -17.98
C THR I 192 10.08 0.20 -17.05
N TYR I 193 9.22 0.10 -16.03
CA TYR I 193 9.06 1.22 -15.09
C TYR I 193 9.26 0.73 -13.68
N ILE I 194 10.43 1.10 -13.16
CA ILE I 194 10.89 0.73 -11.85
C ILE I 194 11.10 1.97 -11.01
N CYS I 195 10.59 1.97 -9.79
CA CYS I 195 10.77 3.14 -8.96
C CYS I 195 11.71 2.83 -7.81
N ASN I 196 12.69 3.70 -7.63
CA ASN I 196 13.69 3.54 -6.60
C ASN I 196 13.31 4.28 -5.36
N VAL I 197 13.09 3.50 -4.32
CA VAL I 197 12.75 4.04 -3.02
C VAL I 197 13.95 3.86 -2.09
N ASN I 198 14.19 4.86 -1.23
CA ASN I 198 15.32 4.82 -0.32
C ASN I 198 14.98 5.60 0.93
N HIS I 199 14.97 4.90 2.07
CA HIS I 199 14.59 5.46 3.39
C HIS I 199 15.74 5.21 4.38
N LYS I 200 16.78 6.04 4.34
CA LYS I 200 18.00 5.85 5.12
C LYS I 200 17.81 5.50 6.60
N PRO I 201 16.96 6.26 7.33
CA PRO I 201 16.79 6.01 8.78
C PRO I 201 16.36 4.57 9.12
N SER I 202 16.02 3.79 8.09
CA SER I 202 15.68 2.40 8.29
C SER I 202 16.48 1.53 7.32
N ASN I 203 17.49 2.13 6.69
CA ASN I 203 18.34 1.38 5.79
C ASN I 203 17.54 0.49 4.86
N THR I 204 16.34 0.94 4.46
CA THR I 204 15.54 0.25 3.45
C THR I 204 15.77 0.91 2.07
N LYS I 205 15.77 0.10 1.02
CA LYS I 205 16.14 0.59 -0.30
C LYS I 205 15.70 -0.41 -1.35
N VAL I 206 14.63 -0.07 -2.05
CA VAL I 206 14.04 -0.97 -3.03
C VAL I 206 13.88 -0.38 -4.42
N ASP I 207 13.80 -1.26 -5.41
CA ASP I 207 13.36 -0.90 -6.74
C ASP I 207 12.06 -1.67 -7.00
N LYS I 208 10.94 -0.96 -7.17
CA LYS I 208 9.66 -1.64 -7.39
C LYS I 208 9.24 -1.48 -8.83
N LYS I 209 9.08 -2.58 -9.54
CA LYS I 209 8.63 -2.53 -10.92
C LYS I 209 7.10 -2.52 -10.94
N VAL I 210 6.58 -1.50 -11.60
CA VAL I 210 5.14 -1.24 -11.74
C VAL I 210 4.75 -1.62 -13.16
N GLU I 211 3.61 -2.30 -13.29
CA GLU I 211 3.11 -2.73 -14.59
C GLU I 211 1.70 -3.33 -14.45
N PRO I 212 0.85 -3.12 -15.46
CA PRO I 212 -0.58 -3.47 -15.52
C PRO I 212 -0.87 -4.95 -15.18
N LYS I 213 -2.13 -5.28 -14.88
CA LYS I 213 -2.48 -6.68 -14.57
C LYS I 213 -3.42 -7.30 -15.61
N GLU J 1 -14.11 -52.50 -21.38
CA GLU J 1 -13.84 -51.79 -20.14
C GLU J 1 -13.95 -50.28 -20.39
N VAL J 2 -14.05 -49.48 -19.32
CA VAL J 2 -14.39 -48.04 -19.46
C VAL J 2 -13.29 -47.07 -19.91
N GLN J 3 -13.59 -46.25 -20.92
CA GLN J 3 -12.58 -45.36 -21.50
C GLN J 3 -13.06 -43.96 -21.85
N LEU J 4 -12.56 -42.97 -21.12
CA LEU J 4 -12.86 -41.60 -21.45
C LEU J 4 -11.65 -40.95 -22.12
N VAL J 5 -11.89 -40.25 -23.23
CA VAL J 5 -10.81 -39.63 -24.00
C VAL J 5 -11.14 -38.22 -24.53
N GLU J 6 -10.64 -37.19 -23.83
CA GLU J 6 -10.84 -35.82 -24.29
C GLU J 6 -10.13 -35.54 -25.61
N SER J 7 -10.47 -34.42 -26.24
CA SER J 7 -9.77 -33.93 -27.43
C SER J 7 -10.28 -32.54 -27.77
N GLY J 8 -9.43 -31.80 -28.48
CA GLY J 8 -9.83 -30.50 -28.97
C GLY J 8 -9.32 -29.33 -28.15
N GLY J 9 -8.46 -29.63 -27.20
CA GLY J 9 -7.77 -28.58 -26.47
C GLY J 9 -6.66 -28.01 -27.32
N GLY J 10 -6.29 -26.78 -27.02
CA GLY J 10 -5.24 -26.12 -27.77
C GLY J 10 -5.28 -24.64 -27.49
N LEU J 11 -4.91 -23.85 -28.49
CA LEU J 11 -4.73 -22.43 -28.31
C LEU J 11 -5.98 -21.64 -28.63
N VAL J 12 -6.40 -20.76 -27.72
CA VAL J 12 -7.52 -19.86 -28.02
C VAL J 12 -7.22 -18.44 -27.55
N GLN J 13 -7.50 -17.47 -28.42
CA GLN J 13 -7.25 -16.09 -28.08
C GLN J 13 -8.40 -15.57 -27.21
N PRO J 14 -8.10 -14.64 -26.31
CA PRO J 14 -9.05 -14.10 -25.33
C PRO J 14 -10.31 -13.57 -25.99
N GLY J 15 -11.45 -13.88 -25.41
CA GLY J 15 -12.73 -13.52 -25.98
C GLY J 15 -13.15 -14.50 -27.05
N GLY J 16 -12.26 -15.44 -27.38
CA GLY J 16 -12.54 -16.46 -28.36
C GLY J 16 -13.48 -17.57 -27.86
N SER J 17 -13.69 -18.57 -28.69
CA SER J 17 -14.57 -19.66 -28.30
C SER J 17 -13.95 -21.00 -28.71
N LEU J 18 -14.22 -22.05 -27.93
CA LEU J 18 -13.70 -23.41 -28.20
C LEU J 18 -14.58 -24.52 -27.65
N ARG J 19 -14.60 -25.65 -28.35
CA ARG J 19 -15.39 -26.80 -27.92
C ARG J 19 -14.57 -28.06 -27.83
N LEU J 20 -14.72 -28.73 -26.69
CA LEU J 20 -13.97 -29.94 -26.32
C LEU J 20 -14.83 -31.17 -26.41
N SER J 21 -14.29 -32.24 -26.98
CA SER J 21 -15.07 -33.46 -27.03
C SER J 21 -14.45 -34.63 -26.23
N CYS J 22 -15.31 -35.41 -25.60
CA CYS J 22 -14.93 -36.52 -24.76
C CYS J 22 -15.57 -37.83 -25.25
N ALA J 23 -14.74 -38.74 -25.74
CA ALA J 23 -15.27 -39.99 -26.28
C ALA J 23 -15.36 -41.08 -25.21
N ALA J 24 -16.55 -41.63 -25.00
CA ALA J 24 -16.80 -42.65 -23.96
C ALA J 24 -17.02 -44.01 -24.58
N SER J 25 -16.77 -45.06 -23.79
CA SER J 25 -16.82 -46.44 -24.26
C SER J 25 -16.53 -47.52 -23.21
N GLY J 26 -17.33 -48.57 -23.17
CA GLY J 26 -17.11 -49.65 -22.23
C GLY J 26 -18.08 -49.60 -21.08
N TYR J 27 -19.20 -48.94 -21.35
CA TYR J 27 -20.31 -48.83 -20.43
C TYR J 27 -21.41 -48.23 -21.28
N THR J 28 -22.65 -48.63 -21.04
CA THR J 28 -23.76 -48.08 -21.82
C THR J 28 -23.90 -46.55 -21.54
N PHE J 29 -23.41 -45.80 -22.52
CA PHE J 29 -23.18 -44.34 -22.48
C PHE J 29 -24.35 -43.53 -21.96
N THR J 30 -25.56 -43.98 -22.29
CA THR J 30 -26.74 -43.18 -22.07
C THR J 30 -27.37 -43.32 -20.68
N SER J 31 -26.79 -44.13 -19.83
CA SER J 31 -27.31 -44.23 -18.49
C SER J 31 -26.27 -43.80 -17.44
N TYR J 32 -25.41 -42.86 -17.83
CA TYR J 32 -24.43 -42.25 -16.92
C TYR J 32 -24.05 -40.84 -17.38
N VAL J 33 -24.05 -39.93 -16.43
CA VAL J 33 -23.80 -38.53 -16.68
C VAL J 33 -22.34 -38.29 -16.93
N ILE J 34 -21.99 -37.31 -17.74
CA ILE J 34 -20.55 -36.93 -17.86
C ILE J 34 -20.25 -35.59 -17.16
N HIS J 35 -19.24 -35.57 -16.28
CA HIS J 35 -18.77 -34.34 -15.63
C HIS J 35 -17.61 -33.61 -16.38
N TRP J 36 -17.48 -32.30 -16.16
CA TRP J 36 -16.28 -31.58 -16.63
C TRP J 36 -15.67 -30.88 -15.43
N VAL J 37 -14.42 -31.23 -15.21
CA VAL J 37 -13.69 -30.65 -14.11
C VAL J 37 -12.41 -30.11 -14.72
N ARG J 38 -11.97 -28.94 -14.28
CA ARG J 38 -10.73 -28.32 -14.79
C ARG J 38 -9.73 -28.00 -13.68
N GLN J 39 -8.50 -27.68 -14.04
CA GLN J 39 -7.56 -27.17 -13.05
C GLN J 39 -6.55 -26.27 -13.70
N ALA J 40 -6.57 -25.00 -13.29
CA ALA J 40 -5.61 -24.04 -13.78
C ALA J 40 -4.23 -24.54 -13.39
N PRO J 41 -3.21 -24.36 -14.27
CA PRO J 41 -1.87 -24.96 -14.14
C PRO J 41 -1.40 -24.99 -12.68
N GLY J 42 -1.17 -26.19 -12.13
CA GLY J 42 -0.72 -26.31 -10.76
C GLY J 42 -1.66 -25.64 -9.78
N LYS J 43 -2.95 -25.94 -9.88
CA LYS J 43 -3.91 -25.47 -8.87
C LYS J 43 -5.01 -26.54 -8.53
N GLY J 44 -6.00 -26.14 -7.73
CA GLY J 44 -7.06 -27.03 -7.26
C GLY J 44 -7.95 -27.53 -8.39
N LEU J 45 -8.88 -28.42 -8.07
CA LEU J 45 -9.78 -28.97 -9.07
C LEU J 45 -11.12 -28.25 -9.02
N GLU J 46 -11.68 -27.92 -10.18
CA GLU J 46 -12.90 -27.11 -10.24
C GLU J 46 -13.95 -27.81 -11.06
N TRP J 47 -15.11 -28.00 -10.44
CA TRP J 47 -16.21 -28.63 -11.16
C TRP J 47 -16.96 -27.61 -12.08
N VAL J 48 -17.11 -27.97 -13.35
CA VAL J 48 -17.73 -27.06 -14.30
C VAL J 48 -19.22 -27.34 -14.46
N GLY J 49 -19.55 -28.60 -14.70
CA GLY J 49 -20.92 -29.04 -14.84
C GLY J 49 -21.07 -30.49 -15.26
N TYR J 50 -22.31 -30.92 -15.51
CA TYR J 50 -22.55 -32.26 -16.04
C TYR J 50 -23.73 -32.37 -16.98
N ASN J 51 -23.74 -33.43 -17.77
CA ASN J 51 -24.77 -33.64 -18.78
C ASN J 51 -25.22 -35.08 -18.82
N ASN J 52 -26.53 -35.27 -18.82
CA ASN J 52 -27.08 -36.62 -18.97
C ASN J 52 -27.41 -36.87 -20.43
N PRO J 53 -26.70 -37.79 -21.07
CA PRO J 53 -26.83 -38.07 -22.50
C PRO J 53 -28.18 -38.64 -22.92
N TYR J 54 -28.98 -39.06 -21.95
CA TYR J 54 -30.30 -39.58 -22.29
C TYR J 54 -31.35 -38.49 -22.38
N ASN J 55 -31.45 -37.63 -21.35
CA ASN J 55 -32.46 -36.57 -21.37
C ASN J 55 -31.94 -35.10 -21.43
N ALA J 56 -30.64 -34.97 -21.69
CA ALA J 56 -29.89 -33.71 -21.79
C ALA J 56 -30.01 -32.84 -20.55
N GLY J 57 -30.44 -33.42 -19.43
CA GLY J 57 -30.73 -32.64 -18.24
C GLY J 57 -29.52 -32.08 -17.52
N THR J 58 -28.84 -31.10 -18.13
CA THR J 58 -27.58 -30.51 -17.63
C THR J 58 -27.67 -29.67 -16.34
N ASN J 59 -26.58 -29.70 -15.56
CA ASN J 59 -26.47 -28.94 -14.32
C ASN J 59 -25.11 -28.24 -14.25
N TYR J 60 -25.13 -26.90 -14.20
CA TYR J 60 -23.90 -26.10 -14.27
C TYR J 60 -23.41 -25.63 -12.93
N ASN J 61 -22.10 -25.58 -12.80
CA ASN J 61 -21.50 -24.72 -11.79
C ASN J 61 -21.81 -23.29 -12.22
N GLU J 62 -22.58 -22.54 -11.41
CA GLU J 62 -23.11 -21.28 -11.91
C GLU J 62 -22.01 -20.36 -12.44
N LYS J 63 -20.83 -20.45 -11.86
CA LYS J 63 -19.64 -19.77 -12.37
C LYS J 63 -19.53 -19.82 -13.90
N PHE J 64 -20.07 -20.85 -14.53
CA PHE J 64 -19.98 -20.94 -16.00
C PHE J 64 -21.34 -20.98 -16.68
N LYS J 65 -22.41 -20.65 -15.94
CA LYS J 65 -23.75 -20.67 -16.50
C LYS J 65 -23.94 -19.54 -17.51
N GLY J 66 -24.42 -19.88 -18.70
CA GLY J 66 -24.65 -18.87 -19.73
C GLY J 66 -23.38 -18.35 -20.38
N ARG J 67 -22.28 -19.09 -20.20
CA ARG J 67 -21.01 -18.80 -20.84
C ARG J 67 -20.37 -20.10 -21.40
N PHE J 68 -20.61 -21.18 -20.67
CA PHE J 68 -20.27 -22.52 -21.09
C PHE J 68 -21.56 -23.26 -21.33
N THR J 69 -21.55 -24.16 -22.30
CA THR J 69 -22.67 -25.04 -22.55
C THR J 69 -22.21 -26.48 -22.84
N ILE J 70 -22.66 -27.39 -21.98
CA ILE J 70 -22.34 -28.80 -22.10
C ILE J 70 -23.44 -29.57 -22.87
N SER J 71 -23.08 -30.21 -23.98
CA SER J 71 -24.05 -31.01 -24.74
C SER J 71 -23.58 -32.45 -24.84
N SER J 72 -24.31 -33.29 -25.57
CA SER J 72 -23.87 -34.66 -25.83
C SER J 72 -24.53 -35.30 -27.03
N ASP J 73 -23.87 -36.27 -27.62
CA ASP J 73 -24.35 -36.87 -28.86
C ASP J 73 -24.34 -38.37 -28.71
N LYS J 74 -25.40 -38.90 -28.11
CA LYS J 74 -25.48 -40.31 -27.76
C LYS J 74 -25.38 -41.23 -28.98
N SER J 75 -25.50 -40.66 -30.17
CA SER J 75 -25.31 -41.39 -31.42
C SER J 75 -23.85 -41.60 -31.70
N LYS J 76 -23.03 -40.99 -30.86
CA LYS J 76 -21.58 -41.05 -30.98
C LYS J 76 -20.89 -41.12 -29.63
N ASN J 77 -21.58 -41.65 -28.62
CA ASN J 77 -21.05 -41.76 -27.25
C ASN J 77 -20.07 -40.66 -26.91
N THR J 78 -20.47 -39.42 -27.09
CA THR J 78 -19.55 -38.29 -26.90
C THR J 78 -20.17 -37.17 -26.09
N ALA J 79 -19.40 -36.58 -25.19
CA ALA J 79 -19.89 -35.40 -24.49
C ALA J 79 -19.12 -34.17 -24.99
N TYR J 80 -19.76 -33.00 -25.01
CA TYR J 80 -19.12 -31.80 -25.52
C TYR J 80 -19.17 -30.63 -24.51
N LEU J 81 -18.05 -29.90 -24.36
CA LEU J 81 -18.05 -28.68 -23.55
C LEU J 81 -17.64 -27.50 -24.43
N GLN J 82 -18.59 -26.59 -24.69
CA GLN J 82 -18.23 -25.38 -25.41
C GLN J 82 -18.10 -24.22 -24.44
N MET J 83 -16.99 -23.50 -24.61
CA MET J 83 -16.64 -22.40 -23.74
C MET J 83 -16.49 -21.13 -24.58
N ASN J 84 -17.36 -20.15 -24.31
CA ASN J 84 -17.42 -18.90 -25.05
C ASN J 84 -16.73 -17.78 -24.30
N SER J 85 -16.22 -16.78 -25.03
CA SER J 85 -15.46 -15.64 -24.47
C SER J 85 -14.44 -16.12 -23.43
N LEU J 86 -13.51 -16.94 -23.90
CA LEU J 86 -12.48 -17.53 -23.07
C LEU J 86 -11.54 -16.48 -22.50
N ARG J 87 -10.81 -16.83 -21.44
CA ARG J 87 -10.02 -15.84 -20.73
C ARG J 87 -8.77 -16.40 -20.10
N ALA J 88 -8.17 -15.57 -19.26
CA ALA J 88 -7.01 -15.94 -18.48
C ALA J 88 -7.37 -17.07 -17.53
N GLU J 89 -8.32 -16.78 -16.64
CA GLU J 89 -8.79 -17.70 -15.60
C GLU J 89 -9.10 -19.08 -16.18
N ASP J 90 -9.66 -19.09 -17.37
CA ASP J 90 -10.17 -20.31 -17.94
C ASP J 90 -9.07 -21.17 -18.54
N THR J 91 -7.85 -20.65 -18.59
CA THR J 91 -6.77 -21.47 -19.16
C THR J 91 -6.40 -22.60 -18.20
N ALA J 92 -6.45 -23.85 -18.71
CA ALA J 92 -6.38 -25.01 -17.79
C ALA J 92 -6.27 -26.39 -18.41
N VAL J 93 -6.20 -27.40 -17.53
CA VAL J 93 -6.42 -28.76 -18.02
C VAL J 93 -7.89 -29.08 -17.80
N TYR J 94 -8.50 -29.64 -18.83
CA TYR J 94 -9.92 -29.94 -18.78
C TYR J 94 -10.19 -31.44 -18.88
N TYR J 95 -10.71 -31.98 -17.79
CA TYR J 95 -11.04 -33.39 -17.65
C TYR J 95 -12.55 -33.69 -17.85
N CYS J 96 -12.87 -34.79 -18.52
CA CYS J 96 -14.22 -35.29 -18.47
C CYS J 96 -14.22 -36.60 -17.71
N SER J 97 -15.18 -36.74 -16.80
CA SER J 97 -15.24 -37.89 -15.91
C SER J 97 -16.66 -38.37 -15.63
N ARG J 98 -16.85 -39.68 -15.72
CA ARG J 98 -18.14 -40.30 -15.46
C ARG J 98 -18.09 -41.09 -14.16
N PRO J 99 -19.10 -40.98 -13.28
CA PRO J 99 -19.01 -41.57 -11.95
C PRO J 99 -19.71 -42.93 -11.78
N THR J 100 -19.83 -43.27 -10.50
CA THR J 100 -20.69 -44.33 -10.05
C THR J 100 -22.01 -43.65 -9.67
N MET J 101 -22.18 -43.26 -8.42
CA MET J 101 -23.28 -42.34 -8.10
C MET J 101 -22.81 -40.99 -8.61
N LEU J 102 -23.73 -40.06 -8.74
CA LEU J 102 -23.42 -38.76 -9.28
C LEU J 102 -22.17 -38.13 -8.64
N PRO J 103 -22.15 -37.96 -7.30
CA PRO J 103 -21.06 -37.11 -6.81
C PRO J 103 -19.74 -37.83 -6.55
N TRP J 104 -19.54 -39.00 -7.14
CA TRP J 104 -18.28 -39.69 -6.93
C TRP J 104 -17.48 -39.82 -8.22
N PHE J 105 -16.68 -38.82 -8.54
CA PHE J 105 -15.89 -38.92 -9.77
C PHE J 105 -15.00 -40.14 -9.72
N ALA J 106 -15.41 -41.18 -10.45
CA ALA J 106 -14.78 -42.48 -10.38
C ALA J 106 -13.83 -42.69 -11.52
N TYR J 107 -14.33 -42.54 -12.73
CA TYR J 107 -13.49 -42.71 -13.89
C TYR J 107 -13.12 -41.37 -14.51
N TRP J 108 -11.84 -41.19 -14.78
CA TRP J 108 -11.45 -39.93 -15.42
C TRP J 108 -10.92 -40.19 -16.82
N GLY J 109 -10.88 -39.12 -17.62
CA GLY J 109 -10.22 -39.16 -18.89
C GLY J 109 -8.80 -38.68 -18.67
N GLN J 110 -8.05 -38.49 -19.75
CA GLN J 110 -6.65 -38.08 -19.67
C GLN J 110 -6.51 -36.60 -19.62
N GLY J 111 -7.58 -35.90 -19.96
CA GLY J 111 -7.53 -34.46 -19.90
C GLY J 111 -6.94 -33.86 -21.15
N THR J 112 -7.41 -32.65 -21.45
CA THR J 112 -6.89 -31.94 -22.60
C THR J 112 -6.69 -30.47 -22.24
N LEU J 113 -5.64 -29.85 -22.78
CA LEU J 113 -5.23 -28.53 -22.32
C LEU J 113 -5.67 -27.39 -23.24
N VAL J 114 -6.41 -26.45 -22.67
CA VAL J 114 -6.66 -25.20 -23.34
C VAL J 114 -5.78 -24.13 -22.71
N THR J 115 -4.98 -23.48 -23.58
CA THR J 115 -4.18 -22.32 -23.20
C THR J 115 -4.85 -21.09 -23.81
N VAL J 116 -5.14 -20.09 -22.98
CA VAL J 116 -5.75 -18.89 -23.53
C VAL J 116 -4.75 -17.79 -23.55
N SER J 117 -4.27 -17.48 -24.75
CA SER J 117 -3.31 -16.40 -24.89
C SER J 117 -3.57 -15.70 -26.21
N SER J 118 -2.91 -14.59 -26.41
CA SER J 118 -3.03 -13.78 -27.60
C SER J 118 -1.85 -13.91 -28.57
N ALA J 119 -0.75 -14.48 -28.11
CA ALA J 119 0.55 -14.29 -28.73
C ALA J 119 0.95 -15.20 -29.93
N SER J 120 -0.03 -15.87 -30.55
CA SER J 120 0.16 -16.78 -31.70
C SER J 120 1.37 -17.69 -31.56
N THR J 121 2.44 -17.41 -32.31
CA THR J 121 3.69 -18.15 -32.15
C THR J 121 4.87 -17.20 -32.10
N LYS J 122 6.02 -17.73 -31.68
CA LYS J 122 7.32 -17.05 -31.72
C LYS J 122 8.47 -18.01 -31.39
N GLY J 123 9.58 -17.92 -32.13
CA GLY J 123 10.77 -18.68 -31.78
C GLY J 123 11.62 -18.06 -30.68
N PRO J 124 12.39 -18.90 -29.94
CA PRO J 124 13.16 -18.51 -28.75
C PRO J 124 14.58 -18.02 -29.00
N SER J 125 15.11 -17.20 -28.10
CA SER J 125 16.51 -16.78 -28.19
C SER J 125 17.35 -17.57 -27.18
N VAL J 126 18.53 -18.02 -27.61
CA VAL J 126 19.36 -18.85 -26.73
C VAL J 126 20.67 -18.19 -26.36
N PHE J 127 20.83 -17.96 -25.07
CA PHE J 127 21.98 -17.29 -24.51
C PHE J 127 22.71 -18.25 -23.60
N PRO J 128 24.03 -18.13 -23.54
CA PRO J 128 24.83 -19.00 -22.67
C PRO J 128 24.89 -18.50 -21.22
N LEU J 129 25.02 -19.43 -20.29
CA LEU J 129 25.19 -19.10 -18.88
C LEU J 129 26.54 -19.62 -18.41
N ALA J 130 27.54 -18.74 -18.53
CA ALA J 130 28.97 -19.07 -18.32
C ALA J 130 29.42 -19.13 -16.85
N PRO J 131 30.22 -20.16 -16.52
CA PRO J 131 30.65 -20.46 -15.13
C PRO J 131 31.70 -19.53 -14.52
N SER J 132 31.61 -19.37 -13.20
CA SER J 132 32.48 -18.47 -12.42
C SER J 132 33.33 -19.17 -11.32
N GLY J 133 32.74 -20.10 -10.57
CA GLY J 133 33.44 -20.82 -9.51
C GLY J 133 32.78 -22.10 -9.01
N THR J 134 33.53 -23.21 -9.03
CA THR J 134 32.99 -24.60 -8.99
C THR J 134 31.95 -24.75 -10.12
N ALA J 135 32.25 -25.62 -11.07
CA ALA J 135 31.56 -25.65 -12.36
C ALA J 135 30.05 -25.91 -12.37
N ALA J 136 29.31 -24.84 -12.65
CA ALA J 136 27.89 -24.95 -12.96
C ALA J 136 27.66 -24.03 -14.15
N LEU J 137 27.19 -24.60 -15.27
CA LEU J 137 26.94 -23.80 -16.47
C LEU J 137 25.61 -24.14 -17.07
N GLY J 138 25.16 -23.32 -18.03
CA GLY J 138 23.81 -23.54 -18.53
C GLY J 138 23.36 -22.79 -19.76
N CYS J 139 22.05 -22.85 -20.00
CA CYS J 139 21.41 -22.26 -21.16
C CYS J 139 20.17 -21.49 -20.81
N LEU J 140 20.15 -20.21 -21.14
CA LEU J 140 18.93 -19.45 -20.95
C LEU J 140 18.22 -19.39 -22.28
N VAL J 141 17.08 -20.06 -22.39
CA VAL J 141 16.27 -19.95 -23.60
C VAL J 141 15.08 -19.06 -23.27
N LYS J 142 15.00 -17.90 -23.93
CA LYS J 142 14.06 -16.85 -23.52
C LYS J 142 13.07 -16.42 -24.62
N ASP J 143 11.88 -15.98 -24.19
CA ASP J 143 10.88 -15.37 -25.07
C ASP J 143 10.40 -16.28 -26.21
N TYR J 144 9.66 -17.33 -25.87
CA TYR J 144 9.09 -18.20 -26.90
C TYR J 144 7.61 -18.51 -26.64
N PHE J 145 6.93 -18.95 -27.70
CA PHE J 145 5.50 -19.28 -27.63
C PHE J 145 5.16 -20.16 -28.84
N PRO J 146 4.37 -21.20 -28.61
CA PRO J 146 3.91 -21.63 -27.29
C PRO J 146 4.80 -22.74 -26.72
N GLU J 147 4.45 -23.33 -25.58
CA GLU J 147 5.09 -24.56 -25.12
C GLU J 147 5.00 -25.58 -26.23
N PRO J 148 5.87 -26.57 -26.26
CA PRO J 148 6.95 -26.82 -25.33
C PRO J 148 8.26 -26.60 -26.02
N VAL J 149 9.34 -26.57 -25.25
CA VAL J 149 10.66 -26.50 -25.86
C VAL J 149 11.49 -27.71 -25.37
N THR J 150 12.40 -28.18 -26.21
CA THR J 150 13.24 -29.35 -25.91
C THR J 150 14.68 -28.96 -25.63
N VAL J 151 15.23 -29.43 -24.52
CA VAL J 151 16.64 -29.22 -24.19
C VAL J 151 17.36 -30.49 -23.79
N SER J 152 18.51 -30.71 -24.41
CA SER J 152 19.37 -31.83 -24.10
C SER J 152 20.82 -31.38 -24.17
N TRP J 153 21.73 -32.06 -23.49
CA TRP J 153 23.13 -31.62 -23.52
C TRP J 153 24.03 -32.61 -24.22
N ASN J 154 24.91 -32.07 -25.07
CA ASN J 154 25.81 -32.88 -25.88
C ASN J 154 25.04 -33.97 -26.62
N SER J 155 23.86 -33.59 -27.11
CA SER J 155 22.98 -34.47 -27.88
C SER J 155 22.57 -35.71 -27.07
N GLY J 156 22.27 -35.52 -25.79
CA GLY J 156 21.81 -36.60 -24.96
C GLY J 156 22.93 -37.38 -24.31
N ALA J 157 24.14 -36.85 -24.43
CA ALA J 157 25.29 -37.46 -23.77
C ALA J 157 25.26 -37.09 -22.30
N LEU J 158 25.52 -35.81 -22.05
CA LEU J 158 25.52 -35.28 -20.71
C LEU J 158 24.12 -35.33 -20.13
N THR J 159 23.80 -36.46 -19.50
CA THR J 159 22.47 -36.67 -18.96
C THR J 159 22.43 -36.45 -17.46
N SER J 160 23.56 -36.63 -16.78
CA SER J 160 23.56 -36.57 -15.33
C SER J 160 23.83 -35.15 -14.83
N GLY J 161 23.19 -34.82 -13.71
CA GLY J 161 23.38 -33.54 -13.06
C GLY J 161 22.67 -32.39 -13.74
N VAL J 162 22.07 -32.66 -14.89
CA VAL J 162 21.39 -31.62 -15.64
C VAL J 162 19.99 -31.37 -15.10
N HIS J 163 19.66 -30.09 -15.00
CA HIS J 163 18.37 -29.63 -14.58
C HIS J 163 17.81 -28.65 -15.60
N THR J 164 16.84 -29.11 -16.38
CA THR J 164 16.12 -28.24 -17.28
C THR J 164 14.84 -27.78 -16.59
N PHE J 165 14.78 -26.51 -16.23
CA PHE J 165 13.68 -26.02 -15.39
C PHE J 165 12.33 -26.00 -16.09
N PRO J 166 11.26 -26.13 -15.31
CA PRO J 166 9.92 -25.81 -15.77
C PRO J 166 9.86 -24.36 -16.24
N ALA J 167 9.27 -24.11 -17.40
CA ALA J 167 9.23 -22.77 -17.98
C ALA J 167 8.42 -21.76 -17.15
N VAL J 168 8.64 -20.48 -17.43
CA VAL J 168 7.96 -19.39 -16.74
C VAL J 168 7.12 -18.58 -17.74
N LEU J 169 5.93 -18.15 -17.33
CA LEU J 169 5.14 -17.25 -18.17
C LEU J 169 5.49 -15.81 -17.78
N GLN J 170 6.35 -15.18 -18.59
CA GLN J 170 6.74 -13.80 -18.38
C GLN J 170 5.55 -12.92 -18.60
N SER J 171 5.55 -11.74 -18.00
CA SER J 171 4.41 -10.84 -18.19
C SER J 171 4.29 -10.41 -19.66
N SER J 172 5.29 -10.68 -20.49
CA SER J 172 5.21 -10.36 -21.93
C SER J 172 4.30 -11.36 -22.67
N GLY J 173 3.87 -12.41 -21.98
CA GLY J 173 3.02 -13.41 -22.59
C GLY J 173 3.83 -14.52 -23.25
N LEU J 174 5.13 -14.44 -23.06
CA LEU J 174 6.07 -15.39 -23.66
C LEU J 174 6.76 -16.26 -22.62
N TYR J 175 7.04 -17.48 -23.03
CA TYR J 175 7.62 -18.43 -22.10
C TYR J 175 9.15 -18.36 -22.11
N SER J 176 9.76 -18.75 -20.99
CA SER J 176 11.21 -18.75 -20.82
C SER J 176 11.64 -19.78 -19.80
N LEU J 177 12.78 -20.41 -20.03
CA LEU J 177 13.32 -21.32 -19.04
C LEU J 177 14.83 -21.39 -19.14
N SER J 178 15.43 -22.06 -18.16
CA SER J 178 16.86 -22.23 -18.11
C SER J 178 17.22 -23.69 -17.86
N SER J 179 18.33 -24.13 -18.44
CA SER J 179 18.81 -25.51 -18.31
C SER J 179 20.25 -25.49 -17.83
N VAL J 180 20.44 -25.80 -16.55
CA VAL J 180 21.75 -25.78 -15.93
C VAL J 180 22.27 -27.19 -15.76
N VAL J 181 23.59 -27.35 -15.77
CA VAL J 181 24.26 -28.62 -15.50
C VAL J 181 25.52 -28.36 -14.71
N THR J 182 25.79 -29.22 -13.74
CA THR J 182 27.03 -29.14 -12.98
C THR J 182 28.04 -30.12 -13.59
N VAL J 183 29.26 -29.64 -13.81
CA VAL J 183 30.31 -30.46 -14.41
C VAL J 183 31.59 -30.37 -13.57
N PRO J 184 32.61 -31.21 -13.87
CA PRO J 184 33.87 -31.05 -13.14
C PRO J 184 34.53 -29.70 -13.34
N SER J 185 34.80 -29.03 -12.22
CA SER J 185 35.45 -27.71 -12.19
C SER J 185 36.84 -27.74 -12.83
N SER J 186 37.49 -28.89 -12.76
CA SER J 186 38.80 -29.05 -13.37
C SER J 186 38.68 -29.01 -14.90
N SER J 187 37.80 -29.83 -15.46
CA SER J 187 37.77 -30.04 -16.91
C SER J 187 36.79 -29.17 -17.69
N LEU J 188 36.95 -27.86 -17.58
CA LEU J 188 36.22 -26.93 -18.45
C LEU J 188 37.02 -26.64 -19.70
N GLY J 189 38.18 -27.28 -19.84
CA GLY J 189 39.05 -27.06 -20.97
C GLY J 189 39.12 -28.30 -21.86
N THR J 190 38.87 -29.45 -21.25
CA THR J 190 38.81 -30.71 -21.99
C THR J 190 37.51 -30.84 -22.75
N GLN J 191 36.40 -30.81 -22.02
CA GLN J 191 35.09 -31.08 -22.60
C GLN J 191 34.40 -29.87 -23.21
N THR J 192 33.77 -30.10 -24.35
CA THR J 192 32.91 -29.11 -24.99
C THR J 192 31.50 -29.22 -24.40
N TYR J 193 30.86 -28.08 -24.17
CA TYR J 193 29.50 -28.09 -23.64
C TYR J 193 28.56 -27.27 -24.51
N ILE J 194 27.73 -28.01 -25.26
CA ILE J 194 26.73 -27.42 -26.13
C ILE J 194 25.34 -27.89 -25.69
N CYS J 195 24.35 -27.01 -25.75
CA CYS J 195 23.00 -27.43 -25.42
C CYS J 195 22.13 -27.43 -26.67
N ASN J 196 21.39 -28.52 -26.83
CA ASN J 196 20.49 -28.71 -27.93
C ASN J 196 19.11 -28.24 -27.56
N VAL J 197 18.70 -27.17 -28.22
CA VAL J 197 17.40 -26.60 -28.05
C VAL J 197 16.58 -26.91 -29.31
N ASN J 198 15.29 -27.16 -29.12
CA ASN J 198 14.35 -27.46 -30.21
C ASN J 198 12.93 -27.00 -29.88
N HIS J 199 12.40 -26.07 -30.66
CA HIS J 199 11.08 -25.51 -30.43
C HIS J 199 10.30 -25.66 -31.72
N LYS J 200 9.72 -26.84 -31.93
CA LYS J 200 9.02 -27.16 -33.19
C LYS J 200 8.00 -26.11 -33.69
N PRO J 201 7.06 -25.67 -32.83
CA PRO J 201 6.05 -24.72 -33.34
C PRO J 201 6.60 -23.47 -34.03
N SER J 202 7.91 -23.29 -34.01
CA SER J 202 8.53 -22.18 -34.74
C SER J 202 9.68 -22.70 -35.60
N ASN J 203 9.79 -24.02 -35.70
CA ASN J 203 10.84 -24.66 -36.49
C ASN J 203 12.25 -24.14 -36.21
N THR J 204 12.49 -23.74 -34.97
CA THR J 204 13.83 -23.33 -34.55
C THR J 204 14.50 -24.51 -33.87
N LYS J 205 15.82 -24.55 -33.94
CA LYS J 205 16.59 -25.69 -33.45
C LYS J 205 18.04 -25.26 -33.40
N VAL J 206 18.55 -25.00 -32.20
CA VAL J 206 19.92 -24.48 -32.11
C VAL J 206 20.81 -25.34 -31.23
N ASP J 207 22.11 -25.32 -31.50
CA ASP J 207 23.10 -25.90 -30.60
C ASP J 207 23.99 -24.77 -30.11
N LYS J 208 23.92 -24.45 -28.82
CA LYS J 208 24.68 -23.31 -28.29
C LYS J 208 25.86 -23.76 -27.41
N LYS J 209 27.06 -23.31 -27.75
CA LYS J 209 28.24 -23.67 -26.98
C LYS J 209 28.46 -22.73 -25.79
N VAL J 210 28.51 -23.31 -24.59
CA VAL J 210 28.65 -22.56 -23.36
C VAL J 210 30.07 -22.69 -22.84
N GLU J 211 30.70 -21.57 -22.49
CA GLU J 211 32.08 -21.55 -21.98
C GLU J 211 32.53 -20.15 -21.49
N PRO J 212 33.39 -20.13 -20.45
CA PRO J 212 33.77 -18.91 -19.68
C PRO J 212 34.24 -17.72 -20.53
N ASP K 1 21.52 42.71 17.70
CA ASP K 1 20.78 41.65 17.03
C ASP K 1 19.60 42.25 16.23
N ILE K 2 19.83 42.39 14.92
CA ILE K 2 18.90 43.03 13.97
C ILE K 2 17.80 42.09 13.55
N GLN K 3 16.58 42.61 13.34
CA GLN K 3 15.53 41.81 12.72
C GLN K 3 15.23 42.36 11.32
N MET K 4 14.67 41.48 10.50
CA MET K 4 14.29 41.80 9.14
C MET K 4 12.79 41.57 8.97
N THR K 5 12.18 42.30 8.05
CA THR K 5 10.75 42.17 7.84
C THR K 5 10.44 42.25 6.34
N GLN K 6 10.04 41.14 5.74
CA GLN K 6 9.71 41.16 4.31
C GLN K 6 8.25 41.61 4.09
N SER K 7 8.03 42.42 3.07
CA SER K 7 6.71 43.07 2.88
C SER K 7 5.54 42.13 2.51
N PRO K 8 5.62 41.35 1.40
CA PRO K 8 4.47 40.47 1.17
C PRO K 8 4.68 39.01 1.64
N SER K 9 3.78 38.48 2.47
CA SER K 9 3.88 37.08 2.86
C SER K 9 4.04 36.24 1.60
N SER K 10 3.14 36.45 0.66
CA SER K 10 3.21 35.79 -0.62
C SER K 10 2.77 36.75 -1.70
N LEU K 11 2.75 36.28 -2.93
CA LEU K 11 2.24 37.07 -4.05
C LEU K 11 2.01 36.22 -5.28
N SER K 12 0.91 36.50 -5.98
CA SER K 12 0.62 35.86 -7.26
C SER K 12 1.02 36.81 -8.37
N ALA K 13 1.66 36.31 -9.42
CA ALA K 13 2.02 37.18 -10.55
C ALA K 13 2.06 36.33 -11.81
N SER K 14 1.99 36.95 -12.99
CA SER K 14 1.95 36.15 -14.22
C SER K 14 3.24 36.27 -14.99
N VAL K 15 3.49 35.33 -15.90
CA VAL K 15 4.79 35.27 -16.55
C VAL K 15 5.01 36.61 -17.23
N GLY K 16 6.19 37.17 -17.04
CA GLY K 16 6.57 38.42 -17.69
C GLY K 16 6.33 39.66 -16.85
N ASP K 17 5.48 39.53 -15.82
CA ASP K 17 5.14 40.63 -14.92
C ASP K 17 6.38 41.19 -14.24
N ARG K 18 6.26 42.37 -13.64
CA ARG K 18 7.31 42.93 -12.80
C ARG K 18 7.04 42.58 -11.32
N VAL K 19 7.89 41.75 -10.72
CA VAL K 19 7.66 41.39 -9.32
C VAL K 19 8.62 42.15 -8.40
N THR K 20 8.06 42.82 -7.39
CA THR K 20 8.89 43.61 -6.51
C THR K 20 8.55 43.27 -5.05
N ILE K 21 9.60 42.93 -4.29
CA ILE K 21 9.49 42.56 -2.88
C ILE K 21 10.37 43.50 -2.06
N THR K 22 9.86 43.92 -0.91
CA THR K 22 10.61 44.82 -0.03
C THR K 22 10.96 44.09 1.28
N CYS K 23 12.09 44.47 1.86
CA CYS K 23 12.56 43.98 3.16
C CYS K 23 13.08 45.17 3.99
N ARG K 24 12.59 45.30 5.22
CA ARG K 24 12.96 46.42 6.09
C ARG K 24 13.84 45.95 7.23
N ALA K 25 14.95 46.66 7.42
CA ALA K 25 15.88 46.40 8.50
C ALA K 25 15.47 47.11 9.80
N SER K 26 15.67 46.47 10.95
CA SER K 26 15.30 47.09 12.23
C SER K 26 16.30 48.18 12.62
N GLN K 27 17.42 48.26 11.93
CA GLN K 27 18.32 49.37 12.08
C GLN K 27 19.02 49.64 10.75
N ALA K 28 19.76 50.74 10.65
CA ALA K 28 20.58 51.00 9.46
C ALA K 28 21.66 49.93 9.34
N VAL K 29 21.95 49.50 8.12
CA VAL K 29 22.91 48.41 7.93
C VAL K 29 23.84 48.67 6.73
N SER K 30 24.30 49.91 6.59
CA SER K 30 25.16 50.31 5.48
C SER K 30 24.48 49.93 4.17
N SER K 31 24.93 48.83 3.60
CA SER K 31 24.29 48.27 2.42
C SER K 31 24.54 46.77 2.37
N ALA K 32 24.81 46.19 3.55
CA ALA K 32 25.08 44.77 3.64
C ALA K 32 23.82 43.91 3.73
N VAL K 33 23.26 43.58 2.58
CA VAL K 33 22.03 42.81 2.50
C VAL K 33 22.12 41.79 1.37
N ALA K 34 21.63 40.58 1.59
CA ALA K 34 21.65 39.58 0.54
C ALA K 34 20.26 39.11 0.21
N TRP K 35 20.11 38.54 -0.99
CA TRP K 35 18.82 37.97 -1.39
C TRP K 35 19.01 36.55 -1.93
N TYR K 36 18.25 35.58 -1.41
CA TYR K 36 18.37 34.19 -1.79
C TYR K 36 17.05 33.68 -2.36
N GLN K 37 17.11 32.86 -3.41
CA GLN K 37 15.91 32.19 -3.91
C GLN K 37 16.02 30.72 -3.54
N GLN K 38 14.95 30.10 -3.07
CA GLN K 38 15.18 28.74 -2.64
C GLN K 38 14.63 27.65 -3.61
N LYS K 39 13.31 27.38 -3.62
CA LYS K 39 12.59 26.33 -4.42
C LYS K 39 12.12 25.32 -3.42
N PRO K 40 11.50 24.20 -3.86
CA PRO K 40 11.15 23.29 -2.77
C PRO K 40 12.19 22.26 -2.43
N GLY K 41 12.47 22.13 -1.14
CA GLY K 41 13.32 21.07 -0.62
C GLY K 41 14.77 21.25 -0.94
N LYS K 42 15.03 21.93 -2.04
CA LYS K 42 16.37 22.14 -2.48
C LYS K 42 16.95 23.33 -1.70
N ALA K 43 18.27 23.46 -1.73
CA ALA K 43 18.99 24.49 -0.99
C ALA K 43 18.80 25.89 -1.57
N PRO K 44 18.94 26.93 -0.73
CA PRO K 44 18.88 28.30 -1.19
C PRO K 44 19.97 28.64 -2.20
N LYS K 45 19.78 29.77 -2.87
CA LYS K 45 20.70 30.18 -3.91
C LYS K 45 20.99 31.62 -3.68
N LEU K 46 22.22 32.01 -3.97
CA LEU K 46 22.60 33.39 -3.76
C LEU K 46 22.28 34.15 -5.04
N LEU K 47 21.48 35.21 -4.85
CA LEU K 47 21.08 36.07 -5.94
C LEU K 47 21.82 37.38 -5.79
N ILE K 48 21.75 37.99 -4.61
CA ILE K 48 22.38 39.33 -4.46
C ILE K 48 23.18 39.54 -3.18
N TYR K 49 24.37 40.14 -3.30
CA TYR K 49 25.14 40.53 -2.14
C TYR K 49 25.38 42.02 -2.15
N SER K 50 25.83 42.54 -1.02
CA SER K 50 26.08 43.97 -0.82
C SER K 50 24.95 44.83 -1.37
N ALA K 51 23.73 44.35 -1.20
CA ALA K 51 22.46 45.00 -1.57
C ALA K 51 22.12 45.06 -3.06
N SER K 52 23.10 45.14 -3.95
CA SER K 52 22.78 45.37 -5.36
C SER K 52 23.63 44.62 -6.38
N HIS K 53 24.76 44.05 -5.96
CA HIS K 53 25.58 43.30 -6.92
C HIS K 53 24.95 41.94 -7.17
N ARG K 54 24.76 41.59 -8.44
CA ARG K 54 24.30 40.24 -8.74
C ARG K 54 25.43 39.28 -8.54
N TYR K 55 25.06 38.03 -8.26
CA TYR K 55 26.05 37.00 -8.05
C TYR K 55 26.30 36.31 -9.38
N THR K 56 27.42 35.59 -9.45
CA THR K 56 27.82 34.85 -10.64
C THR K 56 26.72 33.91 -11.08
N GLY K 57 26.24 34.12 -12.30
CA GLY K 57 25.27 33.23 -12.87
C GLY K 57 23.84 33.65 -12.55
N VAL K 58 23.69 34.77 -11.87
CA VAL K 58 22.34 35.23 -11.61
C VAL K 58 21.83 35.96 -12.83
N PRO K 59 20.69 35.49 -13.38
CA PRO K 59 20.03 36.11 -14.52
C PRO K 59 19.92 37.62 -14.34
N SER K 60 20.10 38.36 -15.43
CA SER K 60 20.02 39.81 -15.38
C SER K 60 18.68 40.30 -14.86
N ARG K 61 17.62 39.52 -15.10
CA ARG K 61 16.27 39.93 -14.71
C ARG K 61 16.16 40.10 -13.21
N PHE K 62 17.17 39.63 -12.48
CA PHE K 62 17.23 39.88 -11.04
C PHE K 62 18.02 41.16 -10.70
N SER K 63 17.48 41.97 -9.81
CA SER K 63 18.11 43.24 -9.51
C SER K 63 17.84 43.65 -8.07
N GLY K 64 18.90 44.13 -7.39
CA GLY K 64 18.74 44.54 -6.01
C GLY K 64 19.00 46.01 -5.76
N SER K 65 18.16 46.61 -4.91
CA SER K 65 18.32 48.00 -4.50
C SER K 65 18.06 48.13 -3.02
N GLY K 66 18.21 49.34 -2.50
CA GLY K 66 17.98 49.60 -1.10
C GLY K 66 19.02 50.48 -0.42
N SER K 67 18.56 51.30 0.51
CA SER K 67 19.44 52.27 1.17
C SER K 67 19.30 52.26 2.69
N GLY K 68 20.30 51.68 3.33
CA GLY K 68 20.44 51.76 4.77
C GLY K 68 19.42 51.00 5.58
N THR K 69 18.15 51.34 5.43
CA THR K 69 17.12 50.78 6.30
C THR K 69 16.15 49.93 5.51
N ASP K 70 15.88 50.31 4.26
CA ASP K 70 14.93 49.55 3.43
C ASP K 70 15.47 49.09 2.11
N PHE K 71 15.17 47.84 1.77
CA PHE K 71 15.75 47.23 0.59
C PHE K 71 14.70 46.57 -0.28
N THR K 72 15.03 46.33 -1.54
CA THR K 72 14.04 45.84 -2.49
C THR K 72 14.67 44.93 -3.53
N LEU K 73 13.96 43.85 -3.83
CA LEU K 73 14.33 42.86 -4.83
C LEU K 73 13.32 42.96 -5.94
N THR K 74 13.81 43.10 -7.18
CA THR K 74 12.92 43.17 -8.35
C THR K 74 13.29 42.22 -9.47
N ILE K 75 12.27 41.58 -10.02
CA ILE K 75 12.45 40.77 -11.20
C ILE K 75 11.69 41.40 -12.37
N SER K 76 12.37 41.63 -13.49
CA SER K 76 11.75 42.27 -14.66
C SER K 76 10.81 41.33 -15.41
N SER K 77 11.35 40.22 -15.90
CA SER K 77 10.56 39.33 -16.75
C SER K 77 10.39 37.96 -16.10
N LEU K 78 9.46 37.89 -15.16
CA LEU K 78 9.20 36.70 -14.36
C LEU K 78 9.02 35.41 -15.15
N GLN K 79 10.00 34.52 -15.10
CA GLN K 79 9.95 33.23 -15.81
C GLN K 79 9.14 32.27 -14.88
N PRO K 80 8.81 31.04 -15.35
CA PRO K 80 8.27 30.11 -14.38
C PRO K 80 9.33 29.54 -13.44
N GLU K 81 10.62 29.43 -13.84
CA GLU K 81 11.65 28.85 -12.96
C GLU K 81 12.11 29.88 -11.94
N ASP K 82 11.39 30.99 -11.96
CA ASP K 82 11.65 32.11 -11.12
C ASP K 82 10.69 31.96 -9.95
N PHE K 83 10.51 30.73 -9.49
CA PHE K 83 9.49 30.51 -8.48
C PHE K 83 10.18 29.92 -7.31
N ALA K 84 10.00 30.59 -6.18
CA ALA K 84 10.45 30.02 -4.93
C ALA K 84 9.98 30.89 -3.80
N THR K 85 10.77 30.88 -2.74
CA THR K 85 10.54 31.75 -1.60
C THR K 85 11.81 32.57 -1.60
N TYR K 86 11.69 33.89 -1.56
CA TYR K 86 12.86 34.73 -1.66
C TYR K 86 13.21 35.34 -0.31
N TYR K 87 14.35 34.99 0.24
CA TYR K 87 14.69 35.55 1.54
C TYR K 87 15.70 36.67 1.38
N CYS K 88 15.43 37.76 2.09
CA CYS K 88 16.39 38.82 2.30
C CYS K 88 17.25 38.42 3.53
N GLN K 89 18.34 39.12 3.77
CA GLN K 89 19.21 38.79 4.89
C GLN K 89 20.22 39.87 5.14
N GLU K 90 20.25 40.38 6.35
CA GLU K 90 21.25 41.36 6.69
C GLU K 90 22.62 40.69 6.78
N SER K 91 23.57 41.10 5.95
CA SER K 91 24.89 40.51 6.04
C SER K 91 25.77 41.42 6.87
N TYR K 92 25.15 42.41 7.50
CA TYR K 92 25.87 43.44 8.22
C TYR K 92 26.59 42.90 9.46
N SER K 93 25.82 42.31 10.38
CA SER K 93 26.41 41.77 11.60
C SER K 93 25.79 40.45 11.96
N THR K 94 26.56 39.60 12.67
CA THR K 94 26.06 38.32 13.19
C THR K 94 24.90 38.56 14.16
N PRO K 95 24.00 37.58 14.27
CA PRO K 95 23.97 36.25 13.63
C PRO K 95 23.29 36.21 12.24
N TRP K 96 23.39 37.31 11.48
CA TRP K 96 23.01 37.36 10.06
C TRP K 96 21.60 36.87 9.74
N THR K 97 20.61 37.48 10.38
CA THR K 97 19.21 37.04 10.32
C THR K 97 18.55 37.18 8.95
N PHE K 98 17.59 36.30 8.71
CA PHE K 98 16.84 36.26 7.45
C PHE K 98 15.43 36.80 7.71
N GLY K 99 14.86 37.49 6.74
CA GLY K 99 13.46 37.86 6.82
C GLY K 99 12.64 36.58 6.73
N GLN K 100 11.32 36.70 6.84
CA GLN K 100 10.38 35.57 6.78
C GLN K 100 10.41 34.85 5.45
N GLY K 101 10.54 35.62 4.38
CA GLY K 101 10.58 35.07 3.04
C GLY K 101 9.34 35.43 2.27
N THR K 102 9.38 35.27 0.95
CA THR K 102 8.21 35.63 0.14
C THR K 102 7.95 34.57 -0.92
N LYS K 103 6.74 34.02 -0.91
CA LYS K 103 6.41 32.91 -1.78
C LYS K 103 5.73 33.45 -3.02
N VAL K 104 6.11 32.93 -4.18
CA VAL K 104 5.58 33.40 -5.46
C VAL K 104 4.78 32.37 -6.27
N GLU K 105 3.51 32.65 -6.55
CA GLU K 105 2.75 31.69 -7.35
C GLU K 105 2.44 32.34 -8.67
N ILE K 106 2.97 31.70 -9.68
CA ILE K 106 2.78 32.16 -11.02
C ILE K 106 1.40 31.76 -11.54
N LYS K 107 0.74 32.78 -12.07
CA LYS K 107 -0.54 32.75 -12.75
C LYS K 107 -0.46 32.08 -14.09
N ARG K 108 -1.47 31.29 -14.45
CA ARG K 108 -1.45 30.73 -15.78
C ARG K 108 -2.86 30.45 -16.36
N THR K 109 -2.88 30.09 -17.63
CA THR K 109 -4.10 29.77 -18.35
C THR K 109 -4.71 28.54 -17.71
N VAL K 110 -5.78 28.73 -16.95
CA VAL K 110 -6.46 27.65 -16.20
C VAL K 110 -6.45 26.28 -16.89
N ALA K 111 -5.89 25.29 -16.20
CA ALA K 111 -5.77 23.93 -16.73
C ALA K 111 -6.73 22.97 -16.06
N ALA K 112 -7.08 21.91 -16.79
CA ALA K 112 -7.98 20.90 -16.26
C ALA K 112 -7.21 19.75 -15.65
N PRO K 113 -7.72 19.20 -14.53
CA PRO K 113 -7.01 18.07 -13.93
C PRO K 113 -7.18 16.79 -14.74
N SER K 114 -6.07 16.24 -15.26
CA SER K 114 -6.16 14.93 -15.88
C SER K 114 -6.27 13.92 -14.75
N VAL K 115 -7.51 13.52 -14.44
CA VAL K 115 -7.77 12.66 -13.28
C VAL K 115 -7.44 11.19 -13.59
N PHE K 116 -7.03 10.45 -12.57
CA PHE K 116 -6.82 9.01 -12.69
C PHE K 116 -7.23 8.38 -11.37
N ILE K 117 -7.58 7.09 -11.39
CA ILE K 117 -7.86 6.36 -10.16
C ILE K 117 -7.09 5.05 -10.16
N PHE K 118 -6.70 4.58 -8.97
CA PHE K 118 -5.89 3.37 -8.83
C PHE K 118 -6.48 2.31 -7.89
N PRO K 119 -6.65 1.10 -8.44
CA PRO K 119 -7.07 -0.06 -7.64
C PRO K 119 -5.97 -0.46 -6.66
N PRO K 120 -6.33 -0.67 -5.38
CA PRO K 120 -5.31 -1.09 -4.41
C PRO K 120 -4.54 -2.30 -4.89
N SER K 121 -3.23 -2.26 -4.73
CA SER K 121 -2.34 -3.33 -5.12
C SER K 121 -2.61 -4.66 -4.37
N ASP K 122 -2.51 -5.78 -5.08
CA ASP K 122 -2.78 -7.07 -4.43
C ASP K 122 -1.85 -7.31 -3.26
N GLU K 123 -0.61 -6.90 -3.43
CA GLU K 123 0.38 -7.01 -2.37
C GLU K 123 -0.10 -6.31 -1.12
N GLN K 124 -0.70 -5.13 -1.28
CA GLN K 124 -1.15 -4.37 -0.12
C GLN K 124 -2.34 -5.03 0.55
N LEU K 125 -3.18 -5.68 -0.26
CA LEU K 125 -4.34 -6.42 0.23
C LEU K 125 -3.87 -7.54 1.16
N LYS K 126 -2.86 -8.29 0.70
CA LYS K 126 -2.18 -9.29 1.54
C LYS K 126 -2.00 -8.85 2.99
N SER K 127 -1.67 -7.58 3.23
CA SER K 127 -1.32 -7.13 4.59
C SER K 127 -2.48 -6.64 5.44
N GLY K 128 -3.69 -6.60 4.88
CA GLY K 128 -4.87 -6.36 5.69
C GLY K 128 -5.52 -4.99 5.63
N THR K 129 -4.85 -4.03 5.01
CA THR K 129 -5.46 -2.70 4.83
C THR K 129 -5.29 -2.31 3.37
N ALA K 130 -6.30 -1.64 2.84
CA ALA K 130 -6.32 -1.26 1.44
C ALA K 130 -6.52 0.25 1.25
N SER K 131 -5.65 0.83 0.42
CA SER K 131 -5.78 2.23 0.02
C SER K 131 -5.96 2.33 -1.51
N VAL K 132 -6.91 3.19 -1.89
CA VAL K 132 -7.20 3.58 -3.27
C VAL K 132 -6.77 5.01 -3.48
N VAL K 133 -5.87 5.27 -4.40
CA VAL K 133 -5.42 6.65 -4.60
C VAL K 133 -6.12 7.29 -5.81
N CYS K 134 -6.42 8.58 -5.70
CA CYS K 134 -6.88 9.33 -6.85
C CYS K 134 -5.84 10.37 -7.17
N LEU K 135 -5.59 10.58 -8.46
CA LEU K 135 -4.59 11.56 -8.90
C LEU K 135 -5.27 12.65 -9.73
N LEU K 136 -4.83 13.90 -9.51
CA LEU K 136 -5.27 15.05 -10.29
C LEU K 136 -4.02 15.64 -10.96
N ASN K 137 -3.68 15.14 -12.15
CA ASN K 137 -2.37 15.47 -12.72
C ASN K 137 -2.36 16.80 -13.48
N ASN K 138 -1.36 17.63 -13.19
CA ASN K 138 -1.12 18.93 -13.84
C ASN K 138 -2.33 19.83 -13.99
N PHE K 139 -2.76 20.48 -12.92
CA PHE K 139 -3.91 21.35 -13.07
C PHE K 139 -3.63 22.75 -12.54
N TYR K 140 -4.61 23.64 -12.71
CA TYR K 140 -4.55 25.02 -12.22
C TYR K 140 -5.96 25.62 -12.12
N PRO K 141 -6.22 26.44 -11.08
CA PRO K 141 -5.29 26.67 -9.98
C PRO K 141 -5.42 25.55 -8.95
N ARG K 142 -4.61 25.59 -7.89
CA ARG K 142 -4.57 24.53 -6.88
C ARG K 142 -5.96 24.18 -6.37
N GLU K 143 -6.76 25.22 -6.20
CA GLU K 143 -8.11 25.09 -5.67
C GLU K 143 -8.86 24.02 -6.43
N ALA K 144 -9.20 22.94 -5.74
CA ALA K 144 -9.94 21.83 -6.37
C ALA K 144 -10.65 21.03 -5.31
N LYS K 145 -11.48 20.09 -5.76
CA LYS K 145 -12.36 19.41 -4.83
C LYS K 145 -12.52 17.95 -5.18
N VAL K 146 -12.05 17.08 -4.28
CA VAL K 146 -12.14 15.66 -4.54
C VAL K 146 -13.03 15.02 -3.51
N GLN K 147 -13.87 14.08 -3.98
CA GLN K 147 -14.85 13.40 -3.14
C GLN K 147 -14.95 11.91 -3.47
N TRP K 148 -14.88 11.08 -2.44
CA TRP K 148 -14.94 9.63 -2.61
C TRP K 148 -16.34 9.05 -2.40
N LYS K 149 -16.78 8.25 -3.36
CA LYS K 149 -18.05 7.54 -3.27
C LYS K 149 -17.82 6.03 -3.34
N VAL K 150 -18.32 5.35 -2.31
CA VAL K 150 -18.26 3.90 -2.24
C VAL K 150 -19.69 3.39 -2.26
N ASP K 151 -20.09 2.86 -3.41
CA ASP K 151 -21.50 2.68 -3.72
C ASP K 151 -22.28 3.95 -3.37
N ASN K 152 -21.80 5.08 -3.88
CA ASN K 152 -22.42 6.39 -3.68
C ASN K 152 -22.66 6.73 -2.21
N ALA K 153 -21.84 6.15 -1.34
CA ALA K 153 -21.80 6.58 0.03
C ALA K 153 -20.68 7.58 0.14
N LEU K 154 -21.00 8.82 0.52
CA LEU K 154 -19.98 9.84 0.64
C LEU K 154 -19.09 9.51 1.84
N GLN K 155 -17.78 9.43 1.60
CA GLN K 155 -16.81 9.07 2.64
C GLN K 155 -16.24 10.30 3.34
N SER K 156 -15.87 10.14 4.59
CA SER K 156 -15.40 11.25 5.41
C SER K 156 -14.58 10.74 6.58
N GLY K 157 -13.42 11.35 6.84
CA GLY K 157 -12.62 10.96 7.97
C GLY K 157 -11.62 9.88 7.60
N ASN K 158 -11.64 9.48 6.34
CA ASN K 158 -10.75 8.41 5.87
C ASN K 158 -10.02 8.83 4.58
N SER K 159 -10.30 10.05 4.14
CA SER K 159 -9.64 10.60 2.97
C SER K 159 -8.40 11.42 3.37
N GLN K 160 -7.30 11.24 2.63
CA GLN K 160 -6.07 11.97 2.90
C GLN K 160 -5.37 12.40 1.61
N GLU K 161 -5.28 13.72 1.42
CA GLU K 161 -4.78 14.23 0.16
C GLU K 161 -3.63 15.18 0.33
N SER K 162 -2.74 15.22 -0.65
CA SER K 162 -1.64 16.17 -0.63
C SER K 162 -1.30 16.69 -2.04
N VAL K 163 -1.02 17.99 -2.13
CA VAL K 163 -0.70 18.67 -3.41
C VAL K 163 0.79 18.93 -3.52
N THR K 164 1.31 18.86 -4.73
CA THR K 164 2.71 19.18 -4.96
C THR K 164 2.93 20.68 -4.97
N GLU K 165 4.13 21.09 -5.39
CA GLU K 165 4.34 22.51 -5.54
C GLU K 165 4.09 22.87 -6.97
N GLN K 166 4.03 24.16 -7.22
CA GLN K 166 3.88 24.69 -8.54
C GLN K 166 5.05 24.18 -9.38
N ASP K 167 4.72 23.43 -10.44
CA ASP K 167 5.73 22.83 -11.29
C ASP K 167 6.64 23.92 -11.92
N SER K 168 7.94 23.64 -11.96
CA SER K 168 8.92 24.62 -12.41
C SER K 168 9.00 24.78 -13.93
N LYS K 169 8.14 24.10 -14.66
CA LYS K 169 8.12 24.27 -16.10
C LYS K 169 6.75 24.73 -16.61
N ASP K 170 5.64 24.26 -16.04
CA ASP K 170 4.35 24.70 -16.57
C ASP K 170 3.40 25.31 -15.52
N SER K 171 3.91 25.56 -14.32
CA SER K 171 3.14 26.24 -13.29
C SER K 171 1.79 25.62 -12.98
N THR K 172 1.73 24.29 -13.02
CA THR K 172 0.53 23.59 -12.60
C THR K 172 0.74 22.76 -11.31
N TYR K 173 -0.33 22.68 -10.53
CA TYR K 173 -0.33 21.89 -9.32
C TYR K 173 -0.78 20.49 -9.69
N SER K 174 -0.42 19.52 -8.86
CA SER K 174 -0.81 18.13 -9.03
C SER K 174 -1.30 17.64 -7.69
N LEU K 175 -2.39 16.87 -7.65
CA LEU K 175 -2.92 16.42 -6.35
C LEU K 175 -3.07 14.91 -6.22
N SER K 176 -2.77 14.38 -5.03
CA SER K 176 -3.07 12.99 -4.75
C SER K 176 -4.10 12.97 -3.64
N SER K 177 -4.98 11.98 -3.68
CA SER K 177 -5.99 11.77 -2.64
C SER K 177 -6.09 10.29 -2.35
N THR K 178 -5.34 9.85 -1.34
CA THR K 178 -5.34 8.47 -0.87
C THR K 178 -6.55 8.22 0.03
N LEU K 179 -7.29 7.16 -0.26
CA LEU K 179 -8.42 6.71 0.55
C LEU K 179 -8.09 5.37 1.20
N THR K 180 -8.00 5.36 2.53
CA THR K 180 -7.59 4.16 3.23
C THR K 180 -8.70 3.57 4.08
N LEU K 181 -8.90 2.27 3.92
CA LEU K 181 -9.78 1.51 4.79
C LEU K 181 -9.27 0.09 4.95
N SER K 182 -9.81 -0.63 5.93
CA SER K 182 -9.42 -2.02 6.17
C SER K 182 -9.80 -2.88 4.97
N LYS K 183 -9.27 -4.10 4.91
CA LYS K 183 -9.56 -5.01 3.80
C LYS K 183 -11.02 -5.48 3.79
N ALA K 184 -11.57 -5.66 4.98
CA ALA K 184 -12.94 -6.13 5.16
C ALA K 184 -13.92 -5.18 4.50
N ASP K 185 -13.79 -3.90 4.84
CA ASP K 185 -14.64 -2.88 4.28
C ASP K 185 -14.47 -2.80 2.77
N TYR K 186 -13.24 -2.96 2.32
CA TYR K 186 -12.93 -2.86 0.88
C TYR K 186 -13.70 -3.92 0.08
N GLU K 187 -13.67 -5.19 0.52
CA GLU K 187 -14.34 -6.26 -0.23
C GLU K 187 -15.86 -6.28 0.00
N LYS K 188 -16.30 -5.62 1.06
CA LYS K 188 -17.74 -5.56 1.37
C LYS K 188 -18.51 -4.71 0.33
N HIS K 189 -17.82 -3.84 -0.40
CA HIS K 189 -18.48 -2.97 -1.41
C HIS K 189 -17.92 -3.23 -2.82
N LYS K 190 -18.50 -2.58 -3.83
CA LYS K 190 -18.06 -2.83 -5.21
C LYS K 190 -17.60 -1.57 -5.96
N VAL K 191 -18.48 -0.60 -6.13
CA VAL K 191 -18.15 0.60 -6.94
C VAL K 191 -17.34 1.66 -6.17
N TYR K 192 -16.11 1.91 -6.64
CA TYR K 192 -15.28 2.95 -6.04
C TYR K 192 -15.04 4.08 -7.02
N ALA K 193 -15.41 5.29 -6.59
CA ALA K 193 -15.31 6.43 -7.48
C ALA K 193 -14.74 7.69 -6.82
N CYS K 194 -13.97 8.41 -7.61
CA CYS K 194 -13.31 9.63 -7.20
C CYS K 194 -13.93 10.76 -8.03
N GLU K 195 -14.47 11.77 -7.35
CA GLU K 195 -15.26 12.81 -7.99
C GLU K 195 -14.59 14.18 -7.87
N VAL K 196 -14.19 14.73 -9.00
CA VAL K 196 -13.35 15.92 -9.01
C VAL K 196 -14.09 17.16 -9.55
N THR K 197 -14.05 18.29 -8.82
CA THR K 197 -14.65 19.56 -9.31
C THR K 197 -13.68 20.75 -9.24
N HIS K 198 -13.56 21.39 -10.40
CA HIS K 198 -12.57 22.41 -10.78
C HIS K 198 -13.13 23.22 -11.95
N GLN K 199 -12.67 24.45 -12.20
CA GLN K 199 -13.15 25.17 -13.38
C GLN K 199 -12.71 24.54 -14.69
N GLY K 200 -11.46 24.09 -14.72
CA GLY K 200 -10.88 23.47 -15.90
C GLY K 200 -11.78 22.45 -16.55
N LEU K 201 -12.71 21.91 -15.77
CA LEU K 201 -13.72 21.04 -16.33
C LEU K 201 -15.07 21.73 -16.41
N SER K 202 -15.77 21.51 -17.53
CA SER K 202 -17.16 21.95 -17.71
C SER K 202 -18.05 21.54 -16.54
N SER K 203 -18.12 20.23 -16.29
CA SER K 203 -18.88 19.66 -15.19
C SER K 203 -17.99 18.74 -14.38
N PRO K 204 -18.22 18.68 -13.04
CA PRO K 204 -17.51 17.73 -12.19
C PRO K 204 -17.34 16.35 -12.81
N VAL K 205 -16.08 15.94 -12.98
CA VAL K 205 -15.74 14.64 -13.56
C VAL K 205 -15.73 13.59 -12.45
N THR K 206 -15.90 12.34 -12.83
CA THR K 206 -15.83 11.25 -11.89
C THR K 206 -15.07 10.12 -12.57
N LYS K 207 -14.36 9.34 -11.78
CA LYS K 207 -13.67 8.17 -12.29
C LYS K 207 -13.89 7.05 -11.34
N SER K 208 -13.89 5.85 -11.89
CA SER K 208 -14.30 4.73 -11.08
C SER K 208 -13.81 3.44 -11.62
N PHE K 209 -13.84 2.48 -10.70
CA PHE K 209 -13.64 1.10 -11.05
C PHE K 209 -14.50 0.37 -10.08
N ASN K 210 -14.57 -0.94 -10.23
CA ASN K 210 -15.28 -1.74 -9.26
C ASN K 210 -14.72 -3.14 -9.26
N ARG K 211 -14.42 -3.63 -8.06
CA ARG K 211 -14.04 -5.01 -7.81
C ARG K 211 -13.58 -5.10 -6.35
N ASP L 1 -22.66 -22.57 -0.76
CA ASP L 1 -21.34 -22.83 -1.34
C ASP L 1 -20.31 -23.11 -0.23
N ILE L 2 -19.97 -24.38 -0.06
CA ILE L 2 -19.08 -24.87 1.01
C ILE L 2 -17.60 -24.73 0.72
N GLN L 3 -16.81 -24.43 1.74
CA GLN L 3 -15.35 -24.46 1.61
C GLN L 3 -14.70 -25.64 2.29
N MET L 4 -13.51 -25.96 1.79
CA MET L 4 -12.68 -26.99 2.39
C MET L 4 -11.27 -26.45 2.71
N THR L 5 -10.64 -27.01 3.73
CA THR L 5 -9.35 -26.50 4.16
C THR L 5 -8.47 -27.69 4.54
N GLN L 6 -7.48 -28.03 3.70
CA GLN L 6 -6.60 -29.17 4.01
C GLN L 6 -5.50 -28.76 5.00
N SER L 7 -5.21 -29.62 5.97
CA SER L 7 -4.35 -29.20 7.06
C SER L 7 -2.91 -28.93 6.62
N PRO L 8 -2.21 -29.90 5.99
CA PRO L 8 -0.84 -29.50 5.64
C PRO L 8 -0.69 -29.15 4.16
N SER L 9 -0.09 -27.99 3.87
CA SER L 9 0.20 -27.64 2.49
C SER L 9 0.89 -28.84 1.84
N SER L 10 1.92 -29.31 2.52
CA SER L 10 2.64 -30.47 2.10
C SER L 10 3.11 -31.21 3.33
N LEU L 11 3.86 -32.28 3.11
CA LEU L 11 4.51 -32.98 4.20
C LEU L 11 5.56 -33.93 3.66
N SER L 12 6.67 -34.04 4.39
CA SER L 12 7.73 -34.97 4.03
C SER L 12 7.56 -36.25 4.86
N ALA L 13 7.76 -37.40 4.21
CA ALA L 13 7.70 -38.71 4.88
C ALA L 13 8.56 -39.73 4.13
N SER L 14 8.96 -40.81 4.78
CA SER L 14 9.67 -41.89 4.08
C SER L 14 8.82 -43.15 4.13
N VAL L 15 9.18 -44.12 3.30
CA VAL L 15 8.40 -45.31 3.10
C VAL L 15 8.07 -45.99 4.44
N GLY L 16 6.84 -46.43 4.59
CA GLY L 16 6.43 -47.16 5.77
C GLY L 16 5.76 -46.30 6.82
N ASP L 17 5.97 -44.98 6.73
CA ASP L 17 5.39 -44.07 7.70
C ASP L 17 3.84 -44.10 7.81
N ARG L 18 3.33 -43.66 8.95
CA ARG L 18 1.90 -43.47 9.09
C ARG L 18 1.63 -42.06 8.72
N VAL L 19 1.00 -41.86 7.57
CA VAL L 19 0.72 -40.52 7.05
C VAL L 19 -0.76 -40.08 7.27
N THR L 20 -0.97 -38.94 7.91
CA THR L 20 -2.34 -38.50 8.19
C THR L 20 -2.64 -37.06 7.78
N ILE L 21 -3.68 -36.89 6.97
CA ILE L 21 -4.04 -35.58 6.46
C ILE L 21 -5.44 -35.21 6.90
N THR L 22 -5.62 -33.98 7.35
CA THR L 22 -6.93 -33.53 7.83
C THR L 22 -7.52 -32.55 6.85
N CYS L 23 -8.85 -32.57 6.75
CA CYS L 23 -9.56 -31.63 5.91
C CYS L 23 -10.82 -31.16 6.61
N ARG L 24 -10.99 -29.85 6.69
CA ARG L 24 -12.12 -29.27 7.43
C ARG L 24 -13.16 -28.66 6.52
N ALA L 25 -14.42 -28.98 6.80
CA ALA L 25 -15.56 -28.43 6.08
C ALA L 25 -15.99 -27.10 6.71
N SER L 26 -16.46 -26.16 5.88
CA SER L 26 -16.92 -24.88 6.38
C SER L 26 -18.31 -24.97 7.02
N GLN L 27 -19.00 -26.08 6.78
CA GLN L 27 -20.26 -26.41 7.45
C GLN L 27 -20.36 -27.91 7.57
N ALA L 28 -21.29 -28.40 8.38
CA ALA L 28 -21.50 -29.84 8.52
C ALA L 28 -21.93 -30.39 7.18
N VAL L 29 -21.47 -31.60 6.84
CA VAL L 29 -21.75 -32.18 5.53
C VAL L 29 -22.11 -33.64 5.55
N SER L 30 -22.90 -34.03 6.54
CA SER L 30 -23.26 -35.43 6.74
C SER L 30 -21.96 -36.23 6.83
N SER L 31 -21.64 -36.97 5.77
CA SER L 31 -20.37 -37.67 5.69
C SER L 31 -20.00 -37.82 4.23
N ALA L 32 -20.52 -36.92 3.41
CA ALA L 32 -20.26 -36.93 1.97
C ALA L 32 -18.96 -36.24 1.69
N VAL L 33 -17.87 -36.99 1.71
CA VAL L 33 -16.52 -36.47 1.48
C VAL L 33 -15.76 -37.51 0.66
N ALA L 34 -15.01 -37.08 -0.32
CA ALA L 34 -14.24 -38.02 -1.10
C ALA L 34 -12.79 -37.66 -0.96
N TRP L 35 -11.91 -38.61 -1.26
CA TRP L 35 -10.48 -38.33 -1.28
C TRP L 35 -9.88 -38.88 -2.59
N TYR L 36 -9.13 -38.03 -3.27
CA TYR L 36 -8.52 -38.37 -4.53
C TYR L 36 -7.01 -38.25 -4.39
N GLN L 37 -6.27 -39.17 -5.03
CA GLN L 37 -4.81 -39.02 -5.17
C GLN L 37 -4.48 -38.64 -6.62
N GLN L 38 -3.67 -37.60 -6.81
CA GLN L 38 -3.30 -37.19 -8.16
C GLN L 38 -1.80 -37.06 -8.31
N LYS L 39 -1.21 -37.75 -9.28
CA LYS L 39 0.23 -37.73 -9.45
C LYS L 39 0.70 -36.49 -10.32
N PRO L 40 1.86 -36.56 -11.00
CA PRO L 40 1.99 -35.34 -11.80
C PRO L 40 1.45 -35.48 -13.21
N GLY L 41 0.63 -34.52 -13.64
CA GLY L 41 0.16 -34.50 -15.01
C GLY L 41 -0.92 -35.51 -15.35
N LYS L 42 -0.93 -36.63 -14.64
CA LYS L 42 -1.94 -37.63 -14.91
C LYS L 42 -3.24 -37.27 -14.19
N ALA L 43 -4.30 -38.00 -14.56
CA ALA L 43 -5.65 -37.77 -14.04
C ALA L 43 -5.77 -38.15 -12.56
N PRO L 44 -6.65 -37.45 -11.80
CA PRO L 44 -6.86 -37.88 -10.41
C PRO L 44 -7.43 -39.30 -10.28
N LYS L 45 -7.42 -39.82 -9.06
CA LYS L 45 -7.90 -41.17 -8.83
C LYS L 45 -8.85 -41.15 -7.67
N LEU L 46 -9.90 -41.98 -7.69
CA LEU L 46 -10.81 -41.97 -6.55
C LEU L 46 -10.29 -42.94 -5.48
N LEU L 47 -10.12 -42.43 -4.27
CA LEU L 47 -9.67 -43.24 -3.16
C LEU L 47 -10.80 -43.52 -2.19
N ILE L 48 -11.53 -42.50 -1.74
CA ILE L 48 -12.59 -42.76 -0.74
C ILE L 48 -13.90 -42.02 -1.02
N TYR L 49 -15.05 -42.69 -0.88
CA TYR L 49 -16.35 -41.99 -0.96
C TYR L 49 -17.10 -42.20 0.34
N SER L 50 -18.18 -41.46 0.51
CA SER L 50 -18.99 -41.47 1.73
C SER L 50 -18.12 -41.41 2.99
N ALA L 51 -17.03 -40.66 2.89
CA ALA L 51 -16.07 -40.36 3.96
C ALA L 51 -15.13 -41.49 4.37
N SER L 52 -15.58 -42.75 4.25
CA SER L 52 -14.82 -43.86 4.83
C SER L 52 -14.75 -45.12 3.98
N HIS L 53 -15.59 -45.20 2.95
CA HIS L 53 -15.60 -46.38 2.08
C HIS L 53 -14.47 -46.31 1.06
N ARG L 54 -13.67 -47.37 0.98
CA ARG L 54 -12.69 -47.39 -0.09
C ARG L 54 -13.42 -47.65 -1.40
N TYR L 55 -12.81 -47.19 -2.48
CA TYR L 55 -13.35 -47.38 -3.81
C TYR L 55 -12.68 -48.61 -4.37
N THR L 56 -13.25 -49.21 -5.41
CA THR L 56 -12.70 -50.40 -6.02
C THR L 56 -11.24 -50.25 -6.42
N GLY L 57 -10.40 -51.11 -5.86
CA GLY L 57 -8.99 -51.20 -6.23
C GLY L 57 -8.05 -50.34 -5.40
N VAL L 58 -8.62 -49.67 -4.42
CA VAL L 58 -7.83 -48.85 -3.52
C VAL L 58 -7.21 -49.71 -2.42
N PRO L 59 -5.87 -49.74 -2.35
CA PRO L 59 -5.15 -50.49 -1.32
C PRO L 59 -5.67 -50.25 0.12
N SER L 60 -5.61 -51.31 0.92
CA SER L 60 -6.07 -51.33 2.32
C SER L 60 -5.41 -50.29 3.18
N ARG L 61 -4.19 -49.95 2.79
CA ARG L 61 -3.36 -48.99 3.52
C ARG L 61 -3.98 -47.61 3.57
N PHE L 62 -4.89 -47.34 2.63
CA PHE L 62 -5.66 -46.09 2.59
C PHE L 62 -6.97 -46.18 3.38
N SER L 63 -7.26 -45.18 4.19
CA SER L 63 -8.42 -45.30 5.05
C SER L 63 -8.98 -43.96 5.42
N GLY L 64 -10.31 -43.85 5.40
CA GLY L 64 -10.93 -42.57 5.67
C GLY L 64 -11.76 -42.54 6.93
N SER L 65 -11.73 -41.41 7.63
CA SER L 65 -12.62 -41.18 8.77
C SER L 65 -13.09 -39.75 8.72
N GLY L 66 -13.89 -39.36 9.71
CA GLY L 66 -14.38 -38.00 9.77
C GLY L 66 -15.86 -37.92 10.13
N SER L 67 -16.20 -36.87 10.87
CA SER L 67 -17.58 -36.75 11.33
C SER L 67 -18.14 -35.34 11.15
N GLY L 68 -19.00 -35.18 10.15
CA GLY L 68 -19.75 -33.96 9.97
C GLY L 68 -18.94 -32.77 9.51
N THR L 69 -17.95 -32.39 10.30
CA THR L 69 -17.25 -31.13 10.09
C THR L 69 -15.75 -31.25 9.74
N ASP L 70 -15.04 -32.22 10.32
CA ASP L 70 -13.63 -32.46 9.96
C ASP L 70 -13.39 -33.92 9.68
N PHE L 71 -12.54 -34.12 8.69
CA PHE L 71 -12.34 -35.44 8.12
C PHE L 71 -10.88 -35.73 8.06
N THR L 72 -10.54 -37.00 7.82
CA THR L 72 -9.16 -37.40 7.84
C THR L 72 -8.86 -38.55 6.88
N LEU L 73 -7.73 -38.47 6.17
CA LEU L 73 -7.25 -39.53 5.28
C LEU L 73 -5.96 -40.05 5.86
N THR L 74 -5.89 -41.36 6.11
CA THR L 74 -4.71 -42.00 6.71
C THR L 74 -4.14 -43.18 5.91
N ILE L 75 -2.83 -43.16 5.74
CA ILE L 75 -2.14 -44.28 5.15
C ILE L 75 -1.27 -44.96 6.23
N SER L 76 -1.40 -46.28 6.36
CA SER L 76 -0.62 -47.04 7.36
C SER L 76 0.84 -47.28 6.93
N SER L 77 1.04 -47.92 5.77
CA SER L 77 2.39 -48.25 5.33
C SER L 77 2.73 -47.59 3.99
N LEU L 78 3.03 -46.29 4.06
CA LEU L 78 3.26 -45.43 2.88
C LEU L 78 4.20 -46.02 1.86
N GLN L 79 3.67 -46.47 0.75
CA GLN L 79 4.50 -47.12 -0.24
C GLN L 79 5.24 -46.11 -1.13
N PRO L 80 6.18 -46.59 -1.98
CA PRO L 80 6.78 -45.69 -2.96
C PRO L 80 5.82 -45.24 -4.06
N GLU L 81 4.77 -45.98 -4.37
CA GLU L 81 3.83 -45.45 -5.33
C GLU L 81 2.83 -44.53 -4.64
N ASP L 82 3.07 -44.20 -3.38
CA ASP L 82 2.00 -43.50 -2.71
C ASP L 82 2.22 -42.00 -2.72
N PHE L 83 2.85 -41.41 -3.73
CA PHE L 83 3.08 -39.95 -3.62
C PHE L 83 2.37 -39.16 -4.64
N ALA L 84 1.77 -38.09 -4.16
CA ALA L 84 0.92 -37.30 -5.00
C ALA L 84 0.53 -36.06 -4.31
N THR L 85 -0.62 -35.59 -4.74
CA THR L 85 -1.23 -34.48 -4.11
C THR L 85 -2.52 -35.15 -3.72
N TYR L 86 -2.93 -35.04 -2.48
CA TYR L 86 -4.15 -35.71 -2.08
C TYR L 86 -5.19 -34.61 -1.90
N TYR L 87 -6.26 -34.66 -2.69
CA TYR L 87 -7.32 -33.69 -2.52
C TYR L 87 -8.50 -34.37 -1.83
N CYS L 88 -9.05 -33.69 -0.83
CA CYS L 88 -10.34 -34.08 -0.34
C CYS L 88 -11.38 -33.24 -1.04
N GLN L 89 -12.65 -33.57 -0.85
CA GLN L 89 -13.74 -32.90 -1.56
C GLN L 89 -15.10 -33.16 -0.96
N GLU L 90 -15.84 -32.09 -0.67
CA GLU L 90 -17.19 -32.29 -0.21
C GLU L 90 -18.06 -32.69 -1.38
N SER L 91 -18.61 -33.91 -1.30
CA SER L 91 -19.52 -34.43 -2.33
C SER L 91 -20.97 -34.21 -1.86
N TYR L 92 -21.09 -33.45 -0.78
CA TYR L 92 -22.34 -33.17 -0.12
C TYR L 92 -23.23 -32.37 -1.03
N SER L 93 -22.77 -31.22 -1.48
CA SER L 93 -23.59 -30.37 -2.34
C SER L 93 -22.78 -29.71 -3.46
N THR L 94 -23.45 -29.40 -4.58
CA THR L 94 -22.79 -28.67 -5.64
C THR L 94 -22.37 -27.31 -5.09
N PRO L 95 -21.30 -26.73 -5.64
CA PRO L 95 -20.50 -27.25 -6.75
C PRO L 95 -19.35 -28.18 -6.35
N TRP L 96 -19.52 -28.90 -5.24
CA TRP L 96 -18.65 -30.00 -4.85
C TRP L 96 -17.18 -29.60 -4.81
N THR L 97 -16.89 -28.54 -4.06
CA THR L 97 -15.57 -27.92 -4.03
C THR L 97 -14.46 -28.81 -3.53
N PHE L 98 -13.25 -28.54 -4.01
CA PHE L 98 -12.09 -29.29 -3.56
C PHE L 98 -11.24 -28.48 -2.58
N GLY L 99 -10.65 -29.16 -1.61
CA GLY L 99 -9.64 -28.54 -0.80
C GLY L 99 -8.42 -28.32 -1.69
N GLN L 100 -7.46 -27.59 -1.14
CA GLN L 100 -6.26 -27.18 -1.84
C GLN L 100 -5.43 -28.37 -2.30
N GLY L 101 -5.33 -29.38 -1.45
CA GLY L 101 -4.54 -30.54 -1.76
C GLY L 101 -3.38 -30.66 -0.82
N THR L 102 -2.76 -31.83 -0.79
CA THR L 102 -1.66 -32.08 0.11
C THR L 102 -0.59 -32.86 -0.62
N LYS L 103 0.66 -32.39 -0.59
CA LYS L 103 1.76 -33.04 -1.31
C LYS L 103 2.57 -33.98 -0.40
N VAL L 104 2.97 -35.15 -0.90
CA VAL L 104 3.77 -36.07 -0.12
C VAL L 104 5.11 -36.23 -0.80
N GLU L 105 6.17 -35.88 -0.08
CA GLU L 105 7.48 -35.79 -0.69
C GLU L 105 8.44 -36.65 0.09
N ILE L 106 9.40 -37.30 -0.60
CA ILE L 106 10.36 -38.15 0.09
C ILE L 106 11.31 -37.31 0.95
N LYS L 107 11.39 -37.68 2.22
CA LYS L 107 12.24 -37.05 3.23
C LYS L 107 13.71 -37.36 2.97
N ARG L 108 14.59 -36.41 3.28
CA ARG L 108 16.00 -36.69 3.17
C ARG L 108 16.82 -35.82 4.13
N THR L 109 18.10 -36.18 4.24
CA THR L 109 19.05 -35.46 5.08
C THR L 109 19.29 -34.09 4.48
N VAL L 110 18.76 -33.07 5.16
CA VAL L 110 18.88 -31.66 4.78
C VAL L 110 20.12 -31.26 3.96
N ALA L 111 19.95 -30.92 2.70
CA ALA L 111 21.13 -30.53 1.91
C ALA L 111 21.16 -29.03 1.67
N ALA L 112 22.35 -28.51 1.48
CA ALA L 112 22.51 -27.09 1.25
C ALA L 112 22.50 -26.82 -0.24
N PRO L 113 21.91 -25.70 -0.63
CA PRO L 113 21.87 -25.36 -2.04
C PRO L 113 23.25 -24.93 -2.49
N SER L 114 23.81 -25.61 -3.48
CA SER L 114 25.02 -25.07 -4.08
C SER L 114 24.63 -23.91 -4.99
N VAL L 115 24.73 -22.68 -4.48
CA VAL L 115 24.23 -21.49 -5.17
C VAL L 115 25.22 -21.04 -6.25
N PHE L 116 24.74 -20.46 -7.35
CA PHE L 116 25.61 -19.90 -8.41
C PHE L 116 24.99 -18.63 -9.02
N ILE L 117 25.80 -17.71 -9.53
CA ILE L 117 25.23 -16.53 -10.19
C ILE L 117 25.80 -16.31 -11.58
N PHE L 118 24.98 -15.78 -12.45
CA PHE L 118 25.35 -15.68 -13.85
C PHE L 118 25.20 -14.27 -14.40
N PRO L 119 26.31 -13.72 -14.90
CA PRO L 119 26.26 -12.43 -15.59
C PRO L 119 25.52 -12.61 -16.89
N PRO L 120 24.61 -11.69 -17.19
CA PRO L 120 23.84 -11.70 -18.44
C PRO L 120 24.74 -11.81 -19.66
N SER L 121 24.42 -12.69 -20.61
CA SER L 121 25.23 -12.88 -21.83
C SER L 121 25.28 -11.62 -22.67
N ASP L 122 26.43 -11.39 -23.27
CA ASP L 122 26.66 -10.23 -24.10
C ASP L 122 25.67 -10.23 -25.29
N GLU L 123 25.39 -11.42 -25.83
CA GLU L 123 24.45 -11.56 -26.93
C GLU L 123 23.10 -10.98 -26.54
N GLN L 124 22.66 -11.29 -25.32
CA GLN L 124 21.37 -10.82 -24.83
C GLN L 124 21.37 -9.31 -24.63
N LEU L 125 22.53 -8.81 -24.23
CA LEU L 125 22.74 -7.38 -24.05
C LEU L 125 22.49 -6.65 -25.36
N LYS L 126 23.05 -7.17 -26.45
CA LYS L 126 22.75 -6.69 -27.81
C LYS L 126 21.28 -6.31 -28.07
N SER L 127 20.36 -7.12 -27.56
CA SER L 127 18.94 -7.02 -27.92
C SER L 127 18.12 -6.09 -27.03
N GLY L 128 18.73 -5.53 -25.99
CA GLY L 128 18.05 -4.48 -25.26
C GLY L 128 17.48 -4.79 -23.88
N THR L 129 17.47 -6.06 -23.49
CA THR L 129 17.01 -6.49 -22.16
C THR L 129 18.03 -7.47 -21.56
N ALA L 130 18.28 -7.35 -20.26
CA ALA L 130 19.29 -8.17 -19.59
C ALA L 130 18.69 -8.96 -18.43
N SER L 131 18.97 -10.27 -18.42
CA SER L 131 18.56 -11.15 -17.32
C SER L 131 19.74 -11.78 -16.61
N VAL L 132 19.74 -11.69 -15.28
CA VAL L 132 20.77 -12.31 -14.48
C VAL L 132 20.13 -13.43 -13.68
N VAL L 133 20.58 -14.66 -13.90
CA VAL L 133 20.01 -15.79 -13.20
C VAL L 133 20.84 -16.17 -11.99
N CYS L 134 20.16 -16.60 -10.94
CA CYS L 134 20.74 -17.19 -9.77
C CYS L 134 20.29 -18.63 -9.80
N LEU L 135 21.14 -19.57 -9.41
CA LEU L 135 20.79 -21.00 -9.36
C LEU L 135 20.97 -21.53 -7.92
N LEU L 136 20.06 -22.39 -7.48
CA LEU L 136 20.24 -23.05 -6.18
C LEU L 136 20.26 -24.54 -6.39
N ASN L 137 21.42 -25.13 -6.64
CA ASN L 137 21.46 -26.51 -7.08
C ASN L 137 21.33 -27.58 -5.97
N ASN L 138 20.49 -28.58 -6.25
CA ASN L 138 20.34 -29.77 -5.41
C ASN L 138 20.27 -29.52 -3.92
N PHE L 139 19.12 -29.07 -3.44
CA PHE L 139 18.97 -28.81 -2.01
C PHE L 139 17.78 -29.47 -1.40
N TYR L 140 17.66 -29.32 -0.08
CA TYR L 140 16.51 -29.87 0.62
C TYR L 140 16.29 -29.27 1.99
N PRO L 141 15.04 -29.00 2.37
CA PRO L 141 13.81 -29.14 1.58
C PRO L 141 13.56 -27.94 0.64
N ARG L 142 12.52 -28.03 -0.20
CA ARG L 142 12.25 -27.00 -1.21
C ARG L 142 12.26 -25.61 -0.59
N GLU L 143 11.71 -25.51 0.61
CA GLU L 143 11.61 -24.25 1.34
C GLU L 143 12.95 -23.51 1.36
N ALA L 144 12.99 -22.38 0.66
CA ALA L 144 14.21 -21.55 0.52
C ALA L 144 13.86 -20.10 0.18
N LYS L 145 14.83 -19.20 0.25
CA LYS L 145 14.49 -17.80 0.11
C LYS L 145 15.54 -17.02 -0.64
N VAL L 146 15.20 -16.57 -1.84
CA VAL L 146 16.15 -15.85 -2.66
C VAL L 146 15.78 -14.40 -2.82
N GLN L 147 16.78 -13.53 -2.71
CA GLN L 147 16.55 -12.10 -2.79
C GLN L 147 17.62 -11.41 -3.62
N TRP L 148 17.23 -10.55 -4.54
CA TRP L 148 18.22 -9.86 -5.34
C TRP L 148 18.53 -8.47 -4.74
N LYS L 149 19.82 -8.17 -4.64
CA LYS L 149 20.25 -6.83 -4.25
C LYS L 149 21.09 -6.24 -5.39
N VAL L 150 20.74 -5.03 -5.81
CA VAL L 150 21.50 -4.28 -6.82
C VAL L 150 22.04 -3.00 -6.18
N ASP L 151 23.34 -2.95 -5.96
CA ASP L 151 23.95 -1.96 -5.06
C ASP L 151 23.12 -1.87 -3.76
N ASN L 152 22.80 -3.05 -3.22
CA ASN L 152 22.04 -3.22 -1.99
C ASN L 152 20.70 -2.52 -1.95
N ALA L 153 20.14 -2.37 -3.14
CA ALA L 153 18.74 -2.03 -3.33
C ALA L 153 17.97 -3.33 -3.56
N LEU L 154 16.99 -3.61 -2.69
CA LEU L 154 16.19 -4.84 -2.77
C LEU L 154 15.28 -4.86 -3.99
N GLN L 155 15.39 -5.88 -4.83
CA GLN L 155 14.59 -5.90 -6.03
C GLN L 155 13.24 -6.57 -5.78
N SER L 156 12.21 -6.08 -6.46
CA SER L 156 10.84 -6.53 -6.25
C SER L 156 9.95 -6.21 -7.46
N GLY L 157 9.27 -7.25 -7.92
CA GLY L 157 8.37 -7.13 -9.05
C GLY L 157 9.05 -7.48 -10.35
N ASN L 158 10.35 -7.78 -10.28
CA ASN L 158 11.13 -8.10 -11.48
C ASN L 158 11.92 -9.41 -11.34
N SER L 159 11.78 -10.06 -10.18
CA SER L 159 12.38 -11.35 -9.89
C SER L 159 11.38 -12.44 -10.26
N GLN L 160 11.86 -13.50 -10.88
CA GLN L 160 10.98 -14.58 -11.28
C GLN L 160 11.67 -15.94 -11.12
N GLU L 161 11.11 -16.81 -10.29
CA GLU L 161 11.79 -18.06 -9.97
C GLU L 161 10.99 -19.32 -10.26
N SER L 162 11.67 -20.43 -10.57
CA SER L 162 10.97 -21.71 -10.73
C SER L 162 11.80 -22.90 -10.16
N VAL L 163 11.11 -23.86 -9.55
CA VAL L 163 11.78 -25.03 -8.94
C VAL L 163 11.54 -26.28 -9.78
N THR L 164 12.52 -27.18 -9.80
CA THR L 164 12.32 -28.46 -10.44
C THR L 164 11.53 -29.32 -9.53
N GLU L 165 11.42 -30.57 -9.92
CA GLU L 165 10.78 -31.56 -9.09
C GLU L 165 11.84 -32.23 -8.30
N GLN L 166 11.42 -32.93 -7.28
CA GLN L 166 12.34 -33.66 -6.45
C GLN L 166 13.05 -34.75 -7.30
N ASP L 167 14.37 -34.67 -7.30
CA ASP L 167 15.22 -35.47 -8.17
C ASP L 167 15.02 -36.97 -7.90
N SER L 168 14.99 -37.74 -8.98
CA SER L 168 14.70 -39.16 -8.93
C SER L 168 15.88 -40.02 -8.49
N LYS L 169 16.97 -39.37 -8.07
CA LYS L 169 18.09 -40.10 -7.50
C LYS L 169 18.49 -39.59 -6.11
N ASP L 170 18.43 -38.28 -5.83
CA ASP L 170 18.83 -37.82 -4.49
C ASP L 170 17.78 -36.99 -3.72
N SER L 171 16.58 -36.92 -4.28
CA SER L 171 15.43 -36.27 -3.63
C SER L 171 15.66 -34.83 -3.21
N THR L 172 16.42 -34.09 -4.03
CA THR L 172 16.64 -32.68 -3.78
C THR L 172 16.03 -31.81 -4.85
N TYR L 173 15.56 -30.65 -4.41
CA TYR L 173 14.99 -29.67 -5.31
C TYR L 173 16.12 -28.78 -5.84
N SER L 174 15.88 -28.18 -7.00
CA SER L 174 16.78 -27.19 -7.57
C SER L 174 15.94 -26.01 -8.02
N LEU L 175 16.38 -24.82 -7.70
CA LEU L 175 15.63 -23.62 -8.00
C LEU L 175 16.44 -22.70 -8.92
N SER L 176 15.76 -22.04 -9.83
CA SER L 176 16.39 -20.97 -10.61
C SER L 176 15.68 -19.70 -10.23
N SER L 177 16.38 -18.58 -10.26
CA SER L 177 15.77 -17.28 -10.02
C SER L 177 16.30 -16.27 -11.03
N THR L 178 15.57 -16.05 -12.12
CA THR L 178 15.96 -15.04 -13.10
C THR L 178 15.54 -13.64 -12.66
N LEU L 179 16.46 -12.67 -12.78
CA LEU L 179 16.19 -11.25 -12.53
C LEU L 179 16.27 -10.50 -13.83
N THR L 180 15.17 -9.91 -14.27
CA THR L 180 15.15 -9.24 -15.56
C THR L 180 14.99 -7.72 -15.43
N LEU L 181 15.84 -6.97 -16.14
CA LEU L 181 15.64 -5.53 -16.32
C LEU L 181 16.17 -5.07 -17.65
N SER L 182 15.78 -3.86 -18.02
CA SER L 182 16.21 -3.27 -19.27
C SER L 182 17.71 -3.08 -19.20
N LYS L 183 18.33 -2.89 -20.36
CA LYS L 183 19.78 -2.78 -20.47
C LYS L 183 20.26 -1.53 -19.78
N ALA L 184 19.43 -0.49 -19.86
CA ALA L 184 19.73 0.79 -19.26
C ALA L 184 19.94 0.72 -17.75
N ASP L 185 18.96 0.12 -17.09
CA ASP L 185 19.01 -0.07 -15.65
C ASP L 185 20.21 -0.92 -15.31
N TYR L 186 20.50 -1.90 -16.16
CA TYR L 186 21.60 -2.83 -15.91
C TYR L 186 22.92 -2.09 -15.85
N GLU L 187 23.20 -1.26 -16.86
CA GLU L 187 24.50 -0.60 -16.91
C GLU L 187 24.59 0.58 -15.97
N LYS L 188 23.44 1.07 -15.52
CA LYS L 188 23.45 2.21 -14.57
C LYS L 188 24.00 1.80 -13.18
N HIS L 189 24.03 0.51 -12.87
CA HIS L 189 24.53 0.04 -11.57
C HIS L 189 25.75 -0.86 -11.69
N LYS L 190 26.31 -1.26 -10.54
CA LYS L 190 27.54 -2.05 -10.56
C LYS L 190 27.45 -3.41 -9.89
N VAL L 191 27.15 -3.42 -8.60
CA VAL L 191 27.10 -4.64 -7.80
C VAL L 191 25.79 -5.45 -7.89
N TYR L 192 25.87 -6.67 -8.42
CA TYR L 192 24.70 -7.52 -8.48
C TYR L 192 24.88 -8.73 -7.61
N ALA L 193 23.93 -8.92 -6.71
CA ALA L 193 24.04 -10.00 -5.73
C ALA L 193 22.73 -10.79 -5.55
N CYS L 194 22.89 -12.08 -5.34
CA CYS L 194 21.81 -13.02 -5.11
C CYS L 194 21.95 -13.62 -3.71
N GLU L 195 20.92 -13.45 -2.89
CA GLU L 195 21.01 -13.73 -1.47
C GLU L 195 20.11 -14.88 -1.03
N VAL L 196 20.72 -15.95 -0.56
CA VAL L 196 20.04 -17.22 -0.32
C VAL L 196 19.88 -17.50 1.16
N THR L 197 18.70 -17.99 1.53
CA THR L 197 18.38 -18.32 2.91
C THR L 197 17.89 -19.76 2.98
N HIS L 198 18.49 -20.59 3.83
CA HIS L 198 18.13 -22.02 3.90
C HIS L 198 18.67 -22.64 5.22
N GLN L 199 18.14 -23.79 5.68
CA GLN L 199 18.72 -24.52 6.82
C GLN L 199 20.08 -25.00 6.47
N GLY L 200 20.15 -25.57 5.26
CA GLY L 200 21.36 -26.13 4.70
C GLY L 200 22.58 -25.25 4.88
N LEU L 201 22.36 -23.96 5.05
CA LEU L 201 23.43 -23.06 5.43
C LEU L 201 23.33 -22.49 6.85
N SER L 202 24.51 -22.41 7.48
CA SER L 202 24.74 -21.76 8.75
C SER L 202 24.13 -20.39 8.83
N SER L 203 24.61 -19.52 7.94
CA SER L 203 24.05 -18.19 7.77
C SER L 203 23.80 -17.95 6.29
N PRO L 204 22.73 -17.20 5.98
CA PRO L 204 22.41 -16.83 4.61
C PRO L 204 23.62 -16.57 3.74
N VAL L 205 23.75 -17.30 2.64
CA VAL L 205 24.88 -17.10 1.74
C VAL L 205 24.51 -15.97 0.82
N THR L 206 25.50 -15.40 0.17
CA THR L 206 25.26 -14.37 -0.83
C THR L 206 26.21 -14.67 -1.97
N LYS L 207 25.86 -14.30 -3.18
CA LYS L 207 26.80 -14.44 -4.28
C LYS L 207 26.72 -13.26 -5.19
N SER L 208 27.82 -12.90 -5.82
CA SER L 208 27.77 -11.65 -6.55
C SER L 208 28.78 -11.56 -7.66
N PHE L 209 28.53 -10.58 -8.48
CA PHE L 209 29.49 -10.15 -9.44
C PHE L 209 29.23 -8.66 -9.59
N ASN L 210 30.04 -8.00 -10.39
CA ASN L 210 29.81 -6.60 -10.71
C ASN L 210 30.44 -6.30 -12.06
N ARG L 211 29.67 -5.64 -12.93
CA ARG L 211 30.10 -5.15 -14.24
C ARG L 211 28.83 -4.68 -14.96
#